data_3RV9
#
_entry.id   3RV9
#
_cell.length_a   87.266
_cell.length_b   115.475
_cell.length_c   95.468
_cell.angle_alpha   90.00
_cell.angle_beta   91.26
_cell.angle_gamma   90.00
#
_symmetry.space_group_name_H-M   'P 1 21 1'
#
loop_
_entity.id
_entity.type
_entity.pdbx_description
1 polymer 'Isochorismate synthase/isochorismate-pyruvate lyase mbtI'
2 non-polymer '3-{[(1Z)-1-carboxybut-1-en-1-yl]oxy}-2-hydroxybenzoic acid'
3 water water
#
_entity_poly.entity_id   1
_entity_poly.type   'polypeptide(L)'
_entity_poly.pdbx_seq_one_letter_code
;VSELSVATGAVSTASSSIPMPAGVNPADLAAELAAVVTESVDEDYLLYECDGQWVLAAGVQAMVELDSDELRVIRDGVTR
RQQWSGRPGAALGEAVDRLLLETDQAFGWVAFEFGVHRYGLQQRLAPHTPLARVFSPRTRIMVSEKEIRLFDAGIRHREA
IDRLLATGVREVPQSRSVDVSDDPSGFRRRVAVAVDEIAAGRYHKVILSRCVEVPFAIDFPLTYRLGRRHNTPVRSFLLQ
LGGIRALGYSPELVTAVRADGVVITEPLAGTRALGRGPAIDRLARDDLESNSKEIVEHAISVRSSLEEITDIAEPGSAAV
IDFMTVRERGSVQHLGSTIRARLDPSSDRMAALEALFPAVTASGIPKAAGVEAIFRLDECPRGLYSGAVVMLSADGGLDA
ALTLRAAYQVGGRTWLRAGAGIIEESEPEREFEETCEKLSTLTPYLVARQ
;
_entity_poly.pdbx_strand_id   A,B,C,D
#
loop_
_chem_comp.id
_chem_comp.type
_chem_comp.name
_chem_comp.formula
RVD non-polymer '3-{[(1Z)-1-carboxybut-1-en-1-yl]oxy}-2-hydroxybenzoic acid' 'C12 H12 O6'
#
# COMPACT_ATOMS: atom_id res chain seq x y z
N SER A 15 -37.17 24.79 -26.06
CA SER A 15 -35.88 24.17 -25.75
C SER A 15 -34.70 24.96 -26.34
N SER A 16 -33.92 25.67 -25.49
CA SER A 16 -32.74 26.43 -25.92
C SER A 16 -31.47 25.57 -25.88
N SER A 17 -30.51 25.83 -26.79
CA SER A 17 -29.26 25.10 -26.87
C SER A 17 -28.05 25.97 -26.64
N ILE A 18 -26.97 25.37 -26.12
CA ILE A 18 -25.68 26.00 -25.84
C ILE A 18 -24.63 25.10 -26.52
N PRO A 19 -23.72 25.64 -27.35
CA PRO A 19 -22.70 24.77 -27.96
C PRO A 19 -21.76 24.23 -26.89
N MET A 20 -21.31 22.97 -27.05
CA MET A 20 -20.42 22.33 -26.10
C MET A 20 -19.00 22.93 -26.15
N PRO A 21 -18.42 23.37 -25.00
CA PRO A 21 -17.08 23.95 -25.02
C PRO A 21 -16.03 22.93 -25.46
N ALA A 22 -15.00 23.40 -26.18
CA ALA A 22 -13.91 22.56 -26.67
C ALA A 22 -13.03 22.10 -25.50
N GLY A 23 -12.55 20.86 -25.60
CA GLY A 23 -11.69 20.23 -24.60
C GLY A 23 -12.40 19.77 -23.35
N VAL A 24 -13.75 19.74 -23.38
CA VAL A 24 -14.59 19.32 -22.25
C VAL A 24 -15.29 17.99 -22.57
N ASN A 25 -15.05 16.97 -21.72
CA ASN A 25 -15.69 15.66 -21.84
C ASN A 25 -17.17 15.79 -21.37
N PRO A 26 -18.19 15.35 -22.17
CA PRO A 26 -19.59 15.47 -21.71
C PRO A 26 -19.94 14.81 -20.38
N ALA A 27 -19.26 13.70 -20.01
CA ALA A 27 -19.47 12.97 -18.74
C ALA A 27 -19.06 13.85 -17.57
N ASP A 28 -17.94 14.58 -17.72
CA ASP A 28 -17.39 15.48 -16.71
C ASP A 28 -18.29 16.69 -16.51
N LEU A 29 -18.79 17.28 -17.59
CA LEU A 29 -19.65 18.45 -17.54
C LEU A 29 -21.02 18.12 -16.97
N ALA A 30 -21.61 16.98 -17.41
CA ALA A 30 -22.92 16.54 -16.94
C ALA A 30 -22.88 16.23 -15.44
N ALA A 31 -21.82 15.56 -14.98
CA ALA A 31 -21.65 15.27 -13.54
C ALA A 31 -21.44 16.55 -12.73
N GLU A 32 -20.69 17.55 -13.27
CA GLU A 32 -20.45 18.85 -12.63
C GLU A 32 -21.72 19.67 -12.55
N LEU A 33 -22.55 19.63 -13.62
CA LEU A 33 -23.83 20.33 -13.62
C LEU A 33 -24.75 19.73 -12.57
N ALA A 34 -24.69 18.39 -12.42
CA ALA A 34 -25.47 17.66 -11.42
C ALA A 34 -24.97 18.05 -10.03
N ALA A 35 -23.66 18.24 -9.86
CA ALA A 35 -23.12 18.62 -8.56
C ALA A 35 -23.42 20.07 -8.20
N VAL A 36 -23.02 21.01 -9.07
CA VAL A 36 -23.17 22.42 -8.75
C VAL A 36 -24.61 22.95 -8.84
N VAL A 37 -25.29 22.70 -9.95
CA VAL A 37 -26.65 23.21 -10.13
C VAL A 37 -27.62 22.63 -9.09
N THR A 38 -27.62 21.33 -8.92
CA THR A 38 -28.51 20.71 -7.94
C THR A 38 -28.18 21.09 -6.50
N GLU A 39 -26.89 21.26 -6.16
CA GLU A 39 -26.52 21.67 -4.80
C GLU A 39 -27.04 23.04 -4.46
N SER A 40 -26.89 24.02 -5.41
CA SER A 40 -27.34 25.41 -5.23
C SER A 40 -28.87 25.54 -5.01
N VAL A 41 -29.66 24.73 -5.70
CA VAL A 41 -31.12 24.71 -5.60
C VAL A 41 -31.61 23.61 -4.64
N ASP A 42 -30.70 22.75 -4.16
CA ASP A 42 -30.89 21.67 -3.19
C ASP A 42 -32.00 20.68 -3.57
N GLU A 43 -31.87 20.14 -4.77
CA GLU A 43 -32.87 19.27 -5.36
C GLU A 43 -32.36 17.86 -5.67
N ASP A 44 -33.32 16.94 -5.81
CA ASP A 44 -33.01 15.57 -6.19
C ASP A 44 -32.81 15.52 -7.71
N TYR A 45 -32.09 14.51 -8.20
CA TYR A 45 -31.80 14.38 -9.61
C TYR A 45 -31.42 12.95 -9.98
N LEU A 46 -31.40 12.67 -11.28
CA LEU A 46 -30.93 11.42 -11.85
C LEU A 46 -30.23 11.79 -13.17
N LEU A 47 -28.97 11.41 -13.30
CA LEU A 47 -28.18 11.59 -14.52
C LEU A 47 -28.08 10.23 -15.20
N TYR A 48 -28.50 10.15 -16.46
CA TYR A 48 -28.48 8.89 -17.20
C TYR A 48 -27.68 9.03 -18.50
N GLU A 49 -26.67 8.17 -18.71
CA GLU A 49 -25.88 8.15 -19.94
C GLU A 49 -26.45 7.06 -20.86
N CYS A 50 -26.89 7.48 -22.05
CA CYS A 50 -27.48 6.60 -23.06
C CYS A 50 -27.07 7.03 -24.47
N ASP A 51 -26.18 6.23 -25.11
CA ASP A 51 -25.65 6.42 -26.47
C ASP A 51 -25.12 7.83 -26.77
N GLY A 52 -24.11 8.25 -26.02
CA GLY A 52 -23.49 9.57 -26.16
C GLY A 52 -24.26 10.76 -25.60
N GLN A 53 -25.48 10.53 -25.06
CA GLN A 53 -26.29 11.59 -24.46
C GLN A 53 -26.31 11.37 -22.95
N TRP A 54 -25.96 12.41 -22.19
CA TRP A 54 -25.99 12.39 -20.72
C TRP A 54 -27.21 13.24 -20.37
N VAL A 55 -28.30 12.58 -19.96
CA VAL A 55 -29.53 13.28 -19.62
C VAL A 55 -29.61 13.53 -18.12
N LEU A 56 -29.60 14.80 -17.73
CA LEU A 56 -29.74 15.20 -16.34
C LEU A 56 -31.19 15.54 -16.08
N ALA A 57 -31.88 14.67 -15.33
CA ALA A 57 -33.27 14.87 -14.94
C ALA A 57 -33.19 15.59 -13.59
N ALA A 58 -33.42 16.91 -13.57
CA ALA A 58 -33.27 17.77 -12.39
C ALA A 58 -34.56 18.21 -11.74
N GLY A 59 -34.68 17.92 -10.46
CA GLY A 59 -35.88 18.30 -9.69
C GLY A 59 -37.00 17.31 -9.85
N VAL A 60 -37.79 17.14 -8.80
CA VAL A 60 -38.88 16.18 -8.82
C VAL A 60 -40.20 16.92 -9.01
N GLN A 61 -40.78 16.79 -10.21
CA GLN A 61 -42.07 17.39 -10.48
C GLN A 61 -43.15 16.54 -9.82
N ALA A 62 -43.07 15.22 -10.02
CA ALA A 62 -43.99 14.23 -9.48
C ALA A 62 -43.22 12.92 -9.29
N MET A 63 -43.54 12.17 -8.25
CA MET A 63 -42.85 10.92 -7.91
C MET A 63 -43.83 9.77 -7.77
N VAL A 64 -43.53 8.64 -8.41
CA VAL A 64 -44.27 7.39 -8.30
C VAL A 64 -43.42 6.44 -7.44
N GLU A 65 -44.00 6.01 -6.32
CA GLU A 65 -43.34 5.06 -5.43
C GLU A 65 -44.15 3.76 -5.44
N LEU A 66 -43.57 2.70 -6.02
CA LEU A 66 -44.19 1.39 -6.02
C LEU A 66 -43.52 0.51 -4.97
N ASP A 67 -44.30 0.10 -3.97
CA ASP A 67 -43.87 -0.75 -2.90
C ASP A 67 -44.66 -2.04 -3.02
N SER A 68 -44.21 -3.11 -2.33
CA SER A 68 -44.87 -4.41 -2.34
C SER A 68 -46.37 -4.32 -1.96
N ASP A 69 -46.71 -3.42 -1.02
CA ASP A 69 -48.07 -3.29 -0.46
C ASP A 69 -48.83 -2.01 -0.82
N GLU A 70 -48.18 -1.07 -1.53
CA GLU A 70 -48.79 0.22 -1.85
C GLU A 70 -48.12 0.89 -3.01
N LEU A 71 -48.89 1.71 -3.70
CA LEU A 71 -48.44 2.57 -4.78
C LEU A 71 -48.81 3.99 -4.35
N ARG A 72 -47.83 4.91 -4.35
CA ARG A 72 -48.01 6.31 -3.98
C ARG A 72 -47.59 7.21 -5.11
N VAL A 73 -48.32 8.31 -5.29
CA VAL A 73 -48.00 9.36 -6.26
C VAL A 73 -47.89 10.66 -5.46
N ILE A 74 -46.69 11.26 -5.43
CA ILE A 74 -46.41 12.46 -4.66
C ILE A 74 -46.13 13.63 -5.59
N ARG A 75 -46.96 14.65 -5.53
CA ARG A 75 -46.83 15.85 -6.35
C ARG A 75 -47.15 17.07 -5.47
N ASP A 76 -46.17 17.98 -5.33
CA ASP A 76 -46.25 19.22 -4.55
C ASP A 76 -46.69 18.97 -3.09
N GLY A 77 -46.01 18.04 -2.44
CA GLY A 77 -46.26 17.66 -1.05
C GLY A 77 -47.49 16.80 -0.79
N VAL A 78 -48.39 16.67 -1.81
CA VAL A 78 -49.62 15.86 -1.71
C VAL A 78 -49.31 14.40 -2.05
N THR A 79 -49.51 13.49 -1.10
CA THR A 79 -49.31 12.05 -1.28
C THR A 79 -50.65 11.34 -1.49
N ARG A 80 -50.82 10.75 -2.68
CA ARG A 80 -52.01 9.95 -2.97
C ARG A 80 -51.57 8.49 -2.82
N ARG A 81 -52.31 7.70 -2.03
CA ARG A 81 -51.98 6.29 -1.77
C ARG A 81 -53.01 5.38 -2.40
N GLN A 82 -52.55 4.26 -2.98
CA GLN A 82 -53.42 3.29 -3.61
C GLN A 82 -52.95 1.88 -3.35
N GLN A 83 -53.92 0.97 -3.21
CA GLN A 83 -53.65 -0.45 -3.08
C GLN A 83 -53.61 -0.96 -4.52
N TRP A 84 -52.85 -2.02 -4.78
CA TRP A 84 -52.73 -2.58 -6.13
C TRP A 84 -52.64 -4.08 -6.02
N SER A 85 -53.11 -4.76 -7.08
CA SER A 85 -53.09 -6.21 -7.19
C SER A 85 -52.61 -6.61 -8.59
N GLY A 86 -52.29 -7.88 -8.75
CA GLY A 86 -51.79 -8.42 -10.01
C GLY A 86 -50.33 -8.15 -10.24
N ARG A 87 -49.96 -7.93 -11.51
CA ARG A 87 -48.59 -7.70 -11.93
C ARG A 87 -48.06 -6.32 -11.52
N PRO A 88 -46.84 -6.23 -10.95
CA PRO A 88 -46.30 -4.90 -10.57
C PRO A 88 -46.03 -3.97 -11.78
N GLY A 89 -45.73 -4.55 -12.93
CA GLY A 89 -45.49 -3.84 -14.19
C GLY A 89 -46.71 -3.09 -14.69
N ALA A 90 -47.91 -3.69 -14.48
CA ALA A 90 -49.20 -3.10 -14.83
C ALA A 90 -49.48 -1.88 -13.90
N ALA A 91 -49.23 -2.05 -12.59
CA ALA A 91 -49.39 -0.99 -11.59
C ALA A 91 -48.40 0.16 -11.85
N LEU A 92 -47.13 -0.19 -12.14
CA LEU A 92 -46.09 0.82 -12.42
C LEU A 92 -46.38 1.53 -13.73
N GLY A 93 -46.70 0.76 -14.78
CA GLY A 93 -47.02 1.27 -16.10
C GLY A 93 -48.13 2.29 -16.12
N GLU A 94 -49.23 1.99 -15.41
CA GLU A 94 -50.40 2.87 -15.29
C GLU A 94 -50.01 4.23 -14.68
N ALA A 95 -49.26 4.22 -13.56
CA ALA A 95 -48.82 5.43 -12.87
C ALA A 95 -47.80 6.23 -13.69
N VAL A 96 -46.84 5.53 -14.31
CA VAL A 96 -45.80 6.14 -15.15
C VAL A 96 -46.40 6.78 -16.42
N ASP A 97 -47.41 6.13 -17.04
CA ASP A 97 -48.10 6.66 -18.23
C ASP A 97 -48.79 8.00 -17.93
N ARG A 98 -49.31 8.15 -16.71
CA ARG A 98 -49.95 9.38 -16.23
C ARG A 98 -48.92 10.52 -16.12
N LEU A 99 -47.68 10.22 -15.62
CA LEU A 99 -46.59 11.21 -15.51
C LEU A 99 -46.22 11.73 -16.89
N LEU A 100 -46.22 10.83 -17.87
CA LEU A 100 -45.83 11.09 -19.24
C LEU A 100 -46.87 11.88 -20.07
N LEU A 101 -48.05 12.12 -19.53
CA LEU A 101 -49.08 12.97 -20.16
C LEU A 101 -48.66 14.45 -19.96
N GLU A 102 -47.95 14.73 -18.85
CA GLU A 102 -47.47 16.05 -18.43
C GLU A 102 -46.04 16.38 -18.92
N THR A 103 -45.12 15.39 -18.91
CA THR A 103 -43.72 15.58 -19.35
C THR A 103 -43.32 14.55 -20.39
N ASP A 104 -42.32 14.88 -21.22
CA ASP A 104 -41.80 14.02 -22.29
C ASP A 104 -41.08 12.78 -21.77
N GLN A 105 -40.37 12.91 -20.63
CA GLN A 105 -39.57 11.81 -20.06
C GLN A 105 -39.75 11.62 -18.56
N ALA A 106 -39.52 10.39 -18.08
CA ALA A 106 -39.60 9.96 -16.68
C ALA A 106 -38.38 9.09 -16.42
N PHE A 107 -37.86 9.13 -15.18
CA PHE A 107 -36.60 8.45 -14.82
C PHE A 107 -36.72 7.81 -13.47
N GLY A 108 -35.90 6.81 -13.21
CA GLY A 108 -35.89 6.18 -11.90
C GLY A 108 -35.13 4.88 -11.83
N TRP A 109 -35.46 4.10 -10.81
CA TRP A 109 -34.86 2.79 -10.60
C TRP A 109 -35.94 1.79 -10.28
N VAL A 110 -35.66 0.54 -10.62
CA VAL A 110 -36.53 -0.60 -10.41
C VAL A 110 -35.70 -1.59 -9.58
N ALA A 111 -36.23 -2.05 -8.45
CA ALA A 111 -35.53 -2.97 -7.55
C ALA A 111 -35.49 -4.37 -8.11
N PHE A 112 -34.54 -5.18 -7.62
CA PHE A 112 -34.48 -6.60 -7.96
C PHE A 112 -35.84 -7.26 -7.61
N GLU A 113 -36.45 -6.84 -6.50
CA GLU A 113 -37.72 -7.31 -5.93
C GLU A 113 -38.94 -7.16 -6.86
N PHE A 114 -38.88 -6.24 -7.83
CA PHE A 114 -39.92 -6.04 -8.83
C PHE A 114 -40.09 -7.31 -9.72
N GLY A 115 -39.02 -8.07 -9.90
CA GLY A 115 -39.04 -9.26 -10.74
C GLY A 115 -39.38 -10.58 -10.07
N VAL A 116 -39.86 -10.56 -8.79
CA VAL A 116 -40.13 -11.79 -8.03
C VAL A 116 -41.54 -12.31 -8.15
N HIS A 117 -42.48 -11.42 -8.48
CA HIS A 117 -43.92 -11.71 -8.63
C HIS A 117 -44.20 -12.70 -9.73
N ARG A 118 -43.48 -12.54 -10.85
CA ARG A 118 -43.57 -13.40 -12.03
C ARG A 118 -43.26 -14.88 -11.71
N TYR A 119 -42.41 -15.09 -10.69
CA TYR A 119 -42.01 -16.43 -10.29
C TYR A 119 -42.76 -16.95 -9.05
N GLY A 120 -43.86 -16.27 -8.70
CA GLY A 120 -44.73 -16.64 -7.60
C GLY A 120 -44.17 -16.44 -6.20
N LEU A 121 -43.31 -15.40 -6.03
CA LEU A 121 -42.61 -15.08 -4.78
C LEU A 121 -43.03 -13.79 -4.10
N GLN A 122 -44.18 -13.18 -4.48
CA GLN A 122 -44.64 -11.92 -3.85
C GLN A 122 -44.81 -12.00 -2.32
N GLN A 123 -45.16 -13.21 -1.81
CA GLN A 123 -45.46 -13.44 -0.38
C GLN A 123 -44.23 -13.38 0.52
N ARG A 124 -43.04 -13.57 -0.06
CA ARG A 124 -41.78 -13.55 0.65
C ARG A 124 -41.33 -12.13 1.00
N LEU A 125 -41.91 -11.11 0.32
CA LEU A 125 -41.55 -9.71 0.53
C LEU A 125 -42.19 -9.13 1.79
N ALA A 126 -41.36 -8.47 2.60
CA ALA A 126 -41.77 -7.81 3.83
C ALA A 126 -42.67 -6.62 3.50
N PRO A 127 -43.51 -6.10 4.42
CA PRO A 127 -44.31 -4.90 4.08
C PRO A 127 -43.38 -3.72 3.81
N HIS A 128 -43.83 -2.76 2.99
CA HIS A 128 -43.09 -1.55 2.58
C HIS A 128 -41.79 -1.87 1.80
N THR A 129 -41.72 -3.03 1.10
CA THR A 129 -40.55 -3.39 0.29
C THR A 129 -40.55 -2.55 -1.00
N PRO A 130 -39.56 -1.63 -1.23
CA PRO A 130 -39.56 -0.86 -2.49
C PRO A 130 -39.41 -1.74 -3.74
N LEU A 131 -40.20 -1.45 -4.78
CA LEU A 131 -40.14 -2.18 -6.06
C LEU A 131 -39.64 -1.25 -7.14
N ALA A 132 -40.07 0.02 -7.11
CA ALA A 132 -39.68 1.02 -8.12
C ALA A 132 -39.92 2.43 -7.62
N ARG A 133 -39.09 3.38 -8.08
CA ARG A 133 -39.19 4.80 -7.81
C ARG A 133 -39.01 5.49 -9.15
N VAL A 134 -40.08 6.07 -9.71
CA VAL A 134 -40.01 6.74 -11.02
C VAL A 134 -40.54 8.17 -10.89
N PHE A 135 -39.79 9.13 -11.40
CA PHE A 135 -40.19 10.54 -11.30
C PHE A 135 -40.18 11.26 -12.62
N SER A 136 -41.03 12.29 -12.72
CA SER A 136 -41.01 13.19 -13.86
C SER A 136 -40.18 14.41 -13.40
N PRO A 137 -39.11 14.81 -14.13
CA PRO A 137 -38.30 15.94 -13.65
C PRO A 137 -38.92 17.32 -13.90
N ARG A 138 -38.43 18.35 -13.22
CA ARG A 138 -38.90 19.71 -13.46
C ARG A 138 -38.14 20.27 -14.66
N THR A 139 -36.86 19.90 -14.77
CA THR A 139 -35.93 20.38 -15.79
C THR A 139 -35.10 19.20 -16.33
N ARG A 140 -34.66 19.30 -17.60
CA ARG A 140 -33.77 18.34 -18.25
C ARG A 140 -32.65 19.05 -18.96
N ILE A 141 -31.42 18.64 -18.69
CA ILE A 141 -30.22 19.16 -19.35
C ILE A 141 -29.58 17.96 -20.04
N MET A 142 -29.50 18.00 -21.39
CA MET A 142 -28.90 16.92 -22.18
C MET A 142 -27.53 17.34 -22.65
N VAL A 143 -26.52 16.59 -22.25
CA VAL A 143 -25.12 16.87 -22.56
C VAL A 143 -24.55 15.79 -23.48
N SER A 144 -24.03 16.23 -24.63
CA SER A 144 -23.38 15.40 -25.66
C SER A 144 -22.12 16.11 -26.13
N GLU A 145 -21.34 15.48 -27.03
CA GLU A 145 -20.12 16.06 -27.58
C GLU A 145 -20.41 17.34 -28.38
N LYS A 146 -21.58 17.38 -29.04
CA LYS A 146 -22.05 18.47 -29.88
C LYS A 146 -22.60 19.68 -29.13
N GLU A 147 -23.55 19.45 -28.21
CA GLU A 147 -24.22 20.55 -27.52
C GLU A 147 -24.76 20.19 -26.14
N ILE A 148 -25.34 21.22 -25.50
CA ILE A 148 -26.04 21.20 -24.22
C ILE A 148 -27.44 21.70 -24.56
N ARG A 149 -28.46 20.85 -24.33
CA ARG A 149 -29.85 21.20 -24.59
C ARG A 149 -30.59 21.35 -23.27
N LEU A 150 -31.34 22.46 -23.13
CA LEU A 150 -32.11 22.78 -21.92
C LEU A 150 -33.59 22.63 -22.16
N PHE A 151 -34.26 21.87 -21.28
CA PHE A 151 -35.69 21.63 -21.36
C PHE A 151 -36.33 22.10 -20.06
N ASP A 152 -37.28 23.04 -20.16
CA ASP A 152 -38.03 23.60 -19.04
C ASP A 152 -37.13 24.13 -17.90
N ALA A 153 -36.01 24.78 -18.28
CA ALA A 153 -35.05 25.34 -17.36
C ALA A 153 -35.48 26.76 -16.94
N GLY A 154 -35.75 26.95 -15.64
CA GLY A 154 -36.10 28.25 -15.08
C GLY A 154 -34.89 29.17 -15.03
N ILE A 155 -35.11 30.47 -14.71
CA ILE A 155 -34.03 31.47 -14.63
C ILE A 155 -32.90 31.06 -13.66
N ARG A 156 -33.24 30.49 -12.48
CA ARG A 156 -32.28 30.03 -11.47
C ARG A 156 -31.36 28.93 -12.04
N HIS A 157 -31.94 27.93 -12.73
CA HIS A 157 -31.21 26.85 -13.37
C HIS A 157 -30.31 27.37 -14.48
N ARG A 158 -30.85 28.26 -15.37
CA ARG A 158 -30.09 28.86 -16.48
C ARG A 158 -28.89 29.63 -15.97
N GLU A 159 -29.08 30.46 -14.90
CA GLU A 159 -28.03 31.24 -14.27
C GLU A 159 -26.97 30.37 -13.62
N ALA A 160 -27.39 29.27 -12.95
CA ALA A 160 -26.50 28.32 -12.27
C ALA A 160 -25.70 27.52 -13.29
N ILE A 161 -26.32 27.12 -14.44
CA ILE A 161 -25.64 26.44 -15.55
C ILE A 161 -24.57 27.41 -16.11
N ASP A 162 -24.95 28.71 -16.39
CA ASP A 162 -24.04 29.73 -16.93
C ASP A 162 -22.84 29.98 -16.03
N ARG A 163 -23.07 29.92 -14.71
CA ARG A 163 -22.07 30.06 -13.65
C ARG A 163 -21.08 28.91 -13.75
N LEU A 164 -21.59 27.66 -14.01
CA LEU A 164 -20.76 26.45 -14.14
C LEU A 164 -19.87 26.51 -15.36
N LEU A 165 -20.45 26.84 -16.53
CA LEU A 165 -19.72 26.95 -17.78
C LEU A 165 -18.56 27.95 -17.66
N ALA A 166 -18.76 29.05 -16.87
CA ALA A 166 -17.74 30.07 -16.66
C ALA A 166 -16.61 29.58 -15.71
N THR A 167 -16.96 28.86 -14.62
CA THR A 167 -15.98 28.33 -13.64
C THR A 167 -15.18 27.14 -14.21
N GLY A 168 -15.78 26.41 -15.16
CA GLY A 168 -15.18 25.22 -15.75
C GLY A 168 -15.34 24.03 -14.83
N VAL A 169 -14.79 22.86 -15.22
CA VAL A 169 -14.95 21.68 -14.36
C VAL A 169 -13.85 21.59 -13.31
N ARG A 170 -14.20 21.12 -12.10
CA ARG A 170 -13.24 20.96 -11.02
C ARG A 170 -12.26 19.86 -11.37
N GLU A 171 -11.03 19.93 -10.83
CA GLU A 171 -10.04 18.88 -10.99
C GLU A 171 -10.50 17.76 -10.04
N VAL A 172 -10.40 16.50 -10.49
CA VAL A 172 -10.81 15.37 -9.66
C VAL A 172 -9.71 15.08 -8.63
N PRO A 173 -10.02 15.13 -7.32
CA PRO A 173 -8.98 14.82 -6.32
C PRO A 173 -8.56 13.35 -6.39
N GLN A 174 -7.45 13.01 -5.72
CA GLN A 174 -6.96 11.64 -5.64
C GLN A 174 -7.97 10.84 -4.86
N SER A 175 -8.15 9.57 -5.23
CA SER A 175 -9.10 8.68 -4.57
C SER A 175 -8.57 8.18 -3.21
N ARG A 176 -9.46 7.65 -2.37
CA ARG A 176 -9.13 7.09 -1.07
C ARG A 176 -9.49 5.61 -1.11
N SER A 177 -8.53 4.78 -0.74
CA SER A 177 -8.61 3.32 -0.77
C SER A 177 -9.57 2.71 0.20
N VAL A 178 -10.04 1.51 -0.13
CA VAL A 178 -10.97 0.73 0.69
C VAL A 178 -10.53 -0.76 0.74
N ASP A 179 -10.69 -1.38 1.92
CA ASP A 179 -10.40 -2.78 2.14
C ASP A 179 -11.61 -3.64 1.78
N VAL A 180 -11.41 -4.64 0.90
CA VAL A 180 -12.45 -5.57 0.45
C VAL A 180 -12.19 -7.02 0.91
N SER A 181 -11.21 -7.21 1.77
CA SER A 181 -10.80 -8.54 2.12
C SER A 181 -11.60 -9.19 3.23
N ASP A 182 -12.40 -8.45 3.93
CA ASP A 182 -13.14 -9.07 4.96
C ASP A 182 -14.36 -9.80 4.41
N ASP A 183 -14.89 -10.76 5.15
CA ASP A 183 -16.11 -11.46 4.76
C ASP A 183 -17.14 -11.49 5.83
N PRO A 184 -17.60 -10.34 6.28
CA PRO A 184 -18.59 -10.34 7.39
C PRO A 184 -19.94 -11.00 7.11
N SER A 185 -20.35 -11.10 5.81
CA SER A 185 -21.64 -11.69 5.41
C SER A 185 -21.57 -13.20 5.14
N GLY A 186 -20.36 -13.75 5.25
CA GLY A 186 -20.09 -15.17 5.06
C GLY A 186 -20.36 -15.63 3.64
N PHE A 187 -19.92 -14.83 2.64
CA PHE A 187 -20.07 -15.12 1.21
C PHE A 187 -19.55 -16.51 0.85
N ARG A 188 -18.37 -16.89 1.40
CA ARG A 188 -17.74 -18.19 1.16
C ARG A 188 -18.62 -19.34 1.60
N ARG A 189 -19.21 -19.24 2.81
CA ARG A 189 -20.11 -20.25 3.36
C ARG A 189 -21.39 -20.34 2.50
N ARG A 190 -21.93 -19.19 2.10
CA ARG A 190 -23.12 -19.06 1.26
C ARG A 190 -22.92 -19.66 -0.14
N VAL A 191 -21.70 -19.54 -0.71
CA VAL A 191 -21.32 -20.12 -2.01
C VAL A 191 -21.34 -21.66 -1.87
N ALA A 192 -20.72 -22.19 -0.79
CA ALA A 192 -20.67 -23.62 -0.50
C ALA A 192 -22.07 -24.23 -0.43
N VAL A 193 -23.04 -23.50 0.19
CA VAL A 193 -24.43 -23.96 0.28
C VAL A 193 -25.06 -24.04 -1.11
N ALA A 194 -24.85 -22.99 -1.95
CA ALA A 194 -25.36 -22.91 -3.32
C ALA A 194 -24.82 -24.06 -4.16
N VAL A 195 -23.50 -24.33 -4.08
CA VAL A 195 -22.83 -25.46 -4.79
C VAL A 195 -23.53 -26.82 -4.45
N ASP A 196 -23.80 -27.08 -3.15
CA ASP A 196 -24.48 -28.29 -2.66
C ASP A 196 -25.85 -28.40 -3.25
N GLU A 197 -26.61 -27.28 -3.32
CA GLU A 197 -27.96 -27.23 -3.87
C GLU A 197 -27.92 -27.51 -5.40
N ILE A 198 -26.89 -27.03 -6.11
CA ILE A 198 -26.68 -27.25 -7.55
C ILE A 198 -26.38 -28.73 -7.79
N ALA A 199 -25.44 -29.31 -6.98
CA ALA A 199 -25.05 -30.72 -7.02
C ALA A 199 -26.27 -31.63 -6.76
N ALA A 200 -27.21 -31.20 -5.88
CA ALA A 200 -28.44 -31.94 -5.61
C ALA A 200 -29.53 -31.70 -6.70
N GLY A 201 -29.18 -30.96 -7.76
CA GLY A 201 -30.04 -30.66 -8.90
C GLY A 201 -31.18 -29.71 -8.65
N ARG A 202 -31.02 -28.82 -7.65
CA ARG A 202 -32.05 -27.85 -7.27
C ARG A 202 -32.21 -26.70 -8.28
N TYR A 203 -31.11 -26.36 -8.96
CA TYR A 203 -30.95 -25.37 -10.01
C TYR A 203 -29.55 -25.53 -10.64
N HIS A 204 -29.33 -24.90 -11.80
CA HIS A 204 -28.07 -24.96 -12.54
C HIS A 204 -27.10 -23.83 -12.12
N LYS A 205 -27.63 -22.58 -12.00
CA LYS A 205 -26.82 -21.41 -11.66
C LYS A 205 -27.54 -20.44 -10.74
N VAL A 206 -26.77 -19.70 -9.91
CA VAL A 206 -27.22 -18.65 -9.02
C VAL A 206 -26.11 -17.60 -8.83
N ILE A 207 -26.47 -16.30 -8.85
CA ILE A 207 -25.52 -15.23 -8.59
C ILE A 207 -25.73 -14.81 -7.15
N LEU A 208 -24.69 -15.00 -6.32
CA LEU A 208 -24.68 -14.57 -4.94
C LEU A 208 -23.73 -13.40 -4.84
N SER A 209 -23.99 -12.51 -3.90
CA SER A 209 -23.21 -11.30 -3.72
C SER A 209 -22.84 -11.00 -2.28
N ARG A 210 -22.02 -9.95 -2.09
CA ARG A 210 -21.64 -9.45 -0.78
C ARG A 210 -21.56 -7.94 -0.83
N CYS A 211 -21.95 -7.31 0.28
CA CYS A 211 -21.83 -5.87 0.44
C CYS A 211 -20.48 -5.57 1.04
N VAL A 212 -19.90 -4.43 0.64
CA VAL A 212 -18.64 -3.95 1.18
C VAL A 212 -18.88 -2.53 1.67
N GLU A 213 -18.81 -2.33 2.98
CA GLU A 213 -19.02 -1.02 3.62
C GLU A 213 -17.86 -0.09 3.33
N VAL A 214 -18.15 1.14 2.90
CA VAL A 214 -17.13 2.16 2.66
C VAL A 214 -17.06 2.95 3.97
N PRO A 215 -15.92 2.90 4.72
CA PRO A 215 -15.88 3.58 6.04
C PRO A 215 -15.84 5.11 6.05
N PHE A 216 -15.94 5.73 4.86
CA PHE A 216 -15.94 7.17 4.72
C PHE A 216 -17.02 7.63 3.73
N ALA A 217 -17.46 8.89 3.85
CA ALA A 217 -18.45 9.48 2.94
C ALA A 217 -17.75 9.81 1.63
N ILE A 218 -18.38 9.46 0.52
CA ILE A 218 -17.79 9.73 -0.79
C ILE A 218 -18.52 10.85 -1.49
N ASP A 219 -17.82 11.52 -2.42
CA ASP A 219 -18.43 12.57 -3.23
C ASP A 219 -18.91 11.81 -4.47
N PHE A 220 -20.23 11.64 -4.60
CA PHE A 220 -20.83 10.89 -5.71
C PHE A 220 -20.54 11.46 -7.10
N PRO A 221 -20.75 12.77 -7.39
CA PRO A 221 -20.41 13.25 -8.75
C PRO A 221 -18.92 13.15 -9.10
N LEU A 222 -18.02 13.40 -8.13
CA LEU A 222 -16.57 13.30 -8.37
C LEU A 222 -16.10 11.86 -8.55
N THR A 223 -16.64 10.92 -7.73
CA THR A 223 -16.35 9.47 -7.86
C THR A 223 -16.89 9.03 -9.22
N TYR A 224 -18.10 9.51 -9.62
CA TYR A 224 -18.66 9.13 -10.91
C TYR A 224 -17.69 9.51 -12.05
N ARG A 225 -17.19 10.73 -12.04
CA ARG A 225 -16.24 11.28 -13.03
C ARG A 225 -14.96 10.44 -13.11
N LEU A 226 -14.37 10.10 -11.94
CA LEU A 226 -13.16 9.28 -11.87
C LEU A 226 -13.37 7.85 -12.42
N GLY A 227 -14.42 7.17 -11.94
CA GLY A 227 -14.73 5.81 -12.39
C GLY A 227 -15.09 5.74 -13.86
N ARG A 228 -15.73 6.80 -14.39
CA ARG A 228 -16.14 6.87 -15.79
C ARG A 228 -14.95 6.97 -16.77
N ARG A 229 -13.82 7.55 -16.28
CA ARG A 229 -12.56 7.67 -17.03
C ARG A 229 -11.83 6.32 -17.09
N HIS A 230 -12.27 5.33 -16.30
CA HIS A 230 -11.66 4.01 -16.26
C HIS A 230 -12.65 2.85 -16.51
N ASN A 231 -13.81 3.17 -17.06
CA ASN A 231 -14.86 2.20 -17.35
C ASN A 231 -15.52 2.59 -18.66
N THR A 232 -15.89 1.58 -19.45
CA THR A 232 -16.62 1.76 -20.70
C THR A 232 -17.92 0.95 -20.53
N PRO A 233 -18.96 1.56 -19.96
CA PRO A 233 -20.20 0.81 -19.73
C PRO A 233 -21.21 0.88 -20.87
N VAL A 234 -22.22 -0.01 -20.83
CA VAL A 234 -23.33 0.00 -21.79
C VAL A 234 -24.15 1.28 -21.52
N ARG A 235 -24.34 1.60 -20.23
CA ARG A 235 -25.04 2.77 -19.71
C ARG A 235 -24.39 3.14 -18.40
N SER A 236 -24.62 4.36 -17.93
CA SER A 236 -24.11 4.77 -16.62
C SER A 236 -25.12 5.71 -15.99
N PHE A 237 -25.03 5.86 -14.68
CA PHE A 237 -25.94 6.73 -13.97
C PHE A 237 -25.29 7.32 -12.74
N LEU A 238 -25.83 8.45 -12.31
CA LEU A 238 -25.47 9.17 -11.11
C LEU A 238 -26.79 9.76 -10.60
N LEU A 239 -27.15 9.45 -9.35
CA LEU A 239 -28.41 9.95 -8.80
C LEU A 239 -28.35 10.35 -7.32
N GLN A 240 -29.33 11.15 -6.93
CA GLN A 240 -29.62 11.56 -5.56
C GLN A 240 -31.13 11.68 -5.58
N LEU A 241 -31.82 10.67 -5.01
CA LEU A 241 -33.26 10.60 -5.07
C LEU A 241 -33.84 9.92 -3.85
N GLY A 242 -34.73 10.65 -3.16
CA GLY A 242 -35.46 10.15 -1.99
C GLY A 242 -34.61 9.58 -0.87
N GLY A 243 -33.50 10.24 -0.57
CA GLY A 243 -32.60 9.82 0.49
C GLY A 243 -31.54 8.83 0.04
N ILE A 244 -31.52 8.47 -1.26
CA ILE A 244 -30.57 7.54 -1.83
C ILE A 244 -29.62 8.25 -2.77
N ARG A 245 -28.34 7.99 -2.62
N ARG A 245 -28.34 7.99 -2.62
CA ARG A 245 -27.30 8.45 -3.54
CA ARG A 245 -27.30 8.46 -3.53
C ARG A 245 -26.78 7.17 -4.19
C ARG A 245 -26.77 7.19 -4.19
N ALA A 246 -26.59 7.19 -5.51
CA ALA A 246 -26.10 6.03 -6.25
C ALA A 246 -25.43 6.44 -7.54
N LEU A 247 -24.49 5.62 -7.97
CA LEU A 247 -23.78 5.78 -9.22
C LEU A 247 -23.42 4.40 -9.70
N GLY A 248 -23.32 4.22 -11.01
CA GLY A 248 -22.96 2.92 -11.54
C GLY A 248 -22.60 2.91 -13.00
N TYR A 249 -21.86 1.89 -13.39
CA TYR A 249 -21.40 1.66 -14.75
C TYR A 249 -22.01 0.35 -15.20
N SER A 250 -23.26 0.45 -15.72
CA SER A 250 -24.10 -0.68 -16.10
C SER A 250 -23.43 -1.51 -17.18
N PRO A 251 -23.14 -2.81 -16.88
CA PRO A 251 -22.48 -3.66 -17.88
C PRO A 251 -23.43 -4.30 -18.89
N GLU A 252 -24.77 -4.10 -18.74
CA GLU A 252 -25.74 -4.77 -19.60
C GLU A 252 -27.04 -4.01 -19.73
N LEU A 253 -27.62 -4.07 -20.93
CA LEU A 253 -28.94 -3.53 -21.20
C LEU A 253 -29.96 -4.62 -20.92
N VAL A 254 -30.88 -4.38 -19.97
CA VAL A 254 -31.95 -5.34 -19.64
C VAL A 254 -32.98 -5.33 -20.77
N THR A 255 -33.46 -4.10 -21.13
CA THR A 255 -34.47 -3.88 -22.17
C THR A 255 -34.36 -2.48 -22.73
N ALA A 256 -34.62 -2.36 -24.02
CA ALA A 256 -34.76 -1.11 -24.75
C ALA A 256 -35.98 -1.28 -25.66
N VAL A 257 -36.98 -0.42 -25.49
CA VAL A 257 -38.22 -0.42 -26.28
C VAL A 257 -38.22 0.92 -27.02
N ARG A 258 -38.36 0.88 -28.35
CA ARG A 258 -38.37 2.11 -29.14
C ARG A 258 -39.81 2.55 -29.36
N ALA A 259 -40.01 3.78 -29.85
CA ALA A 259 -41.35 4.32 -30.17
C ALA A 259 -42.06 3.47 -31.26
N ASP A 260 -41.28 2.89 -32.21
CA ASP A 260 -41.81 2.04 -33.31
C ASP A 260 -42.27 0.65 -32.86
N GLY A 261 -41.90 0.26 -31.62
CA GLY A 261 -42.30 -1.01 -31.03
C GLY A 261 -41.22 -2.07 -31.02
N VAL A 262 -40.00 -1.73 -31.46
CA VAL A 262 -38.89 -2.69 -31.47
C VAL A 262 -38.36 -2.87 -30.02
N VAL A 263 -38.37 -4.11 -29.54
CA VAL A 263 -37.89 -4.52 -28.22
C VAL A 263 -36.52 -5.19 -28.38
N ILE A 264 -35.51 -4.70 -27.65
CA ILE A 264 -34.15 -5.22 -27.67
C ILE A 264 -33.73 -5.65 -26.25
N THR A 265 -32.94 -6.70 -26.15
CA THR A 265 -32.32 -7.23 -24.93
C THR A 265 -30.94 -7.73 -25.28
N GLU A 266 -29.92 -7.36 -24.52
CA GLU A 266 -28.55 -7.77 -24.86
C GLU A 266 -27.81 -8.54 -23.77
N PRO A 267 -28.11 -9.85 -23.56
CA PRO A 267 -27.39 -10.60 -22.51
C PRO A 267 -25.92 -10.81 -22.84
N LEU A 268 -25.06 -10.68 -21.83
CA LEU A 268 -23.60 -10.82 -21.95
C LEU A 268 -23.11 -11.96 -21.09
N ALA A 269 -22.01 -12.62 -21.54
CA ALA A 269 -21.34 -13.73 -20.84
C ALA A 269 -19.80 -13.74 -21.03
N GLY A 270 -19.11 -14.18 -19.98
CA GLY A 270 -17.65 -14.34 -19.94
C GLY A 270 -16.81 -13.08 -19.95
N THR A 271 -15.60 -13.16 -19.34
CA THR A 271 -14.64 -12.05 -19.29
C THR A 271 -13.21 -12.61 -19.40
N LEU A 283 -5.22 -11.58 -30.76
CA LEU A 283 -5.07 -11.80 -29.32
C LEU A 283 -5.96 -12.94 -28.84
N ALA A 284 -5.81 -13.37 -27.57
CA ALA A 284 -6.63 -14.43 -26.98
C ALA A 284 -7.40 -13.94 -25.70
N ARG A 285 -8.72 -13.47 -25.72
CA ARG A 285 -9.69 -13.31 -26.83
CA ARG A 285 -9.69 -13.31 -26.83
C ARG A 285 -10.16 -14.60 -27.52
N ASP A 286 -9.24 -15.34 -28.16
CA ASP A 286 -9.52 -16.60 -28.85
C ASP A 286 -9.99 -17.69 -27.87
N ASP A 287 -9.56 -17.57 -26.58
CA ASP A 287 -9.91 -18.46 -25.46
C ASP A 287 -11.41 -18.32 -25.10
N LEU A 288 -11.91 -17.08 -25.01
CA LEU A 288 -13.30 -16.76 -24.67
C LEU A 288 -14.29 -17.36 -25.69
N GLU A 289 -13.99 -17.18 -27.00
CA GLU A 289 -14.79 -17.70 -28.12
C GLU A 289 -14.77 -19.23 -28.20
N SER A 290 -13.74 -19.86 -27.61
CA SER A 290 -13.55 -21.31 -27.64
C SER A 290 -13.88 -22.02 -26.31
N ASN A 291 -14.12 -21.27 -25.23
CA ASN A 291 -14.45 -21.88 -23.94
C ASN A 291 -15.83 -22.52 -23.90
N SER A 292 -15.86 -23.86 -23.78
CA SER A 292 -17.08 -24.68 -23.70
C SER A 292 -18.00 -24.23 -22.57
N LYS A 293 -17.44 -23.96 -21.36
CA LYS A 293 -18.20 -23.53 -20.19
C LYS A 293 -18.89 -22.15 -20.36
N GLU A 294 -18.28 -21.24 -21.13
CA GLU A 294 -18.81 -19.91 -21.42
C GLU A 294 -19.84 -19.90 -22.55
N ILE A 295 -19.66 -20.79 -23.53
CA ILE A 295 -20.55 -21.00 -24.67
C ILE A 295 -21.89 -21.58 -24.21
N VAL A 296 -21.87 -22.65 -23.36
CA VAL A 296 -23.07 -23.28 -22.81
C VAL A 296 -23.91 -22.28 -21.99
N GLU A 297 -23.29 -21.52 -21.05
CA GLU A 297 -24.00 -20.55 -20.21
C GLU A 297 -24.62 -19.43 -21.03
N HIS A 298 -23.89 -18.93 -22.06
CA HIS A 298 -24.41 -17.89 -22.95
C HIS A 298 -25.59 -18.38 -23.77
N ALA A 299 -25.49 -19.60 -24.35
CA ALA A 299 -26.54 -20.24 -25.15
C ALA A 299 -27.82 -20.47 -24.34
N ILE A 300 -27.69 -20.93 -23.08
CA ILE A 300 -28.80 -21.14 -22.13
C ILE A 300 -29.55 -19.80 -21.88
N SER A 301 -28.76 -18.71 -21.68
CA SER A 301 -29.26 -17.36 -21.43
C SER A 301 -29.96 -16.78 -22.65
N VAL A 302 -29.36 -16.94 -23.84
CA VAL A 302 -29.93 -16.48 -25.11
C VAL A 302 -31.29 -17.18 -25.32
N ARG A 303 -31.35 -18.50 -25.06
CA ARG A 303 -32.57 -19.29 -25.16
C ARG A 303 -33.63 -18.77 -24.17
N SER A 304 -33.22 -18.48 -22.92
CA SER A 304 -34.07 -17.95 -21.85
C SER A 304 -34.64 -16.58 -22.24
N SER A 305 -33.77 -15.63 -22.67
CA SER A 305 -34.16 -14.30 -23.11
C SER A 305 -35.12 -14.39 -24.29
N LEU A 306 -34.87 -15.33 -25.25
CA LEU A 306 -35.72 -15.55 -26.43
C LEU A 306 -37.10 -16.08 -26.04
N GLU A 307 -37.18 -17.01 -25.08
CA GLU A 307 -38.44 -17.57 -24.57
C GLU A 307 -39.29 -16.48 -23.90
N GLU A 308 -38.65 -15.57 -23.13
CA GLU A 308 -39.29 -14.48 -22.40
C GLU A 308 -39.77 -13.37 -23.32
N ILE A 309 -38.94 -12.97 -24.31
CA ILE A 309 -39.30 -11.93 -25.27
C ILE A 309 -40.50 -12.37 -26.14
N THR A 310 -40.63 -13.69 -26.39
CA THR A 310 -41.67 -14.34 -27.20
C THR A 310 -43.06 -14.17 -26.58
N ASP A 311 -43.14 -14.17 -25.24
CA ASP A 311 -44.40 -13.99 -24.50
C ASP A 311 -45.04 -12.62 -24.70
N ILE A 312 -44.24 -11.60 -25.05
CA ILE A 312 -44.69 -10.21 -25.24
C ILE A 312 -44.62 -9.74 -26.70
N ALA A 313 -43.98 -10.54 -27.57
CA ALA A 313 -43.77 -10.20 -28.98
C ALA A 313 -44.85 -10.66 -29.93
N GLU A 314 -44.97 -9.94 -31.07
CA GLU A 314 -45.83 -10.27 -32.21
C GLU A 314 -45.35 -11.63 -32.72
N PRO A 315 -46.25 -12.61 -33.00
CA PRO A 315 -45.76 -13.95 -33.43
C PRO A 315 -44.78 -13.91 -34.59
N GLY A 316 -43.67 -14.62 -34.43
CA GLY A 316 -42.59 -14.72 -35.40
C GLY A 316 -41.60 -13.56 -35.47
N SER A 317 -41.81 -12.49 -34.65
CA SER A 317 -40.90 -11.33 -34.67
C SER A 317 -39.62 -11.53 -33.85
N ALA A 318 -39.62 -12.52 -32.92
CA ALA A 318 -38.49 -12.84 -32.05
C ALA A 318 -37.29 -13.45 -32.81
N ALA A 319 -36.16 -12.71 -32.84
CA ALA A 319 -34.93 -13.12 -33.52
C ALA A 319 -33.66 -12.74 -32.74
N VAL A 320 -32.60 -13.55 -32.90
CA VAL A 320 -31.29 -13.29 -32.32
C VAL A 320 -30.46 -12.64 -33.42
N ILE A 321 -30.02 -11.38 -33.20
CA ILE A 321 -29.14 -10.63 -34.10
C ILE A 321 -27.76 -10.67 -33.45
N ASP A 322 -26.68 -10.78 -34.24
CA ASP A 322 -25.29 -10.85 -33.76
C ASP A 322 -25.06 -11.84 -32.62
N PHE A 323 -25.54 -13.09 -32.80
CA PHE A 323 -25.38 -14.18 -31.84
C PHE A 323 -23.92 -14.46 -31.50
N MET A 324 -23.64 -14.60 -30.19
CA MET A 324 -22.36 -14.95 -29.59
C MET A 324 -21.15 -14.23 -30.22
N THR A 325 -21.28 -12.90 -30.40
CA THR A 325 -20.21 -12.05 -30.95
C THR A 325 -19.44 -11.43 -29.82
N VAL A 326 -18.16 -11.07 -30.07
CA VAL A 326 -17.32 -10.47 -29.03
C VAL A 326 -17.59 -8.95 -28.91
N ARG A 327 -17.83 -8.50 -27.66
CA ARG A 327 -18.10 -7.12 -27.27
C ARG A 327 -17.25 -6.75 -26.05
N GLN A 333 -14.27 -7.20 -24.54
CA GLN A 333 -13.77 -8.06 -23.47
C GLN A 333 -14.81 -9.10 -22.97
N HIS A 334 -15.96 -9.29 -23.71
CA HIS A 334 -17.04 -10.24 -23.37
C HIS A 334 -17.84 -10.78 -24.59
N LEU A 335 -18.48 -11.96 -24.42
CA LEU A 335 -19.37 -12.56 -25.43
C LEU A 335 -20.75 -11.97 -25.19
N GLY A 336 -21.44 -11.64 -26.26
CA GLY A 336 -22.81 -11.16 -26.17
C GLY A 336 -23.68 -11.43 -27.38
N SER A 337 -25.00 -11.34 -27.21
CA SER A 337 -26.00 -11.53 -28.27
C SER A 337 -27.09 -10.47 -28.13
N THR A 338 -27.72 -10.11 -29.25
CA THR A 338 -28.82 -9.13 -29.30
C THR A 338 -30.11 -9.86 -29.66
N ILE A 339 -31.05 -9.96 -28.70
CA ILE A 339 -32.36 -10.56 -28.92
C ILE A 339 -33.32 -9.40 -29.28
N ARG A 340 -33.89 -9.43 -30.51
CA ARG A 340 -34.80 -8.42 -31.03
C ARG A 340 -36.18 -9.05 -31.24
N ALA A 341 -37.23 -8.24 -31.14
CA ALA A 341 -38.62 -8.62 -31.35
C ALA A 341 -39.45 -7.37 -31.61
N ARG A 342 -40.74 -7.53 -31.87
CA ARG A 342 -41.64 -6.42 -32.10
C ARG A 342 -42.73 -6.54 -31.07
N LEU A 343 -42.94 -5.48 -30.29
CA LEU A 343 -43.92 -5.45 -29.22
C LEU A 343 -45.32 -5.66 -29.75
N ASP A 344 -45.98 -6.74 -29.29
CA ASP A 344 -47.34 -7.09 -29.65
C ASP A 344 -48.31 -5.99 -29.22
N PRO A 345 -49.34 -5.65 -30.02
CA PRO A 345 -50.27 -4.58 -29.61
C PRO A 345 -51.02 -4.83 -28.30
N SER A 346 -51.19 -6.12 -27.93
CA SER A 346 -51.85 -6.54 -26.68
C SER A 346 -50.91 -6.43 -25.45
N SER A 347 -49.61 -6.14 -25.69
CA SER A 347 -48.58 -5.97 -24.65
C SER A 347 -48.10 -4.49 -24.57
N ASP A 348 -47.18 -4.20 -23.62
CA ASP A 348 -46.63 -2.85 -23.39
C ASP A 348 -45.19 -2.91 -22.86
N ARG A 349 -44.52 -1.74 -22.76
CA ARG A 349 -43.12 -1.61 -22.31
C ARG A 349 -42.83 -2.22 -20.93
N MET A 350 -43.75 -2.05 -19.98
CA MET A 350 -43.61 -2.59 -18.62
C MET A 350 -43.71 -4.09 -18.58
N ALA A 351 -44.59 -4.65 -19.42
CA ALA A 351 -44.79 -6.09 -19.54
C ALA A 351 -43.52 -6.70 -20.18
N ALA A 352 -42.84 -5.92 -21.07
CA ALA A 352 -41.58 -6.32 -21.70
C ALA A 352 -40.45 -6.33 -20.63
N LEU A 353 -40.41 -5.26 -19.78
CA LEU A 353 -39.45 -5.16 -18.69
C LEU A 353 -39.65 -6.30 -17.69
N GLU A 354 -40.89 -6.51 -17.27
CA GLU A 354 -41.29 -7.56 -16.33
C GLU A 354 -40.97 -8.96 -16.88
N ALA A 355 -41.19 -9.18 -18.21
CA ALA A 355 -40.90 -10.47 -18.87
C ALA A 355 -39.39 -10.78 -18.83
N LEU A 356 -38.55 -9.76 -18.91
CA LEU A 356 -37.12 -9.91 -18.86
C LEU A 356 -36.46 -9.73 -17.50
N PHE A 357 -37.24 -9.54 -16.46
CA PHE A 357 -36.71 -9.21 -15.15
C PHE A 357 -36.85 -10.35 -14.18
N PRO A 358 -35.87 -10.58 -13.34
CA PRO A 358 -34.55 -9.90 -13.31
C PRO A 358 -33.67 -10.48 -14.41
N ALA A 359 -32.56 -9.83 -14.78
CA ALA A 359 -31.65 -10.39 -15.78
C ALA A 359 -31.04 -11.72 -15.29
N VAL A 360 -30.81 -12.69 -16.21
CA VAL A 360 -30.18 -13.99 -15.92
C VAL A 360 -28.78 -13.74 -15.32
N THR A 361 -28.07 -12.74 -15.86
CA THR A 361 -26.75 -12.27 -15.44
C THR A 361 -26.61 -12.08 -13.94
N ALA A 362 -27.65 -11.62 -13.29
CA ALA A 362 -27.61 -11.36 -11.87
C ALA A 362 -28.59 -12.16 -11.04
N SER A 363 -29.26 -13.12 -11.64
CA SER A 363 -30.18 -13.97 -10.95
C SER A 363 -29.86 -15.46 -10.88
N GLY A 364 -30.29 -16.23 -11.86
CA GLY A 364 -30.02 -17.65 -11.93
C GLY A 364 -30.65 -18.42 -13.08
N ILE A 365 -30.27 -19.69 -13.21
CA ILE A 365 -30.89 -20.62 -14.16
C ILE A 365 -31.28 -21.94 -13.46
N PRO A 366 -32.56 -22.37 -13.48
CA PRO A 366 -33.75 -21.66 -13.98
C PRO A 366 -34.04 -20.44 -13.11
N LYS A 367 -34.52 -19.35 -13.74
CA LYS A 367 -34.85 -18.08 -13.08
C LYS A 367 -35.65 -18.19 -11.80
N ALA A 368 -36.74 -18.98 -11.82
CA ALA A 368 -37.60 -19.16 -10.65
C ALA A 368 -36.86 -19.71 -9.42
N ALA A 369 -36.03 -20.77 -9.62
CA ALA A 369 -35.24 -21.43 -8.57
C ALA A 369 -34.06 -20.58 -8.15
N GLY A 370 -33.47 -19.85 -9.10
CA GLY A 370 -32.35 -18.94 -8.89
C GLY A 370 -32.74 -17.77 -8.01
N VAL A 371 -33.87 -17.13 -8.34
CA VAL A 371 -34.45 -16.00 -7.61
C VAL A 371 -34.80 -16.43 -6.18
N GLU A 372 -35.45 -17.59 -6.03
CA GLU A 372 -35.83 -18.13 -4.72
C GLU A 372 -34.58 -18.40 -3.88
N ALA A 373 -33.51 -18.94 -4.49
CA ALA A 373 -32.24 -19.22 -3.81
C ALA A 373 -31.60 -17.93 -3.29
N ILE A 374 -31.72 -16.82 -4.05
CA ILE A 374 -31.21 -15.48 -3.69
C ILE A 374 -31.89 -14.99 -2.39
N PHE A 375 -33.21 -15.24 -2.22
CA PHE A 375 -33.95 -14.88 -1.02
C PHE A 375 -33.35 -15.54 0.23
N ARG A 376 -32.84 -16.78 0.07
CA ARG A 376 -32.29 -17.59 1.17
C ARG A 376 -30.79 -17.43 1.38
N LEU A 377 -30.04 -17.30 0.29
CA LEU A 377 -28.58 -17.27 0.33
C LEU A 377 -27.93 -15.92 0.09
N ASP A 378 -28.69 -14.86 -0.08
CA ASP A 378 -28.17 -13.52 -0.30
C ASP A 378 -28.77 -12.48 0.66
N GLU A 379 -28.09 -11.37 0.92
CA GLU A 379 -28.64 -10.35 1.82
C GLU A 379 -29.80 -9.69 1.07
N CYS A 380 -31.00 -9.85 1.60
CA CYS A 380 -32.24 -9.35 1.01
C CYS A 380 -32.97 -8.32 1.89
N PRO A 381 -33.67 -7.33 1.31
CA PRO A 381 -33.86 -7.07 -0.13
C PRO A 381 -32.60 -6.52 -0.80
N ARG A 382 -32.39 -6.85 -2.08
CA ARG A 382 -31.23 -6.37 -2.82
C ARG A 382 -31.37 -4.88 -3.15
N GLY A 383 -32.59 -4.44 -3.41
CA GLY A 383 -32.91 -3.05 -3.75
C GLY A 383 -32.44 -2.72 -5.15
N LEU A 384 -31.65 -1.66 -5.27
CA LEU A 384 -31.09 -1.19 -6.55
C LEU A 384 -30.18 -2.24 -7.17
N TYR A 385 -29.35 -2.93 -6.35
CA TYR A 385 -28.42 -3.95 -6.85
C TYR A 385 -29.11 -5.06 -7.62
N SER A 386 -28.65 -5.30 -8.88
CA SER A 386 -29.14 -6.31 -9.83
C SER A 386 -30.56 -5.97 -10.33
N GLY A 387 -31.02 -4.76 -10.03
CA GLY A 387 -32.28 -4.23 -10.52
C GLY A 387 -31.94 -3.43 -11.77
N ALA A 388 -32.66 -2.35 -12.04
CA ALA A 388 -32.38 -1.54 -13.22
C ALA A 388 -32.58 -0.07 -12.96
N VAL A 389 -31.88 0.77 -13.74
CA VAL A 389 -32.03 2.22 -13.76
C VAL A 389 -32.73 2.47 -15.11
N VAL A 390 -33.85 3.21 -15.09
CA VAL A 390 -34.72 3.40 -16.25
C VAL A 390 -34.92 4.85 -16.72
N MET A 391 -35.09 5.01 -18.03
CA MET A 391 -35.45 6.24 -18.72
C MET A 391 -36.64 5.89 -19.60
N LEU A 392 -37.77 6.58 -19.40
CA LEU A 392 -38.99 6.33 -20.18
C LEU A 392 -39.39 7.58 -20.96
N SER A 393 -40.07 7.42 -22.09
CA SER A 393 -40.49 8.53 -22.94
C SER A 393 -41.97 8.45 -23.25
N ALA A 394 -42.61 9.63 -23.44
CA ALA A 394 -44.04 9.75 -23.77
C ALA A 394 -44.41 9.00 -25.06
N ASP A 395 -43.45 8.88 -26.00
CA ASP A 395 -43.59 8.16 -27.27
C ASP A 395 -43.59 6.61 -27.13
N GLY A 396 -43.58 6.11 -25.89
CA GLY A 396 -43.58 4.68 -25.61
C GLY A 396 -42.19 4.08 -25.39
N GLY A 397 -41.17 4.92 -25.47
CA GLY A 397 -39.78 4.51 -25.25
C GLY A 397 -39.48 4.06 -23.82
N LEU A 398 -38.50 3.15 -23.71
CA LEU A 398 -37.98 2.60 -22.44
C LEU A 398 -36.54 2.16 -22.63
N ASP A 399 -35.67 2.56 -21.70
CA ASP A 399 -34.28 2.13 -21.69
C ASP A 399 -33.99 1.72 -20.25
N ALA A 400 -33.69 0.44 -20.04
CA ALA A 400 -33.44 -0.14 -18.73
C ALA A 400 -32.07 -0.80 -18.68
N ALA A 401 -31.16 -0.21 -17.90
CA ALA A 401 -29.80 -0.66 -17.70
C ALA A 401 -29.69 -1.51 -16.44
N LEU A 402 -28.98 -2.66 -16.49
CA LEU A 402 -28.79 -3.54 -15.35
C LEU A 402 -27.87 -2.90 -14.32
N THR A 403 -28.35 -2.80 -13.06
CA THR A 403 -27.57 -2.17 -11.98
C THR A 403 -26.58 -3.11 -11.34
N LEU A 404 -25.32 -3.00 -11.78
CA LEU A 404 -24.16 -3.72 -11.29
C LEU A 404 -23.03 -2.70 -11.41
N ARG A 405 -21.95 -2.90 -10.65
CA ARG A 405 -20.76 -2.00 -10.63
C ARG A 405 -21.23 -0.61 -10.20
N ALA A 406 -21.97 -0.59 -9.08
CA ALA A 406 -22.61 0.58 -8.51
C ALA A 406 -22.23 0.79 -7.05
N ALA A 407 -22.26 2.07 -6.63
CA ALA A 407 -21.99 2.50 -5.26
C ALA A 407 -23.29 3.09 -4.72
N TYR A 408 -23.56 2.92 -3.43
CA TYR A 408 -24.81 3.40 -2.82
C TYR A 408 -24.55 4.11 -1.52
N GLN A 409 -25.42 5.06 -1.20
CA GLN A 409 -25.39 5.77 0.09
C GLN A 409 -26.82 5.98 0.53
N VAL A 410 -27.17 5.35 1.64
CA VAL A 410 -28.51 5.42 2.24
C VAL A 410 -28.30 5.57 3.74
N GLY A 411 -28.85 6.65 4.29
CA GLY A 411 -28.70 7.03 5.69
C GLY A 411 -27.26 7.45 5.89
N GLY A 412 -26.62 6.90 6.91
CA GLY A 412 -25.20 7.17 7.12
C GLY A 412 -24.32 6.07 6.55
N ARG A 413 -24.92 5.11 5.82
CA ARG A 413 -24.27 3.94 5.23
C ARG A 413 -23.89 4.11 3.75
N THR A 414 -22.61 3.92 3.43
CA THR A 414 -22.06 3.93 2.09
C THR A 414 -21.54 2.52 1.82
N TRP A 415 -21.91 1.94 0.68
CA TRP A 415 -21.48 0.60 0.35
C TRP A 415 -21.40 0.30 -1.14
N LEU A 416 -20.64 -0.74 -1.42
CA LEU A 416 -20.44 -1.31 -2.73
C LEU A 416 -21.04 -2.72 -2.66
N ARG A 417 -21.41 -3.27 -3.80
CA ARG A 417 -21.97 -4.62 -3.84
C ARG A 417 -21.57 -5.34 -5.12
N ALA A 418 -21.00 -6.54 -4.98
CA ALA A 418 -20.60 -7.34 -6.13
C ALA A 418 -20.86 -8.80 -5.86
N GLY A 419 -21.14 -9.52 -6.93
CA GLY A 419 -21.44 -10.93 -6.86
C GLY A 419 -20.65 -11.73 -7.86
N ALA A 420 -21.05 -12.99 -8.03
CA ALA A 420 -20.43 -13.95 -8.95
C ALA A 420 -21.40 -15.09 -9.24
N GLY A 421 -21.37 -15.57 -10.47
CA GLY A 421 -22.17 -16.72 -10.92
C GLY A 421 -21.63 -18.01 -10.30
N ILE A 422 -22.51 -18.75 -9.61
CA ILE A 422 -22.17 -20.00 -8.93
C ILE A 422 -22.76 -21.17 -9.72
N ILE A 423 -21.89 -22.10 -10.11
CA ILE A 423 -22.23 -23.33 -10.82
C ILE A 423 -21.67 -24.52 -10.03
N GLU A 424 -21.99 -25.78 -10.44
CA GLU A 424 -21.54 -27.00 -9.76
C GLU A 424 -20.04 -27.00 -9.43
N GLU A 425 -19.23 -26.59 -10.42
CA GLU A 425 -17.76 -26.55 -10.40
C GLU A 425 -17.17 -25.45 -9.53
N SER A 426 -17.98 -24.44 -9.13
CA SER A 426 -17.53 -23.28 -8.34
C SER A 426 -16.85 -23.58 -7.01
N GLU A 427 -15.79 -22.81 -6.70
CA GLU A 427 -15.01 -22.93 -5.46
C GLU A 427 -15.17 -21.62 -4.65
N PRO A 428 -15.58 -21.70 -3.34
CA PRO A 428 -15.80 -20.46 -2.55
C PRO A 428 -14.67 -19.42 -2.55
N GLU A 429 -13.40 -19.86 -2.41
CA GLU A 429 -12.25 -18.97 -2.39
C GLU A 429 -12.03 -18.29 -3.75
N ARG A 430 -12.30 -19.01 -4.84
CA ARG A 430 -12.17 -18.47 -6.20
C ARG A 430 -13.27 -17.43 -6.45
N GLU A 431 -14.52 -17.73 -6.01
CA GLU A 431 -15.66 -16.85 -6.15
C GLU A 431 -15.46 -15.55 -5.37
N PHE A 432 -14.82 -15.62 -4.19
CA PHE A 432 -14.51 -14.45 -3.36
C PHE A 432 -13.54 -13.52 -4.10
N GLU A 433 -12.49 -14.08 -4.72
CA GLU A 433 -11.49 -13.33 -5.49
C GLU A 433 -12.17 -12.65 -6.69
N GLU A 434 -13.15 -13.34 -7.31
CA GLU A 434 -13.94 -12.81 -8.42
C GLU A 434 -14.74 -11.57 -7.96
N THR A 435 -15.27 -11.56 -6.72
CA THR A 435 -16.02 -10.41 -6.23
C THR A 435 -15.09 -9.21 -6.08
N CYS A 436 -13.85 -9.48 -5.59
CA CYS A 436 -12.77 -8.50 -5.45
C CYS A 436 -12.44 -7.86 -6.80
N GLU A 437 -12.43 -8.65 -7.88
CA GLU A 437 -12.17 -8.19 -9.25
C GLU A 437 -13.30 -7.30 -9.77
N LYS A 438 -14.56 -7.75 -9.54
CA LYS A 438 -15.77 -7.00 -9.91
C LYS A 438 -15.86 -5.70 -9.14
N LEU A 439 -15.44 -5.67 -7.86
CA LEU A 439 -15.39 -4.48 -7.01
C LEU A 439 -14.31 -3.48 -7.49
N SER A 440 -13.19 -3.98 -8.07
CA SER A 440 -12.06 -3.19 -8.62
C SER A 440 -12.46 -2.21 -9.71
N THR A 441 -13.71 -2.30 -10.19
CA THR A 441 -14.31 -1.39 -11.16
C THR A 441 -14.59 -0.05 -10.44
N LEU A 442 -14.76 -0.09 -9.11
CA LEU A 442 -15.05 1.09 -8.28
C LEU A 442 -14.00 1.39 -7.21
N THR A 443 -13.48 0.34 -6.54
CA THR A 443 -12.53 0.45 -5.43
C THR A 443 -11.34 1.43 -5.62
N PRO A 444 -10.69 1.52 -6.81
CA PRO A 444 -9.58 2.49 -6.94
C PRO A 444 -10.05 3.92 -7.24
N TYR A 445 -11.38 4.14 -7.40
CA TYR A 445 -11.92 5.44 -7.81
C TYR A 445 -12.83 6.19 -6.86
N LEU A 446 -12.78 5.83 -5.58
CA LEU A 446 -13.61 6.46 -4.55
C LEU A 446 -13.04 7.79 -4.05
N VAL A 447 -13.66 8.90 -4.43
CA VAL A 447 -13.28 10.24 -4.01
C VAL A 447 -14.04 10.57 -2.71
N ALA A 448 -13.32 10.80 -1.60
CA ALA A 448 -13.92 11.13 -0.31
C ALA A 448 -14.59 12.51 -0.34
N ARG A 449 -15.67 12.67 0.44
CA ARG A 449 -16.40 13.94 0.53
C ARG A 449 -15.53 14.94 1.28
N GLN A 450 -15.30 16.14 0.69
CA GLN A 450 -14.48 17.18 1.31
C GLN A 450 -15.33 18.36 1.78
N SER B 15 12.36 -10.92 4.45
CA SER B 15 11.40 -10.46 3.45
C SER B 15 9.95 -10.49 3.99
N SER B 16 9.19 -9.41 3.76
CA SER B 16 7.78 -9.30 4.13
C SER B 16 6.90 -9.12 2.89
N SER B 17 5.59 -9.31 3.02
CA SER B 17 4.66 -9.26 1.89
C SER B 17 3.37 -8.50 2.19
N ILE B 18 2.77 -7.92 1.14
CA ILE B 18 1.50 -7.17 1.17
C ILE B 18 0.75 -7.65 -0.07
N PRO B 19 -0.51 -8.13 0.05
CA PRO B 19 -1.25 -8.51 -1.17
C PRO B 19 -1.54 -7.28 -2.05
N MET B 20 -1.46 -7.47 -3.36
CA MET B 20 -1.68 -6.40 -4.35
C MET B 20 -3.17 -6.05 -4.43
N PRO B 21 -3.54 -4.75 -4.32
CA PRO B 21 -4.96 -4.39 -4.46
C PRO B 21 -5.47 -4.69 -5.89
N ALA B 22 -6.73 -5.17 -6.00
CA ALA B 22 -7.28 -5.48 -7.33
C ALA B 22 -7.58 -4.20 -8.10
N GLY B 23 -7.46 -4.27 -9.44
CA GLY B 23 -7.69 -3.15 -10.33
C GLY B 23 -6.58 -2.11 -10.36
N VAL B 24 -5.41 -2.48 -9.80
CA VAL B 24 -4.23 -1.62 -9.77
C VAL B 24 -3.16 -2.26 -10.65
N ASN B 25 -2.69 -1.54 -11.68
CA ASN B 25 -1.65 -2.06 -12.56
C ASN B 25 -0.28 -2.01 -11.84
N PRO B 26 0.49 -3.12 -11.73
CA PRO B 26 1.79 -3.06 -11.03
C PRO B 26 2.79 -2.01 -11.54
N ALA B 27 2.78 -1.69 -12.86
CA ALA B 27 3.66 -0.68 -13.46
C ALA B 27 3.34 0.72 -12.92
N ASP B 28 2.04 1.00 -12.75
CA ASP B 28 1.53 2.27 -12.23
C ASP B 28 1.85 2.43 -10.75
N LEU B 29 1.68 1.36 -9.96
CA LEU B 29 1.95 1.38 -8.52
C LEU B 29 3.44 1.47 -8.22
N ALA B 30 4.27 0.72 -8.98
CA ALA B 30 5.72 0.72 -8.81
C ALA B 30 6.31 2.09 -9.15
N ALA B 31 5.81 2.76 -10.21
CA ALA B 31 6.24 4.10 -10.61
C ALA B 31 5.78 5.14 -9.60
N GLU B 32 4.56 4.98 -9.03
CA GLU B 32 4.02 5.88 -8.01
C GLU B 32 4.82 5.78 -6.75
N LEU B 33 5.27 4.57 -6.41
CA LEU B 33 6.12 4.35 -5.26
C LEU B 33 7.48 5.01 -5.46
N ALA B 34 8.01 5.01 -6.69
CA ALA B 34 9.28 5.70 -7.00
C ALA B 34 9.09 7.21 -6.76
N ALA B 35 7.96 7.76 -7.23
CA ALA B 35 7.64 9.17 -7.01
C ALA B 35 7.46 9.49 -5.51
N VAL B 36 6.68 8.66 -4.76
CA VAL B 36 6.37 8.80 -3.33
C VAL B 36 7.63 8.81 -2.47
N VAL B 37 8.49 7.79 -2.64
CA VAL B 37 9.75 7.63 -1.90
C VAL B 37 10.78 8.74 -2.19
N THR B 38 10.80 9.27 -3.42
CA THR B 38 11.66 10.39 -3.85
C THR B 38 11.23 11.64 -3.10
N GLU B 39 9.93 11.86 -3.02
CA GLU B 39 9.28 12.97 -2.34
C GLU B 39 9.62 12.94 -0.84
N SER B 40 9.52 11.77 -0.20
CA SER B 40 9.82 11.72 1.21
C SER B 40 11.31 11.69 1.54
N VAL B 41 12.07 10.71 1.03
CA VAL B 41 13.46 10.54 1.42
C VAL B 41 14.53 11.16 0.53
N ASP B 42 14.15 11.63 -0.66
CA ASP B 42 15.06 12.28 -1.61
C ASP B 42 16.30 11.40 -1.92
N GLU B 43 16.06 10.14 -2.27
CA GLU B 43 17.12 9.17 -2.56
C GLU B 43 17.18 8.76 -4.04
N ASP B 44 18.33 8.20 -4.45
CA ASP B 44 18.47 7.70 -5.81
C ASP B 44 17.79 6.32 -5.87
N TYR B 45 17.39 5.90 -7.08
CA TYR B 45 16.71 4.62 -7.25
C TYR B 45 16.81 4.15 -8.68
N LEU B 46 16.46 2.87 -8.87
CA LEU B 46 16.36 2.24 -10.18
C LEU B 46 15.17 1.28 -10.08
N LEU B 47 14.21 1.45 -10.97
CA LEU B 47 13.05 0.57 -11.10
C LEU B 47 13.27 -0.28 -12.35
N TYR B 48 13.27 -1.59 -12.20
CA TYR B 48 13.48 -2.50 -13.31
C TYR B 48 12.30 -3.48 -13.45
N GLU B 49 11.70 -3.53 -14.65
CA GLU B 49 10.63 -4.50 -14.94
C GLU B 49 11.23 -5.74 -15.62
N CYS B 50 11.06 -6.91 -15.00
CA CYS B 50 11.58 -8.19 -15.47
C CYS B 50 10.57 -9.31 -15.19
N ASP B 51 9.94 -9.84 -16.27
CA ASP B 51 8.98 -10.97 -16.24
C ASP B 51 7.87 -10.83 -15.21
N GLY B 52 7.09 -9.75 -15.33
CA GLY B 52 5.97 -9.45 -14.43
C GLY B 52 6.33 -8.91 -13.06
N GLN B 53 7.63 -8.79 -12.74
CA GLN B 53 8.11 -8.23 -11.47
C GLN B 53 8.72 -6.85 -11.74
N TRP B 54 8.26 -5.84 -11.00
CA TRP B 54 8.78 -4.48 -11.08
C TRP B 54 9.59 -4.32 -9.81
N VAL B 55 10.92 -4.38 -9.94
CA VAL B 55 11.83 -4.28 -8.80
C VAL B 55 12.30 -2.88 -8.60
N LEU B 56 11.90 -2.27 -7.46
CA LEU B 56 12.33 -0.93 -7.11
C LEU B 56 13.54 -1.05 -6.19
N ALA B 57 14.72 -0.73 -6.71
CA ALA B 57 15.98 -0.74 -5.95
C ALA B 57 16.11 0.68 -5.40
N ALA B 58 15.77 0.87 -4.12
CA ALA B 58 15.72 2.18 -3.49
C ALA B 58 16.88 2.50 -2.56
N GLY B 59 17.49 3.66 -2.80
CA GLY B 59 18.64 4.14 -2.03
C GLY B 59 19.93 3.47 -2.44
N VAL B 60 21.06 4.14 -2.24
CA VAL B 60 22.37 3.62 -2.62
C VAL B 60 23.13 3.24 -1.36
N GLN B 61 23.29 1.94 -1.11
CA GLN B 61 24.07 1.52 0.04
C GLN B 61 25.55 1.62 -0.34
N ALA B 62 25.89 1.13 -1.55
CA ALA B 62 27.25 1.18 -2.10
C ALA B 62 27.17 1.30 -3.61
N MET B 63 28.08 2.08 -4.20
CA MET B 63 28.09 2.35 -5.63
C MET B 63 29.43 1.98 -6.25
N VAL B 64 29.37 1.26 -7.37
CA VAL B 64 30.53 0.90 -8.20
C VAL B 64 30.46 1.80 -9.44
N GLU B 65 31.50 2.63 -9.63
CA GLU B 65 31.61 3.49 -10.80
C GLU B 65 32.79 3.01 -11.63
N LEU B 66 32.52 2.42 -12.80
CA LEU B 66 33.57 2.00 -13.70
C LEU B 66 33.70 3.01 -14.83
N ASP B 67 34.86 3.66 -14.88
CA ASP B 67 35.25 4.61 -15.90
C ASP B 67 36.39 4.02 -16.68
N SER B 68 36.66 4.60 -17.84
CA SER B 68 37.74 4.17 -18.74
C SER B 68 39.11 4.09 -18.04
N ASP B 69 39.38 5.01 -17.12
CA ASP B 69 40.66 5.15 -16.43
C ASP B 69 40.70 4.79 -14.94
N GLU B 70 39.54 4.50 -14.34
CA GLU B 70 39.45 4.21 -12.91
C GLU B 70 38.15 3.46 -12.56
N LEU B 71 38.21 2.62 -11.50
CA LEU B 71 37.05 1.99 -10.84
C LEU B 71 36.96 2.64 -9.44
N ARG B 72 35.79 3.10 -9.05
CA ARG B 72 35.55 3.68 -7.73
C ARG B 72 34.47 2.92 -7.04
N VAL B 73 34.64 2.71 -5.72
CA VAL B 73 33.61 2.12 -4.84
C VAL B 73 33.30 3.20 -3.78
N ILE B 74 32.07 3.71 -3.78
CA ILE B 74 31.60 4.77 -2.88
C ILE B 74 30.57 4.22 -1.92
N ARG B 75 30.86 4.36 -0.65
CA ARG B 75 30.01 3.93 0.41
C ARG B 75 30.06 4.91 1.55
N ASP B 76 28.91 5.47 1.92
CA ASP B 76 28.74 6.46 2.98
C ASP B 76 29.67 7.70 2.79
N GLY B 77 29.68 8.23 1.56
CA GLY B 77 30.51 9.38 1.17
C GLY B 77 32.02 9.12 1.05
N VAL B 78 32.49 7.91 1.45
CA VAL B 78 33.91 7.51 1.36
C VAL B 78 34.16 6.88 -0.03
N THR B 79 35.05 7.50 -0.83
CA THR B 79 35.42 7.01 -2.14
C THR B 79 36.72 6.20 -2.11
N ARG B 80 36.64 4.90 -2.46
CA ARG B 80 37.80 4.02 -2.58
C ARG B 80 38.08 3.84 -4.11
N ARG B 81 39.24 4.37 -4.58
CA ARG B 81 39.64 4.38 -5.99
C ARG B 81 40.55 3.22 -6.31
N GLN B 82 40.37 2.65 -7.50
CA GLN B 82 41.14 1.50 -7.95
C GLN B 82 41.55 1.68 -9.38
N GLN B 83 42.76 1.25 -9.65
CA GLN B 83 43.32 1.23 -10.99
C GLN B 83 42.94 -0.13 -11.54
N TRP B 84 42.60 -0.18 -12.83
CA TRP B 84 42.27 -1.47 -13.39
C TRP B 84 42.88 -1.57 -14.76
N SER B 85 43.20 -2.79 -15.16
CA SER B 85 43.77 -3.10 -16.47
C SER B 85 43.07 -4.33 -17.03
N GLY B 86 43.24 -4.57 -18.32
CA GLY B 86 42.64 -5.71 -19.00
C GLY B 86 41.19 -5.46 -19.41
N ARG B 87 40.37 -6.50 -19.29
CA ARG B 87 38.96 -6.48 -19.66
C ARG B 87 38.10 -5.69 -18.66
N PRO B 88 37.20 -4.78 -19.13
CA PRO B 88 36.34 -4.04 -18.19
C PRO B 88 35.34 -4.90 -17.42
N GLY B 89 34.92 -6.01 -18.02
CA GLY B 89 34.00 -6.98 -17.43
C GLY B 89 34.58 -7.66 -16.20
N ALA B 90 35.90 -7.93 -16.24
CA ALA B 90 36.65 -8.52 -15.13
C ALA B 90 36.71 -7.53 -13.97
N ALA B 91 37.00 -6.24 -14.27
CA ALA B 91 37.07 -5.18 -13.28
C ALA B 91 35.70 -4.91 -12.66
N LEU B 92 34.64 -4.89 -13.50
CA LEU B 92 33.27 -4.66 -13.03
C LEU B 92 32.78 -5.86 -12.21
N GLY B 93 33.02 -7.06 -12.71
CA GLY B 93 32.65 -8.32 -12.06
C GLY B 93 33.22 -8.47 -10.68
N GLU B 94 34.51 -8.19 -10.51
CA GLU B 94 35.22 -8.27 -9.23
C GLU B 94 34.60 -7.35 -8.19
N ALA B 95 34.33 -6.08 -8.55
CA ALA B 95 33.72 -5.07 -7.68
C ALA B 95 32.26 -5.40 -7.36
N VAL B 96 31.48 -5.82 -8.37
CA VAL B 96 30.07 -6.19 -8.22
C VAL B 96 29.91 -7.45 -7.33
N ASP B 97 30.83 -8.45 -7.47
CA ASP B 97 30.81 -9.68 -6.64
C ASP B 97 30.99 -9.36 -5.16
N ARG B 98 31.78 -8.32 -4.85
CA ARG B 98 32.02 -7.83 -3.49
C ARG B 98 30.74 -7.19 -2.91
N LEU B 99 29.98 -6.43 -3.73
CA LEU B 99 28.70 -5.81 -3.31
C LEU B 99 27.71 -6.91 -2.95
N LEU B 100 27.72 -8.01 -3.74
CA LEU B 100 26.84 -9.16 -3.60
C LEU B 100 27.12 -10.09 -2.43
N LEU B 101 28.21 -9.85 -1.70
CA LEU B 101 28.54 -10.59 -0.46
C LEU B 101 27.67 -10.00 0.66
N GLU B 102 27.31 -8.70 0.55
CA GLU B 102 26.52 -7.93 1.51
C GLU B 102 25.02 -7.89 1.21
N THR B 103 24.62 -7.79 -0.08
CA THR B 103 23.22 -7.73 -0.50
C THR B 103 22.92 -8.79 -1.56
N ASP B 104 21.64 -9.21 -1.66
CA ASP B 104 21.17 -10.23 -2.60
C ASP B 104 21.22 -9.77 -4.06
N GLN B 105 20.94 -8.49 -4.32
CA GLN B 105 20.89 -7.93 -5.66
C GLN B 105 21.63 -6.60 -5.82
N ALA B 106 22.06 -6.32 -7.07
CA ALA B 106 22.74 -5.10 -7.50
C ALA B 106 22.11 -4.66 -8.83
N PHE B 107 22.04 -3.36 -9.08
CA PHE B 107 21.36 -2.79 -10.25
C PHE B 107 22.17 -1.67 -10.84
N GLY B 108 21.94 -1.38 -12.11
CA GLY B 108 22.61 -0.25 -12.73
C GLY B 108 22.49 -0.22 -14.23
N TRP B 109 23.40 0.53 -14.84
CA TRP B 109 23.48 0.66 -16.27
C TRP B 109 24.92 0.47 -16.72
N VAL B 110 25.06 -0.05 -17.93
CA VAL B 110 26.32 -0.30 -18.60
C VAL B 110 26.27 0.56 -19.87
N ALA B 111 27.30 1.39 -20.10
CA ALA B 111 27.35 2.26 -21.27
C ALA B 111 27.67 1.47 -22.52
N PHE B 112 27.35 2.05 -23.71
CA PHE B 112 27.75 1.47 -25.00
C PHE B 112 29.29 1.28 -25.00
N GLU B 113 30.00 2.23 -24.39
CA GLU B 113 31.48 2.29 -24.30
C GLU B 113 32.15 1.13 -23.57
N PHE B 114 31.39 0.40 -22.78
CA PHE B 114 31.89 -0.80 -22.08
C PHE B 114 32.27 -1.91 -23.09
N GLY B 115 31.66 -1.90 -24.27
CA GLY B 115 31.94 -2.90 -25.30
C GLY B 115 33.04 -2.56 -26.30
N VAL B 116 33.75 -1.43 -26.11
CA VAL B 116 34.79 -0.97 -27.05
C VAL B 116 36.17 -1.60 -26.86
N HIS B 117 36.50 -2.00 -25.61
CA HIS B 117 37.78 -2.63 -25.27
C HIS B 117 37.96 -3.92 -26.10
N ARG B 118 36.91 -4.76 -26.19
CA ARG B 118 36.84 -6.01 -26.96
C ARG B 118 37.35 -5.82 -28.41
N TYR B 119 37.08 -4.62 -28.97
CA TYR B 119 37.42 -4.24 -30.33
C TYR B 119 38.61 -3.29 -30.43
N GLY B 120 39.41 -3.25 -29.36
CA GLY B 120 40.61 -2.43 -29.26
C GLY B 120 40.46 -0.94 -29.50
N LEU B 121 39.30 -0.34 -29.12
CA LEU B 121 39.09 1.08 -29.36
C LEU B 121 39.08 1.92 -28.08
N GLN B 122 39.54 1.31 -26.96
CA GLN B 122 39.61 1.94 -25.63
C GLN B 122 40.44 3.21 -25.60
N GLN B 123 41.52 3.29 -26.42
CA GLN B 123 42.39 4.47 -26.47
C GLN B 123 41.66 5.72 -27.01
N ARG B 124 40.56 5.51 -27.75
CA ARG B 124 39.74 6.58 -28.32
C ARG B 124 38.87 7.28 -27.28
N LEU B 125 38.66 6.63 -26.14
CA LEU B 125 37.84 7.20 -25.07
C LEU B 125 38.59 8.29 -24.34
N ALA B 126 37.91 9.40 -24.09
CA ALA B 126 38.40 10.54 -23.33
C ALA B 126 38.60 10.07 -21.88
N PRO B 127 39.46 10.75 -21.06
CA PRO B 127 39.59 10.32 -19.67
C PRO B 127 38.26 10.51 -18.94
N HIS B 128 38.02 9.75 -17.86
CA HIS B 128 36.78 9.78 -17.05
C HIS B 128 35.52 9.37 -17.85
N THR B 129 35.68 8.56 -18.90
CA THR B 129 34.52 8.10 -19.70
C THR B 129 33.76 7.03 -18.90
N PRO B 130 32.47 7.26 -18.57
CA PRO B 130 31.70 6.23 -17.86
C PRO B 130 31.51 4.93 -18.67
N LEU B 131 31.75 3.78 -18.03
CA LEU B 131 31.54 2.48 -18.66
C LEU B 131 30.35 1.77 -18.00
N ALA B 132 30.23 1.91 -16.66
CA ALA B 132 29.14 1.27 -15.89
C ALA B 132 28.97 1.93 -14.54
N ARG B 133 27.72 1.91 -14.04
CA ARG B 133 27.33 2.40 -12.71
C ARG B 133 26.47 1.32 -12.12
N VAL B 134 26.98 0.57 -11.12
CA VAL B 134 26.22 -0.52 -10.50
C VAL B 134 26.18 -0.30 -8.99
N PHE B 135 24.99 -0.38 -8.41
CA PHE B 135 24.82 -0.14 -6.99
C PHE B 135 24.07 -1.23 -6.28
N SER B 136 24.40 -1.42 -5.01
CA SER B 136 23.67 -2.33 -4.12
C SER B 136 22.64 -1.41 -3.41
N PRO B 137 21.30 -1.67 -3.51
CA PRO B 137 20.32 -0.76 -2.87
C PRO B 137 20.23 -0.93 -1.36
N ARG B 138 19.65 0.05 -0.68
CA ARG B 138 19.42 -0.05 0.76
C ARG B 138 18.15 -0.88 1.00
N THR B 139 17.15 -0.71 0.11
CA THR B 139 15.83 -1.32 0.18
C THR B 139 15.41 -1.79 -1.21
N ARG B 140 14.56 -2.84 -1.26
CA ARG B 140 13.94 -3.37 -2.48
C ARG B 140 12.46 -3.60 -2.28
N ILE B 141 11.65 -3.06 -3.19
CA ILE B 141 10.21 -3.25 -3.21
C ILE B 141 9.89 -3.92 -4.55
N MET B 142 9.35 -5.13 -4.50
CA MET B 142 9.01 -5.89 -5.71
C MET B 142 7.51 -5.86 -5.91
N VAL B 143 7.05 -5.29 -7.02
CA VAL B 143 5.64 -5.15 -7.34
C VAL B 143 5.28 -6.06 -8.54
N SER B 144 4.28 -6.93 -8.34
CA SER B 144 3.73 -7.85 -9.33
C SER B 144 2.20 -7.82 -9.24
N GLU B 145 1.51 -8.54 -10.14
CA GLU B 145 0.04 -8.63 -10.13
C GLU B 145 -0.48 -9.28 -8.84
N LYS B 146 0.29 -10.23 -8.29
CA LYS B 146 -0.01 -11.01 -7.10
C LYS B 146 0.24 -10.27 -5.79
N GLU B 147 1.45 -9.69 -5.61
CA GLU B 147 1.83 -9.07 -4.35
C GLU B 147 2.87 -7.96 -4.46
N ILE B 148 3.18 -7.37 -3.29
CA ILE B 148 4.19 -6.35 -3.04
C ILE B 148 5.11 -6.99 -2.00
N ARG B 149 6.39 -7.17 -2.33
CA ARG B 149 7.36 -7.76 -1.41
C ARG B 149 8.36 -6.69 -0.98
N LEU B 150 8.63 -6.61 0.34
CA LEU B 150 9.53 -5.63 0.94
C LEU B 150 10.79 -6.31 1.44
N PHE B 151 11.95 -5.75 1.03
CA PHE B 151 13.25 -6.27 1.45
C PHE B 151 14.02 -5.13 2.09
N ASP B 152 14.42 -5.30 3.37
CA ASP B 152 15.20 -4.34 4.16
C ASP B 152 14.59 -2.93 4.16
N ALA B 153 13.26 -2.85 4.28
CA ALA B 153 12.51 -1.59 4.29
C ALA B 153 12.45 -0.94 5.69
N GLY B 154 13.06 0.24 5.81
CA GLY B 154 13.08 1.04 7.03
C GLY B 154 11.74 1.70 7.28
N ILE B 155 11.59 2.37 8.44
CA ILE B 155 10.33 3.02 8.86
C ILE B 155 9.75 3.99 7.84
N ARG B 156 10.60 4.87 7.28
CA ARG B 156 10.19 5.87 6.28
C ARG B 156 9.64 5.23 5.03
N HIS B 157 10.30 4.16 4.53
CA HIS B 157 9.89 3.39 3.37
C HIS B 157 8.57 2.65 3.61
N ARG B 158 8.42 2.03 4.81
CA ARG B 158 7.19 1.32 5.20
CA ARG B 158 7.17 1.33 5.17
C ARG B 158 6.01 2.30 5.23
N GLU B 159 6.21 3.48 5.87
CA GLU B 159 5.21 4.56 5.96
C GLU B 159 4.85 5.13 4.58
N ALA B 160 5.81 5.10 3.64
CA ALA B 160 5.61 5.57 2.25
C ALA B 160 4.74 4.59 1.47
N ILE B 161 4.94 3.27 1.68
CA ILE B 161 4.12 2.25 1.06
C ILE B 161 2.68 2.34 1.60
N ASP B 162 2.53 2.49 2.95
CA ASP B 162 1.23 2.63 3.62
C ASP B 162 0.43 3.80 3.09
N ARG B 163 1.08 4.96 2.95
CA ARG B 163 0.51 6.19 2.43
C ARG B 163 0.09 6.01 0.98
N LEU B 164 0.93 5.32 0.18
CA LEU B 164 0.67 5.04 -1.22
C LEU B 164 -0.53 4.12 -1.39
N LEU B 165 -0.58 3.02 -0.63
CA LEU B 165 -1.68 2.07 -0.72
C LEU B 165 -3.01 2.66 -0.24
N ALA B 166 -2.97 3.70 0.64
CA ALA B 166 -4.14 4.38 1.21
C ALA B 166 -4.84 5.35 0.25
N THR B 167 -4.13 5.79 -0.78
CA THR B 167 -4.66 6.70 -1.79
C THR B 167 -4.59 5.99 -3.13
N GLY B 168 -5.38 6.45 -4.10
CA GLY B 168 -5.30 5.87 -5.43
C GLY B 168 -4.13 6.48 -6.17
N VAL B 169 -3.54 5.72 -7.11
CA VAL B 169 -2.46 6.23 -7.97
C VAL B 169 -2.97 7.53 -8.60
N ARG B 170 -2.07 8.50 -8.83
CA ARG B 170 -2.44 9.79 -9.45
C ARG B 170 -2.92 9.55 -10.88
N GLU B 171 -3.81 10.43 -11.35
CA GLU B 171 -4.25 10.41 -12.73
C GLU B 171 -3.09 10.97 -13.53
N VAL B 172 -2.77 10.35 -14.68
CA VAL B 172 -1.67 10.83 -15.51
C VAL B 172 -2.13 12.06 -16.30
N PRO B 173 -1.48 13.23 -16.13
CA PRO B 173 -1.90 14.43 -16.89
C PRO B 173 -1.71 14.24 -18.38
N GLN B 174 -2.33 15.12 -19.18
CA GLN B 174 -2.20 15.11 -20.63
C GLN B 174 -0.73 15.37 -20.97
N SER B 175 -0.23 14.70 -22.01
CA SER B 175 1.15 14.88 -22.45
C SER B 175 1.35 16.20 -23.21
N ARG B 176 2.61 16.64 -23.32
CA ARG B 176 2.99 17.85 -24.05
C ARG B 176 3.86 17.43 -25.22
N SER B 177 3.48 17.90 -26.41
CA SER B 177 4.11 17.54 -27.66
C SER B 177 5.50 18.11 -27.86
N VAL B 178 6.29 17.42 -28.70
CA VAL B 178 7.65 17.78 -29.04
C VAL B 178 7.89 17.67 -30.54
N ASP B 179 8.70 18.60 -31.10
CA ASP B 179 9.05 18.62 -32.51
C ASP B 179 10.28 17.77 -32.75
N VAL B 180 10.18 16.79 -33.67
CA VAL B 180 11.27 15.89 -34.03
C VAL B 180 11.75 16.11 -35.49
N SER B 181 11.12 17.06 -36.16
CA SER B 181 11.35 17.31 -37.55
C SER B 181 12.72 17.90 -37.93
N ASP B 182 13.35 18.65 -37.04
CA ASP B 182 14.63 19.29 -37.30
C ASP B 182 15.81 18.32 -37.24
N ASP B 183 16.95 18.68 -37.77
CA ASP B 183 18.08 17.76 -37.83
C ASP B 183 19.39 18.48 -37.53
N PRO B 184 19.49 19.03 -36.33
CA PRO B 184 20.71 19.79 -35.96
C PRO B 184 22.03 19.02 -35.94
N SER B 185 22.00 17.68 -35.80
CA SER B 185 23.22 16.86 -35.76
C SER B 185 23.67 16.36 -37.15
N GLY B 186 22.89 16.70 -38.18
CA GLY B 186 23.15 16.32 -39.56
C GLY B 186 23.10 14.83 -39.80
N PHE B 187 22.06 14.17 -39.22
CA PHE B 187 21.84 12.73 -39.35
C PHE B 187 21.81 12.27 -40.83
N ARG B 188 21.11 13.04 -41.68
CA ARG B 188 21.00 12.77 -43.12
C ARG B 188 22.36 12.72 -43.81
N ARG B 189 23.22 13.72 -43.52
CA ARG B 189 24.57 13.78 -44.08
C ARG B 189 25.42 12.62 -43.58
N ARG B 190 25.32 12.30 -42.29
CA ARG B 190 26.07 11.21 -41.66
C ARG B 190 25.66 9.84 -42.18
N VAL B 191 24.35 9.66 -42.57
CA VAL B 191 23.83 8.43 -43.18
C VAL B 191 24.48 8.26 -44.57
N ALA B 192 24.50 9.35 -45.38
CA ALA B 192 25.12 9.39 -46.71
C ALA B 192 26.58 8.93 -46.66
N VAL B 193 27.33 9.39 -45.65
CA VAL B 193 28.75 9.01 -45.44
C VAL B 193 28.85 7.52 -45.15
N ALA B 194 28.00 6.98 -44.24
CA ALA B 194 27.96 5.56 -43.87
C ALA B 194 27.66 4.69 -45.10
N VAL B 195 26.68 5.10 -45.94
CA VAL B 195 26.28 4.47 -47.20
C VAL B 195 27.47 4.31 -48.15
N ASP B 196 28.30 5.37 -48.30
CA ASP B 196 29.50 5.40 -49.14
C ASP B 196 30.57 4.46 -48.62
N GLU B 197 30.73 4.39 -47.28
CA GLU B 197 31.68 3.50 -46.62
C GLU B 197 31.28 2.02 -46.81
N ILE B 198 29.96 1.73 -46.79
CA ILE B 198 29.40 0.39 -47.01
C ILE B 198 29.66 -0.02 -48.49
N ALA B 199 29.36 0.89 -49.44
CA ALA B 199 29.59 0.71 -50.88
C ALA B 199 31.07 0.43 -51.18
N ALA B 200 31.99 1.07 -50.42
CA ALA B 200 33.44 0.87 -50.54
C ALA B 200 33.93 -0.39 -49.80
N GLY B 201 32.99 -1.15 -49.23
CA GLY B 201 33.23 -2.40 -48.53
C GLY B 201 33.93 -2.33 -47.18
N ARG B 202 33.83 -1.18 -46.47
CA ARG B 202 34.44 -1.03 -45.14
C ARG B 202 33.73 -1.93 -44.10
N TYR B 203 32.39 -2.01 -44.20
CA TYR B 203 31.48 -2.80 -43.35
C TYR B 203 30.15 -3.03 -44.10
N HIS B 204 29.28 -3.93 -43.59
CA HIS B 204 27.98 -4.24 -44.17
C HIS B 204 26.84 -3.41 -43.55
N LYS B 205 26.86 -3.22 -42.21
CA LYS B 205 25.81 -2.47 -41.51
C LYS B 205 26.38 -1.63 -40.36
N VAL B 206 25.68 -0.52 -40.05
CA VAL B 206 25.98 0.39 -38.93
C VAL B 206 24.70 1.08 -38.48
N ILE B 207 24.53 1.19 -37.16
CA ILE B 207 23.39 1.92 -36.61
C ILE B 207 23.89 3.34 -36.26
N LEU B 208 23.29 4.35 -36.86
CA LEU B 208 23.59 5.74 -36.54
C LEU B 208 22.36 6.35 -35.89
N SER B 209 22.55 7.32 -35.00
CA SER B 209 21.46 7.93 -34.24
C SER B 209 21.46 9.45 -34.24
N ARG B 210 20.43 10.03 -33.65
CA ARG B 210 20.29 11.47 -33.46
C ARG B 210 19.61 11.75 -32.14
N CYS B 211 20.06 12.79 -31.47
CA CYS B 211 19.45 13.27 -30.24
C CYS B 211 18.37 14.26 -30.59
N VAL B 212 17.30 14.27 -29.81
CA VAL B 212 16.21 15.22 -29.96
C VAL B 212 16.00 15.88 -28.59
N GLU B 213 16.29 17.17 -28.52
CA GLU B 213 16.16 17.96 -27.29
C GLU B 213 14.71 18.18 -26.94
N VAL B 214 14.34 17.92 -25.67
CA VAL B 214 13.00 18.16 -25.18
C VAL B 214 13.07 19.57 -24.56
N PRO B 215 12.34 20.58 -25.11
CA PRO B 215 12.49 21.96 -24.59
C PRO B 215 11.85 22.26 -23.23
N PHE B 216 11.32 21.24 -22.58
CA PHE B 216 10.69 21.37 -21.26
C PHE B 216 11.10 20.21 -20.35
N ALA B 217 11.04 20.45 -19.04
CA ALA B 217 11.35 19.43 -18.03
C ALA B 217 10.19 18.44 -17.97
N ILE B 218 10.49 17.14 -17.97
CA ILE B 218 9.46 16.12 -17.92
C ILE B 218 9.40 15.46 -16.54
N ASP B 219 8.24 14.90 -16.20
CA ASP B 219 8.07 14.14 -14.96
C ASP B 219 8.36 12.70 -15.38
N PHE B 220 9.51 12.18 -14.96
CA PHE B 220 9.96 10.83 -15.32
C PHE B 220 9.02 9.70 -14.88
N PRO B 221 8.58 9.60 -13.59
CA PRO B 221 7.64 8.50 -13.23
C PRO B 221 6.30 8.57 -13.97
N LEU B 222 5.75 9.79 -14.18
CA LEU B 222 4.47 9.96 -14.90
C LEU B 222 4.59 9.67 -16.40
N THR B 223 5.70 10.12 -17.03
CA THR B 223 5.98 9.81 -18.45
C THR B 223 6.15 8.30 -18.58
N TYR B 224 6.87 7.66 -17.60
CA TYR B 224 7.06 6.22 -17.64
C TYR B 224 5.72 5.48 -17.67
N ARG B 225 4.80 5.87 -16.78
CA ARG B 225 3.45 5.30 -16.67
C ARG B 225 2.67 5.44 -17.98
N LEU B 226 2.67 6.64 -18.58
CA LEU B 226 1.97 6.90 -19.82
C LEU B 226 2.51 6.05 -21.00
N GLY B 227 3.83 6.07 -21.22
CA GLY B 227 4.46 5.30 -22.29
C GLY B 227 4.34 3.80 -22.10
N ARG B 228 4.32 3.33 -20.84
CA ARG B 228 4.20 1.91 -20.52
C ARG B 228 2.82 1.33 -20.90
N ARG B 229 1.76 2.15 -20.86
CA ARG B 229 0.41 1.72 -21.25
C ARG B 229 0.41 1.45 -22.77
N HIS B 230 1.21 2.23 -23.52
CA HIS B 230 1.31 2.18 -24.98
C HIS B 230 2.54 1.51 -25.56
N ASN B 231 3.18 0.62 -24.78
CA ASN B 231 4.36 -0.13 -25.20
C ASN B 231 4.38 -1.47 -24.52
N THR B 232 4.87 -2.47 -25.24
CA THR B 232 4.99 -3.84 -24.74
C THR B 232 6.46 -4.23 -24.89
N PRO B 233 7.32 -3.85 -23.91
CA PRO B 233 8.75 -4.12 -24.07
C PRO B 233 9.21 -5.45 -23.49
N VAL B 234 10.43 -5.88 -23.84
CA VAL B 234 11.05 -7.10 -23.31
C VAL B 234 11.31 -6.83 -21.80
N ARG B 235 11.80 -5.61 -21.49
CA ARG B 235 12.10 -5.09 -20.16
C ARG B 235 11.85 -3.59 -20.19
N SER B 236 11.72 -2.98 -19.02
CA SER B 236 11.55 -1.53 -18.92
C SER B 236 12.23 -1.04 -17.67
N PHE B 237 12.52 0.26 -17.62
CA PHE B 237 13.20 0.83 -16.47
C PHE B 237 12.82 2.28 -16.29
N LEU B 238 13.01 2.75 -15.05
CA LEU B 238 12.81 4.12 -14.60
C LEU B 238 13.87 4.34 -13.53
N LEU B 239 14.73 5.34 -13.70
CA LEU B 239 15.80 5.56 -12.73
C LEU B 239 16.08 7.03 -12.47
N GLN B 240 16.73 7.29 -11.34
CA GLN B 240 17.30 8.56 -10.90
C GLN B 240 18.54 8.13 -10.16
N LEU B 241 19.69 8.27 -10.80
CA LEU B 241 20.96 7.79 -10.24
C LEU B 241 22.13 8.65 -10.68
N GLY B 242 22.85 9.20 -9.67
CA GLY B 242 24.03 10.04 -9.85
C GLY B 242 23.88 11.19 -10.81
N GLY B 243 22.78 11.93 -10.71
CA GLY B 243 22.50 13.08 -11.56
C GLY B 243 21.86 12.76 -12.90
N ILE B 244 21.57 11.47 -13.13
CA ILE B 244 20.92 11.02 -14.37
C ILE B 244 19.50 10.55 -14.05
N ARG B 245 18.52 11.04 -14.83
CA ARG B 245 17.13 10.55 -14.81
C ARG B 245 16.97 9.89 -16.16
N ALA B 246 16.42 8.67 -16.16
CA ALA B 246 16.20 7.92 -17.40
C ALA B 246 15.03 6.96 -17.26
N LEU B 247 14.42 6.66 -18.39
CA LEU B 247 13.31 5.73 -18.50
C LEU B 247 13.38 5.12 -19.88
N GLY B 248 12.93 3.89 -20.02
CA GLY B 248 12.96 3.25 -21.32
C GLY B 248 12.18 1.97 -21.42
N TYR B 249 11.84 1.60 -22.64
CA TYR B 249 11.09 0.41 -23.00
C TYR B 249 12.01 -0.42 -23.87
N SER B 250 12.85 -1.25 -23.21
CA SER B 250 13.86 -2.08 -23.84
C SER B 250 13.28 -3.06 -24.85
N PRO B 251 13.66 -2.96 -26.15
CA PRO B 251 13.08 -3.89 -27.14
C PRO B 251 13.82 -5.22 -27.26
N GLU B 252 14.93 -5.41 -26.52
CA GLU B 252 15.74 -6.63 -26.65
C GLU B 252 16.50 -7.00 -25.40
N LEU B 253 16.61 -8.31 -25.14
CA LEU B 253 17.42 -8.86 -24.05
C LEU B 253 18.83 -9.10 -24.59
N VAL B 254 19.84 -8.42 -24.02
CA VAL B 254 21.24 -8.59 -24.42
C VAL B 254 21.73 -9.95 -23.89
N THR B 255 21.52 -10.19 -22.57
CA THR B 255 21.94 -11.42 -21.88
C THR B 255 21.10 -11.64 -20.63
N ALA B 256 20.82 -12.91 -20.35
CA ALA B 256 20.21 -13.39 -19.12
C ALA B 256 21.03 -14.63 -18.71
N VAL B 257 21.60 -14.58 -17.50
CA VAL B 257 22.39 -15.66 -16.90
C VAL B 257 21.63 -16.11 -15.67
N ARG B 258 21.34 -17.41 -15.56
CA ARG B 258 20.59 -17.92 -14.40
C ARG B 258 21.57 -18.44 -13.37
N ALA B 259 21.09 -18.74 -12.15
CA ALA B 259 21.91 -19.32 -11.07
C ALA B 259 22.51 -20.69 -11.47
N ASP B 260 21.77 -21.49 -12.28
CA ASP B 260 22.21 -22.81 -12.75
C ASP B 260 23.32 -22.75 -13.82
N GLY B 261 23.56 -21.57 -14.38
CA GLY B 261 24.59 -21.35 -15.37
C GLY B 261 24.10 -21.24 -16.79
N VAL B 262 22.77 -21.26 -17.00
CA VAL B 262 22.20 -21.16 -18.34
C VAL B 262 22.28 -19.70 -18.82
N VAL B 263 22.95 -19.48 -19.96
CA VAL B 263 23.12 -18.17 -20.61
C VAL B 263 22.17 -18.09 -21.80
N ILE B 264 21.35 -17.07 -21.86
CA ILE B 264 20.59 -16.82 -23.07
C ILE B 264 20.72 -15.42 -23.58
N THR B 265 20.48 -15.28 -24.86
CA THR B 265 20.57 -14.05 -25.65
C THR B 265 19.49 -14.10 -26.70
N GLU B 266 18.71 -13.01 -26.87
CA GLU B 266 17.61 -13.00 -27.84
C GLU B 266 17.69 -11.89 -28.90
N PRO B 267 18.56 -12.04 -29.94
CA PRO B 267 18.61 -11.00 -30.98
C PRO B 267 17.35 -10.95 -31.84
N LEU B 268 16.91 -9.73 -32.17
CA LEU B 268 15.72 -9.47 -32.97
C LEU B 268 16.15 -8.75 -34.26
N ALA B 269 15.54 -9.10 -35.43
CA ALA B 269 15.84 -8.46 -36.73
C ALA B 269 14.67 -8.54 -37.73
N GLY B 270 13.80 -7.53 -37.69
CA GLY B 270 12.63 -7.49 -38.56
C GLY B 270 11.86 -6.18 -38.56
N THR B 271 10.77 -6.13 -37.76
CA THR B 271 9.81 -5.02 -37.55
C THR B 271 8.56 -5.11 -38.46
N ALA B 284 -1.65 -13.22 -41.07
CA ALA B 284 -1.63 -11.84 -41.51
C ALA B 284 -0.80 -11.68 -42.74
N ARG B 285 -0.58 -10.44 -43.16
CA ARG B 285 0.36 -10.14 -44.23
C ARG B 285 1.67 -10.70 -43.74
N ASP B 286 2.50 -11.23 -44.64
CA ASP B 286 3.64 -12.01 -44.17
C ASP B 286 4.92 -11.89 -44.96
N ASP B 287 5.23 -10.64 -45.25
CA ASP B 287 6.39 -10.21 -45.99
C ASP B 287 7.62 -10.51 -45.17
N LEU B 288 7.45 -10.58 -43.85
CA LEU B 288 8.55 -10.71 -42.91
C LEU B 288 9.31 -12.02 -42.96
N GLU B 289 8.58 -13.10 -42.94
CA GLU B 289 9.09 -14.48 -42.99
C GLU B 289 9.69 -14.85 -44.35
N SER B 290 9.32 -14.12 -45.42
CA SER B 290 9.77 -14.35 -46.79
C SER B 290 10.69 -13.25 -47.35
N ASN B 291 11.10 -12.27 -46.51
CA ASN B 291 11.97 -11.18 -46.95
C ASN B 291 13.43 -11.60 -46.96
N SER B 292 14.02 -11.76 -48.15
CA SER B 292 15.41 -12.18 -48.35
C SER B 292 16.40 -11.28 -47.60
N LYS B 293 16.20 -9.95 -47.67
CA LYS B 293 17.03 -8.93 -47.02
C LYS B 293 17.02 -9.10 -45.49
N GLU B 294 15.83 -9.29 -44.89
CA GLU B 294 15.65 -9.46 -43.44
C GLU B 294 16.17 -10.81 -42.92
N ILE B 295 16.02 -11.88 -43.72
CA ILE B 295 16.46 -13.24 -43.40
C ILE B 295 17.99 -13.27 -43.30
N VAL B 296 18.70 -12.68 -44.29
CA VAL B 296 20.17 -12.64 -44.32
C VAL B 296 20.68 -11.88 -43.08
N GLU B 297 20.11 -10.69 -42.81
CA GLU B 297 20.44 -9.86 -41.65
C GLU B 297 20.34 -10.66 -40.35
N HIS B 298 19.17 -11.29 -40.11
CA HIS B 298 18.91 -12.08 -38.90
C HIS B 298 19.85 -13.27 -38.75
N ALA B 299 20.10 -14.00 -39.85
CA ALA B 299 21.00 -15.16 -39.88
C ALA B 299 22.43 -14.78 -39.52
N ILE B 300 22.92 -13.61 -40.03
CA ILE B 300 24.26 -13.07 -39.75
C ILE B 300 24.39 -12.79 -38.23
N SER B 301 23.33 -12.19 -37.63
CA SER B 301 23.28 -11.85 -36.21
C SER B 301 23.24 -13.09 -35.33
N VAL B 302 22.41 -14.09 -35.70
CA VAL B 302 22.28 -15.35 -34.97
C VAL B 302 23.65 -16.04 -34.97
N ARG B 303 24.33 -16.08 -36.15
CA ARG B 303 25.67 -16.65 -36.29
C ARG B 303 26.68 -15.90 -35.40
N SER B 304 26.62 -14.55 -35.38
CA SER B 304 27.47 -13.66 -34.58
C SER B 304 27.27 -13.95 -33.09
N SER B 305 26.00 -13.94 -32.61
CA SER B 305 25.64 -14.20 -31.23
C SER B 305 26.09 -15.60 -30.82
N LEU B 306 25.95 -16.60 -31.73
CA LEU B 306 26.37 -17.98 -31.48
C LEU B 306 27.89 -18.11 -31.36
N GLU B 307 28.66 -17.41 -32.21
CA GLU B 307 30.13 -17.39 -32.17
C GLU B 307 30.63 -16.78 -30.85
N GLU B 308 29.96 -15.69 -30.38
CA GLU B 308 30.29 -14.96 -29.15
C GLU B 308 29.95 -15.76 -27.91
N ILE B 309 28.77 -16.39 -27.86
CA ILE B 309 28.33 -17.20 -26.73
C ILE B 309 29.24 -18.44 -26.55
N THR B 310 29.81 -18.96 -27.67
CA THR B 310 30.69 -20.12 -27.72
C THR B 310 32.01 -19.88 -26.98
N ASP B 311 32.54 -18.64 -27.04
CA ASP B 311 33.78 -18.26 -26.36
C ASP B 311 33.70 -18.36 -24.83
N ILE B 312 32.48 -18.25 -24.26
CA ILE B 312 32.23 -18.30 -22.82
C ILE B 312 31.50 -19.57 -22.35
N ALA B 313 31.01 -20.37 -23.30
CA ALA B 313 30.23 -21.58 -23.01
C ALA B 313 31.01 -22.87 -22.87
N GLU B 314 30.44 -23.83 -22.11
CA GLU B 314 30.92 -25.20 -21.94
C GLU B 314 30.91 -25.83 -23.35
N PRO B 315 31.96 -26.57 -23.77
CA PRO B 315 31.95 -27.13 -25.14
C PRO B 315 30.69 -27.94 -25.47
N GLY B 316 30.12 -27.62 -26.63
CA GLY B 316 28.91 -28.26 -27.16
C GLY B 316 27.58 -27.78 -26.60
N SER B 317 27.58 -26.87 -25.59
CA SER B 317 26.35 -26.39 -24.96
C SER B 317 25.61 -25.32 -25.77
N ALA B 318 26.31 -24.65 -26.69
CA ALA B 318 25.77 -23.58 -27.54
C ALA B 318 24.73 -24.08 -28.58
N ALA B 319 23.47 -23.64 -28.43
CA ALA B 319 22.36 -24.01 -29.30
C ALA B 319 21.37 -22.87 -29.56
N VAL B 320 20.75 -22.84 -30.75
CA VAL B 320 19.71 -21.89 -31.13
C VAL B 320 18.41 -22.63 -30.85
N ILE B 321 17.64 -22.17 -29.86
CA ILE B 321 16.42 -22.87 -29.42
C ILE B 321 15.09 -22.45 -30.05
N ASP B 322 15.03 -21.28 -30.70
CA ASP B 322 13.78 -20.83 -31.32
C ASP B 322 14.14 -20.00 -32.54
N PHE B 323 14.71 -20.66 -33.57
CA PHE B 323 15.25 -19.99 -34.74
C PHE B 323 14.28 -19.29 -35.65
N MET B 324 14.57 -18.01 -35.95
CA MET B 324 13.86 -17.14 -36.88
C MET B 324 12.33 -17.26 -36.79
N THR B 325 11.80 -17.19 -35.56
CA THR B 325 10.36 -17.24 -35.30
C THR B 325 9.83 -15.81 -35.18
N VAL B 326 8.55 -15.62 -35.52
CA VAL B 326 7.91 -14.30 -35.45
C VAL B 326 7.47 -14.03 -34.00
N ARG B 327 7.91 -12.89 -33.47
CA ARG B 327 7.63 -12.45 -32.10
C ARG B 327 6.79 -11.18 -32.06
N GLU B 328 5.54 -11.30 -31.54
CA GLU B 328 4.56 -10.21 -31.43
C GLU B 328 4.44 -9.65 -29.98
N ARG B 329 4.77 -8.39 -29.77
CA ARG B 329 5.23 -7.53 -30.85
C ARG B 329 4.37 -7.69 -32.10
N HIS B 334 8.30 -8.71 -35.04
CA HIS B 334 9.73 -8.86 -35.25
C HIS B 334 10.10 -10.27 -35.47
N LEU B 335 11.24 -10.48 -36.08
CA LEU B 335 11.82 -11.81 -36.25
C LEU B 335 12.85 -11.99 -35.12
N GLY B 336 12.80 -13.10 -34.43
CA GLY B 336 13.77 -13.33 -33.38
C GLY B 336 14.20 -14.77 -33.20
N SER B 337 15.37 -14.94 -32.54
CA SER B 337 15.95 -16.23 -32.18
C SER B 337 16.46 -16.21 -30.75
N THR B 338 16.47 -17.38 -30.10
CA THR B 338 16.93 -17.56 -28.73
C THR B 338 18.19 -18.42 -28.74
N ILE B 339 19.33 -17.82 -28.43
CA ILE B 339 20.60 -18.55 -28.35
C ILE B 339 20.83 -18.93 -26.88
N ARG B 340 20.95 -20.21 -26.63
CA ARG B 340 21.14 -20.78 -25.29
C ARG B 340 22.51 -21.46 -25.23
N ALA B 341 23.12 -21.48 -24.03
CA ALA B 341 24.40 -22.12 -23.75
C ALA B 341 24.51 -22.35 -22.26
N ARG B 342 25.59 -22.98 -21.81
CA ARG B 342 25.85 -23.20 -20.40
C ARG B 342 27.17 -22.56 -20.08
N LEU B 343 27.17 -21.67 -19.09
CA LEU B 343 28.36 -20.92 -18.69
C LEU B 343 29.47 -21.85 -18.20
N ASP B 344 30.61 -21.79 -18.90
CA ASP B 344 31.80 -22.58 -18.59
C ASP B 344 32.31 -22.22 -17.18
N PRO B 345 32.81 -23.21 -16.39
CA PRO B 345 33.31 -22.88 -15.04
C PRO B 345 34.47 -21.89 -15.01
N SER B 346 35.25 -21.81 -16.10
CA SER B 346 36.39 -20.88 -16.24
C SER B 346 35.94 -19.45 -16.61
N SER B 347 34.63 -19.28 -16.95
CA SER B 347 34.01 -18.00 -17.32
C SER B 347 33.02 -17.53 -16.24
N ASP B 348 32.45 -16.32 -16.42
CA ASP B 348 31.50 -15.68 -15.51
C ASP B 348 30.50 -14.80 -16.26
N ARG B 349 29.48 -14.30 -15.54
CA ARG B 349 28.38 -13.47 -16.07
C ARG B 349 28.84 -12.21 -16.81
N MET B 350 29.87 -11.54 -16.29
CA MET B 350 30.41 -10.30 -16.90
C MET B 350 31.14 -10.58 -18.19
N ALA B 351 31.86 -11.73 -18.26
CA ALA B 351 32.56 -12.18 -19.46
C ALA B 351 31.52 -12.54 -20.52
N ALA B 352 30.35 -13.06 -20.09
CA ALA B 352 29.23 -13.37 -20.95
C ALA B 352 28.61 -12.06 -21.50
N LEU B 353 28.42 -11.04 -20.62
CA LEU B 353 27.90 -9.73 -21.02
C LEU B 353 28.86 -9.04 -21.99
N GLU B 354 30.15 -9.03 -21.66
CA GLU B 354 31.20 -8.45 -22.49
C GLU B 354 31.30 -9.15 -23.86
N ALA B 355 31.19 -10.49 -23.88
CA ALA B 355 31.23 -11.29 -25.11
C ALA B 355 30.07 -10.92 -26.04
N LEU B 356 28.91 -10.60 -25.47
CA LEU B 356 27.70 -10.25 -26.22
C LEU B 356 27.51 -8.75 -26.42
N PHE B 357 28.47 -7.93 -26.04
CA PHE B 357 28.35 -6.46 -26.07
C PHE B 357 29.28 -5.79 -27.04
N PRO B 358 28.88 -4.74 -27.76
CA PRO B 358 27.50 -4.21 -27.75
C PRO B 358 26.57 -5.03 -28.66
N ALA B 359 25.26 -4.96 -28.46
CA ALA B 359 24.32 -5.72 -29.29
C ALA B 359 24.47 -5.32 -30.77
N VAL B 360 24.37 -6.31 -31.71
CA VAL B 360 24.44 -6.05 -33.16
C VAL B 360 23.37 -5.04 -33.55
N THR B 361 22.17 -5.16 -32.95
CA THR B 361 20.98 -4.32 -33.12
C THR B 361 21.29 -2.82 -33.07
N ALA B 362 22.24 -2.42 -32.25
CA ALA B 362 22.56 -0.99 -32.16
C ALA B 362 24.04 -0.65 -32.42
N SER B 363 24.83 -1.61 -32.94
CA SER B 363 26.21 -1.37 -33.35
C SER B 363 26.36 -1.52 -34.89
N GLY B 364 26.59 -2.74 -35.35
CA GLY B 364 26.69 -3.03 -36.79
C GLY B 364 27.32 -4.36 -37.11
N ILE B 365 27.54 -4.61 -38.42
CA ILE B 365 28.14 -5.83 -38.95
C ILE B 365 29.24 -5.51 -39.99
N PRO B 366 30.51 -5.98 -39.79
CA PRO B 366 31.05 -6.66 -38.60
C PRO B 366 31.09 -5.68 -37.41
N LYS B 367 30.85 -6.21 -36.18
CA LYS B 367 30.83 -5.43 -34.94
C LYS B 367 32.02 -4.49 -34.75
N ALA B 368 33.26 -4.98 -34.98
CA ALA B 368 34.48 -4.18 -34.84
C ALA B 368 34.49 -2.92 -35.71
N ALA B 369 34.12 -3.05 -37.01
CA ALA B 369 34.06 -1.97 -37.99
C ALA B 369 32.85 -1.07 -37.76
N GLY B 370 31.75 -1.65 -37.30
CA GLY B 370 30.51 -0.94 -36.99
C GLY B 370 30.72 -0.02 -35.79
N VAL B 371 31.36 -0.52 -34.73
CA VAL B 371 31.68 0.22 -33.49
C VAL B 371 32.63 1.38 -33.82
N GLU B 372 33.69 1.11 -34.61
CA GLU B 372 34.67 2.11 -35.04
C GLU B 372 33.97 3.22 -35.85
N ALA B 373 33.01 2.85 -36.75
CA ALA B 373 32.25 3.81 -37.55
C ALA B 373 31.38 4.71 -36.67
N ILE B 374 30.82 4.17 -35.56
CA ILE B 374 30.00 4.90 -34.59
C ILE B 374 30.83 6.00 -33.91
N PHE B 375 32.11 5.74 -33.59
CA PHE B 375 33.04 6.72 -33.02
C PHE B 375 33.18 7.95 -33.92
N ARG B 376 33.14 7.73 -35.26
CA ARG B 376 33.34 8.76 -36.28
C ARG B 376 32.06 9.41 -36.75
N LEU B 377 30.99 8.63 -36.91
CA LEU B 377 29.74 9.12 -37.49
C LEU B 377 28.58 9.32 -36.54
N ASP B 378 28.76 9.06 -35.24
CA ASP B 378 27.69 9.28 -34.25
C ASP B 378 28.15 10.22 -33.14
N GLU B 379 27.21 10.82 -32.39
CA GLU B 379 27.56 11.69 -31.26
C GLU B 379 28.04 10.77 -30.14
N CYS B 380 29.33 10.87 -29.81
CA CYS B 380 30.00 10.04 -28.82
C CYS B 380 30.53 10.85 -27.62
N PRO B 381 30.57 10.28 -26.40
CA PRO B 381 30.13 8.91 -26.02
C PRO B 381 28.61 8.77 -26.02
N ARG B 382 28.11 7.57 -26.35
CA ARG B 382 26.66 7.30 -26.39
C ARG B 382 26.07 7.23 -25.00
N GLY B 383 26.86 6.70 -24.06
CA GLY B 383 26.47 6.55 -22.65
C GLY B 383 25.45 5.44 -22.50
N LEU B 384 24.30 5.76 -21.89
CA LEU B 384 23.21 4.80 -21.65
C LEU B 384 22.64 4.29 -22.97
N TYR B 385 22.47 5.18 -23.99
CA TYR B 385 21.93 4.80 -25.30
C TYR B 385 22.69 3.67 -25.97
N SER B 386 21.96 2.56 -26.31
CA SER B 386 22.49 1.36 -26.97
C SER B 386 23.39 0.54 -26.04
N GLY B 387 23.41 0.93 -24.77
CA GLY B 387 24.08 0.20 -23.70
C GLY B 387 23.07 -0.75 -23.10
N ALA B 388 23.18 -1.04 -21.80
CA ALA B 388 22.23 -1.92 -21.14
C ALA B 388 21.89 -1.45 -19.74
N VAL B 389 20.71 -1.84 -19.25
CA VAL B 389 20.26 -1.64 -17.89
C VAL B 389 20.30 -3.05 -17.30
N VAL B 390 20.97 -3.22 -16.15
CA VAL B 390 21.24 -4.52 -15.54
C VAL B 390 20.69 -4.75 -14.13
N MET B 391 20.36 -6.01 -13.85
CA MET B 391 19.94 -6.52 -12.54
C MET B 391 20.79 -7.75 -12.29
N LEU B 392 21.53 -7.78 -11.18
CA LEU B 392 22.42 -8.91 -10.83
C LEU B 392 22.03 -9.51 -9.51
N SER B 393 22.31 -10.81 -9.30
CA SER B 393 21.95 -11.52 -8.06
C SER B 393 23.13 -12.23 -7.47
N ALA B 394 23.15 -12.37 -6.13
CA ALA B 394 24.23 -13.05 -5.38
C ALA B 394 24.43 -14.49 -5.82
N ASP B 395 23.34 -15.15 -6.29
CA ASP B 395 23.33 -16.53 -6.81
C ASP B 395 23.96 -16.67 -8.21
N GLY B 396 24.53 -15.59 -8.74
CA GLY B 396 25.18 -15.60 -10.05
C GLY B 396 24.31 -15.10 -11.19
N GLY B 397 23.08 -14.73 -10.87
CA GLY B 397 22.12 -14.21 -11.85
C GLY B 397 22.52 -12.87 -12.46
N LEU B 398 22.09 -12.64 -13.73
CA LEU B 398 22.27 -11.41 -14.50
C LEU B 398 21.15 -11.28 -15.51
N ASP B 399 20.56 -10.08 -15.59
CA ASP B 399 19.56 -9.76 -16.58
C ASP B 399 19.94 -8.40 -17.16
N ALA B 400 20.28 -8.36 -18.45
CA ALA B 400 20.72 -7.17 -19.16
C ALA B 400 19.83 -6.87 -20.34
N ALA B 401 19.09 -5.78 -20.26
CA ALA B 401 18.17 -5.27 -21.28
C ALA B 401 18.87 -4.21 -22.13
N LEU B 402 18.69 -4.26 -23.48
CA LEU B 402 19.25 -3.30 -24.41
C LEU B 402 18.54 -1.93 -24.29
N THR B 403 19.31 -0.86 -24.02
CA THR B 403 18.77 0.50 -23.85
C THR B 403 18.50 1.21 -25.17
N LEU B 404 17.24 1.18 -25.61
CA LEU B 404 16.70 1.86 -26.79
C LEU B 404 15.31 2.26 -26.38
N ARG B 405 14.71 3.27 -27.06
CA ARG B 405 13.35 3.80 -26.79
C ARG B 405 13.33 4.36 -25.34
N ALA B 406 14.32 5.24 -25.08
CA ALA B 406 14.57 5.87 -23.76
C ALA B 406 14.69 7.39 -23.76
N ALA B 407 14.26 8.03 -22.66
CA ALA B 407 14.35 9.50 -22.46
C ALA B 407 15.39 9.76 -21.35
N TYR B 408 16.17 10.85 -21.48
CA TYR B 408 17.26 11.16 -20.54
C TYR B 408 17.21 12.56 -20.05
N GLN B 409 17.68 12.76 -18.82
CA GLN B 409 17.86 14.08 -18.23
C GLN B 409 19.15 14.09 -17.45
N VAL B 410 20.12 14.90 -17.90
CA VAL B 410 21.43 15.13 -17.27
C VAL B 410 21.62 16.64 -17.30
N GLY B 411 21.84 17.22 -16.12
CA GLY B 411 21.97 18.66 -15.91
C GLY B 411 20.62 19.29 -16.17
N GLY B 412 20.62 20.34 -16.96
CA GLY B 412 19.37 20.99 -17.35
C GLY B 412 18.91 20.52 -18.71
N ARG B 413 19.56 19.48 -19.27
CA ARG B 413 19.26 18.92 -20.59
C ARG B 413 18.38 17.65 -20.54
N THR B 414 17.25 17.69 -21.24
CA THR B 414 16.32 16.56 -21.41
C THR B 414 16.34 16.18 -22.90
N TRP B 415 16.53 14.90 -23.19
CA TRP B 415 16.58 14.47 -24.57
C TRP B 415 16.14 13.06 -24.81
N LEU B 416 15.81 12.80 -26.08
CA LEU B 416 15.43 11.51 -26.61
C LEU B 416 16.51 11.14 -27.60
N ARG B 417 16.67 9.86 -27.87
CA ARG B 417 17.68 9.39 -28.82
C ARG B 417 17.19 8.16 -29.56
N ALA B 418 17.19 8.24 -30.88
CA ALA B 418 16.76 7.15 -31.75
C ALA B 418 17.65 7.05 -32.98
N GLY B 419 17.85 5.82 -33.39
CA GLY B 419 18.68 5.50 -34.53
C GLY B 419 18.02 4.56 -35.53
N ALA B 420 18.81 4.18 -36.54
CA ALA B 420 18.36 3.29 -37.62
C ALA B 420 19.53 2.54 -38.24
N GLY B 421 19.29 1.30 -38.64
CA GLY B 421 20.27 0.43 -39.29
C GLY B 421 20.54 0.94 -40.70
N ILE B 422 21.81 1.19 -41.02
CA ILE B 422 22.23 1.69 -42.33
C ILE B 422 22.92 0.57 -43.09
N ILE B 423 22.40 0.28 -44.30
CA ILE B 423 22.93 -0.72 -45.24
C ILE B 423 23.18 -0.03 -46.60
N GLU B 424 23.81 -0.73 -47.57
CA GLU B 424 24.13 -0.16 -48.89
C GLU B 424 22.94 0.53 -49.57
N GLU B 425 21.76 -0.11 -49.50
CA GLU B 425 20.49 0.34 -50.09
C GLU B 425 19.81 1.51 -49.37
N SER B 426 20.29 1.88 -48.15
CA SER B 426 19.69 2.94 -47.33
C SER B 426 19.69 4.33 -47.96
N GLU B 427 18.58 5.08 -47.74
CA GLU B 427 18.35 6.43 -48.23
C GLU B 427 18.26 7.39 -47.03
N PRO B 428 19.05 8.50 -46.98
CA PRO B 428 19.01 9.41 -45.81
C PRO B 428 17.64 9.90 -45.34
N GLU B 429 16.78 10.31 -46.28
CA GLU B 429 15.42 10.81 -45.97
C GLU B 429 14.54 9.70 -45.39
N ARG B 430 14.69 8.45 -45.87
CA ARG B 430 13.93 7.29 -45.39
C ARG B 430 14.39 6.93 -43.97
N GLU B 431 15.73 6.96 -43.73
CA GLU B 431 16.34 6.68 -42.43
C GLU B 431 15.90 7.70 -41.36
N PHE B 432 15.75 8.98 -41.78
CA PHE B 432 15.30 10.05 -40.89
C PHE B 432 13.86 9.78 -40.43
N GLU B 433 12.98 9.37 -41.36
CA GLU B 433 11.57 9.05 -41.08
C GLU B 433 11.51 7.85 -40.13
N GLU B 434 12.41 6.88 -40.29
CA GLU B 434 12.51 5.70 -39.43
C GLU B 434 12.84 6.11 -37.97
N THR B 435 13.75 7.09 -37.77
CA THR B 435 14.07 7.61 -36.43
C THR B 435 12.85 8.30 -35.81
N CYS B 436 12.02 8.98 -36.64
CA CYS B 436 10.77 9.65 -36.20
C CYS B 436 9.76 8.59 -35.73
N GLU B 437 9.72 7.43 -36.41
CA GLU B 437 8.81 6.34 -36.06
C GLU B 437 9.22 5.73 -34.73
N LYS B 438 10.53 5.53 -34.52
CA LYS B 438 11.09 4.98 -33.29
C LYS B 438 10.94 5.96 -32.13
N LEU B 439 11.01 7.28 -32.43
CA LEU B 439 10.80 8.33 -31.43
C LEU B 439 9.32 8.36 -30.99
N SER B 440 8.36 8.02 -31.89
CA SER B 440 6.90 7.95 -31.66
C SER B 440 6.50 7.01 -30.52
N THR B 441 7.45 6.19 -30.04
CA THR B 441 7.31 5.28 -28.91
C THR B 441 7.24 6.13 -27.61
N LEU B 442 7.85 7.35 -27.65
CA LEU B 442 7.92 8.25 -26.52
C LEU B 442 7.28 9.61 -26.75
N THR B 443 7.46 10.19 -27.95
CA THR B 443 6.96 11.53 -28.31
C THR B 443 5.51 11.86 -27.94
N PRO B 444 4.50 10.96 -28.09
CA PRO B 444 3.14 11.33 -27.68
C PRO B 444 2.89 11.19 -26.17
N TYR B 445 3.88 10.69 -25.39
CA TYR B 445 3.70 10.39 -23.97
C TYR B 445 4.51 11.19 -22.96
N LEU B 446 5.03 12.35 -23.36
CA LEU B 446 5.85 13.19 -22.49
C LEU B 446 5.03 14.07 -21.58
N VAL B 447 5.02 13.73 -20.28
CA VAL B 447 4.31 14.48 -19.25
C VAL B 447 5.29 15.53 -18.69
N ALA B 448 4.93 16.82 -18.83
CA ALA B 448 5.76 17.92 -18.32
C ALA B 448 5.77 17.95 -16.78
N ARG B 449 6.91 18.38 -16.19
CA ARG B 449 7.08 18.51 -14.75
C ARG B 449 6.19 19.67 -14.26
N GLN B 450 5.32 19.41 -13.26
CA GLN B 450 4.41 20.40 -12.68
C GLN B 450 4.84 20.79 -11.27
N SER C 15 -6.11 -0.50 6.42
CA SER C 15 -5.85 -1.69 5.60
C SER C 15 -5.84 -2.94 6.47
N SER C 16 -6.27 -4.06 5.95
CA SER C 16 -6.24 -5.25 6.74
C SER C 16 -4.97 -6.08 6.60
N SER C 17 -3.99 -5.63 5.83
CA SER C 17 -2.69 -6.29 5.73
C SER C 17 -1.57 -5.36 6.13
N ILE C 18 -0.67 -5.87 6.96
CA ILE C 18 0.48 -5.13 7.43
C ILE C 18 1.70 -6.01 7.12
N PRO C 19 2.78 -5.49 6.50
CA PRO C 19 3.97 -6.35 6.28
C PRO C 19 4.66 -6.65 7.62
N MET C 20 5.19 -7.86 7.74
CA MET C 20 5.91 -8.31 8.93
C MET C 20 7.23 -7.50 9.13
N PRO C 21 7.51 -6.96 10.34
CA PRO C 21 8.79 -6.26 10.56
C PRO C 21 9.96 -7.24 10.57
N ALA C 22 11.13 -6.77 10.07
CA ALA C 22 12.36 -7.54 9.99
C ALA C 22 12.92 -7.84 11.37
N GLY C 23 13.56 -9.00 11.49
CA GLY C 23 14.14 -9.47 12.74
C GLY C 23 13.13 -10.01 13.74
N VAL C 24 11.82 -9.96 13.40
CA VAL C 24 10.77 -10.41 14.30
C VAL C 24 10.17 -11.75 13.86
N ASN C 25 10.32 -12.74 14.73
CA ASN C 25 9.80 -14.08 14.57
C ASN C 25 8.27 -13.98 14.75
N PRO C 26 7.45 -14.67 13.91
CA PRO C 26 5.99 -14.57 14.08
C PRO C 26 5.44 -15.08 15.42
N ALA C 27 6.07 -16.07 16.07
CA ALA C 27 5.63 -16.62 17.36
C ALA C 27 5.77 -15.58 18.47
N ASP C 28 6.87 -14.82 18.43
CA ASP C 28 7.17 -13.75 19.38
C ASP C 28 6.20 -12.59 19.25
N LEU C 29 5.91 -12.15 18.01
CA LEU C 29 5.00 -11.02 17.78
C LEU C 29 3.55 -11.39 18.11
N ALA C 30 3.12 -12.60 17.72
CA ALA C 30 1.77 -13.08 17.98
C ALA C 30 1.50 -13.20 19.49
N ALA C 31 2.48 -13.71 20.26
CA ALA C 31 2.35 -13.83 21.73
C ALA C 31 2.39 -12.44 22.38
N GLU C 32 3.20 -11.50 21.84
CA GLU C 32 3.25 -10.11 22.34
C GLU C 32 1.92 -9.41 22.10
N LEU C 33 1.31 -9.60 20.90
CA LEU C 33 -0.02 -9.05 20.57
C LEU C 33 -1.07 -9.70 21.46
N ALA C 34 -0.92 -11.01 21.75
CA ALA C 34 -1.81 -11.77 22.63
C ALA C 34 -1.76 -11.20 24.05
N ALA C 35 -0.56 -10.79 24.54
CA ALA C 35 -0.43 -10.22 25.88
C ALA C 35 -0.96 -8.78 25.96
N VAL C 36 -0.40 -7.87 25.13
CA VAL C 36 -0.66 -6.42 25.14
C VAL C 36 -2.03 -5.93 24.64
N VAL C 37 -2.45 -6.36 23.44
CA VAL C 37 -3.70 -5.92 22.78
C VAL C 37 -4.97 -6.34 23.53
N THR C 38 -5.04 -7.60 23.96
CA THR C 38 -6.20 -8.19 24.65
C THR C 38 -6.43 -7.55 26.04
N GLU C 39 -5.33 -7.29 26.76
CA GLU C 39 -5.36 -6.67 28.09
C GLU C 39 -5.91 -5.25 28.00
N SER C 40 -5.45 -4.48 27.00
CA SER C 40 -5.89 -3.09 26.79
C SER C 40 -7.34 -2.97 26.41
N VAL C 41 -7.91 -4.00 25.73
CA VAL C 41 -9.33 -3.95 25.39
C VAL C 41 -10.21 -4.84 26.27
N ASP C 42 -9.60 -5.34 27.37
CA ASP C 42 -10.26 -6.19 28.36
C ASP C 42 -10.90 -7.45 27.71
N GLU C 43 -10.05 -8.28 27.13
CA GLU C 43 -10.63 -9.46 26.55
C GLU C 43 -9.83 -10.73 26.68
N ASP C 44 -10.56 -11.84 26.68
CA ASP C 44 -10.04 -13.21 26.68
C ASP C 44 -9.55 -13.45 25.25
N TYR C 45 -8.72 -14.48 25.07
CA TYR C 45 -8.17 -14.79 23.76
C TYR C 45 -7.68 -16.22 23.68
N LEU C 46 -7.42 -16.66 22.46
CA LEU C 46 -6.80 -17.95 22.17
C LEU C 46 -5.90 -17.73 20.95
N LEU C 47 -4.61 -18.05 21.12
CA LEU C 47 -3.62 -17.98 20.04
C LEU C 47 -3.34 -19.42 19.60
N TYR C 48 -3.50 -19.68 18.31
CA TYR C 48 -3.29 -21.01 17.75
C TYR C 48 -2.29 -21.00 16.61
N GLU C 49 -1.23 -21.83 16.72
CA GLU C 49 -0.23 -21.96 15.65
C GLU C 49 -0.59 -23.20 14.80
N CYS C 50 -0.79 -22.97 13.48
CA CYS C 50 -1.16 -23.99 12.53
C CYS C 50 -0.49 -23.74 11.17
N ASP C 51 0.53 -24.58 10.83
CA ASP C 51 1.29 -24.54 9.57
C ASP C 51 1.80 -23.14 9.17
N GLY C 52 2.65 -22.56 10.02
CA GLY C 52 3.25 -21.25 9.81
C GLY C 52 2.37 -20.05 10.05
N GLN C 53 1.07 -20.28 10.41
CA GLN C 53 0.12 -19.19 10.73
C GLN C 53 -0.17 -19.22 12.21
N TRP C 54 -0.02 -18.08 12.87
CA TRP C 54 -0.32 -17.90 14.28
C TRP C 54 -1.59 -17.07 14.31
N VAL C 55 -2.73 -17.74 14.58
CA VAL C 55 -4.03 -17.06 14.59
C VAL C 55 -4.40 -16.63 16.01
N LEU C 56 -4.47 -15.31 16.22
CA LEU C 56 -4.91 -14.75 17.48
C LEU C 56 -6.40 -14.47 17.41
N ALA C 57 -7.20 -15.25 18.14
CA ALA C 57 -8.64 -15.08 18.21
C ALA C 57 -8.86 -14.22 19.46
N ALA C 58 -9.08 -12.92 19.25
CA ALA C 58 -9.20 -11.92 20.31
C ALA C 58 -10.63 -11.50 20.64
N GLY C 59 -10.98 -11.64 21.91
CA GLY C 59 -12.30 -11.26 22.42
C GLY C 59 -13.38 -12.27 22.14
N VAL C 60 -14.32 -12.37 23.06
CA VAL C 60 -15.40 -13.33 22.95
C VAL C 60 -16.67 -12.66 22.43
N GLN C 61 -17.00 -12.90 21.16
CA GLN C 61 -18.23 -12.37 20.56
C GLN C 61 -19.42 -13.18 21.08
N ALA C 62 -19.26 -14.51 21.09
CA ALA C 62 -20.23 -15.52 21.51
C ALA C 62 -19.45 -16.75 22.02
N MET C 63 -19.97 -17.39 23.06
CA MET C 63 -19.32 -18.52 23.69
C MET C 63 -20.26 -19.71 23.84
N VAL C 64 -19.77 -20.88 23.47
CA VAL C 64 -20.44 -22.15 23.68
C VAL C 64 -19.70 -22.89 24.82
N GLU C 65 -20.43 -23.19 25.89
CA GLU C 65 -19.90 -23.93 27.03
C GLU C 65 -20.63 -25.25 27.13
N LEU C 66 -19.94 -26.34 26.81
CA LEU C 66 -20.53 -27.67 26.92
C LEU C 66 -20.00 -28.34 28.18
N ASP C 67 -20.91 -28.56 29.13
CA ASP C 67 -20.66 -29.27 30.37
C ASP C 67 -21.36 -30.62 30.29
N SER C 68 -21.01 -31.54 31.22
CA SER C 68 -21.58 -32.89 31.31
C SER C 68 -23.12 -32.86 31.42
N ASP C 69 -23.66 -31.87 32.15
CA ASP C 69 -25.08 -31.74 32.47
C ASP C 69 -25.79 -30.55 31.81
N GLU C 70 -25.07 -29.69 31.07
CA GLU C 70 -25.67 -28.50 30.48
C GLU C 70 -24.87 -27.97 29.31
N LEU C 71 -25.59 -27.30 28.39
CA LEU C 71 -25.04 -26.59 27.26
C LEU C 71 -25.46 -25.13 27.43
N ARG C 72 -24.48 -24.22 27.43
CA ARG C 72 -24.77 -22.80 27.53
C ARG C 72 -24.22 -22.09 26.32
N VAL C 73 -25.02 -21.15 25.79
CA VAL C 73 -24.62 -20.29 24.68
C VAL C 73 -24.75 -18.85 25.21
N ILE C 74 -23.62 -18.15 25.32
CA ILE C 74 -23.57 -16.80 25.86
C ILE C 74 -23.24 -15.82 24.75
N ARG C 75 -24.23 -14.97 24.41
CA ARG C 75 -24.17 -13.92 23.38
C ARG C 75 -24.92 -12.67 23.84
N ASP C 76 -24.30 -11.47 23.62
CA ASP C 76 -24.83 -10.14 23.95
C ASP C 76 -25.10 -9.95 25.46
N GLY C 77 -24.48 -10.78 26.29
CA GLY C 77 -24.65 -10.77 27.74
C GLY C 77 -25.81 -11.62 28.19
N VAL C 78 -26.39 -12.40 27.27
CA VAL C 78 -27.53 -13.30 27.52
C VAL C 78 -27.07 -14.78 27.49
N THR C 79 -27.32 -15.49 28.59
CA THR C 79 -26.96 -16.89 28.74
C THR C 79 -28.19 -17.77 28.52
N ARG C 80 -28.15 -18.59 27.47
CA ARG C 80 -29.19 -19.57 27.17
C ARG C 80 -28.68 -20.90 27.69
N ARG C 81 -29.44 -21.52 28.60
CA ARG C 81 -29.06 -22.79 29.17
C ARG C 81 -29.98 -23.85 28.62
N GLN C 82 -29.41 -24.99 28.27
CA GLN C 82 -30.18 -26.12 27.73
C GLN C 82 -29.65 -27.43 28.25
N GLN C 83 -30.56 -28.38 28.42
CA GLN C 83 -30.23 -29.76 28.74
C GLN C 83 -29.95 -30.42 27.39
N TRP C 84 -29.09 -31.42 27.36
CA TRP C 84 -28.74 -32.10 26.12
C TRP C 84 -28.58 -33.56 26.42
N SER C 85 -28.83 -34.42 25.42
CA SER C 85 -28.72 -35.86 25.57
C SER C 85 -28.01 -36.44 24.33
N GLY C 86 -27.60 -37.69 24.43
CA GLY C 86 -26.93 -38.35 23.33
C GLY C 86 -25.45 -38.03 23.26
N ARG C 87 -24.93 -37.95 22.03
CA ARG C 87 -23.51 -37.71 21.77
C ARG C 87 -23.11 -36.26 22.05
N PRO C 88 -21.99 -36.00 22.78
CA PRO C 88 -21.57 -34.60 23.03
C PRO C 88 -21.15 -33.84 21.76
N GLY C 89 -20.63 -34.56 20.76
CA GLY C 89 -20.18 -34.03 19.48
C GLY C 89 -21.33 -33.45 18.67
N ALA C 90 -22.52 -34.07 18.77
CA ALA C 90 -23.75 -33.63 18.12
C ALA C 90 -24.23 -32.33 18.79
N ALA C 91 -24.21 -32.29 20.15
CA ALA C 91 -24.60 -31.11 20.93
C ALA C 91 -23.64 -29.94 20.65
N LEU C 92 -22.32 -30.23 20.64
CA LEU C 92 -21.31 -29.21 20.39
C LEU C 92 -21.37 -28.71 18.96
N GLY C 93 -21.48 -29.65 18.01
CA GLY C 93 -21.57 -29.37 16.58
C GLY C 93 -22.71 -28.45 16.22
N GLU C 94 -23.90 -28.72 16.76
CA GLU C 94 -25.11 -27.91 16.52
C GLU C 94 -24.92 -26.46 16.95
N ALA C 95 -24.40 -26.25 18.17
CA ALA C 95 -24.14 -24.92 18.74
C ALA C 95 -23.02 -24.19 17.99
N VAL C 96 -21.92 -24.91 17.67
CA VAL C 96 -20.76 -24.36 16.95
C VAL C 96 -21.15 -23.96 15.51
N ASP C 97 -22.02 -24.76 14.84
CA ASP C 97 -22.48 -24.46 13.46
C ASP C 97 -23.22 -23.13 13.40
N ARG C 98 -23.99 -22.82 14.47
CA ARG C 98 -24.73 -21.58 14.62
C ARG C 98 -23.77 -20.39 14.73
N LEU C 99 -22.65 -20.52 15.51
CA LEU C 99 -21.63 -19.47 15.67
C LEU C 99 -21.00 -19.13 14.32
N LEU C 100 -20.81 -20.19 13.51
CA LEU C 100 -20.15 -20.13 12.20
C LEU C 100 -20.97 -19.54 11.04
N LEU C 101 -22.27 -19.26 11.32
CA LEU C 101 -23.16 -18.58 10.38
C LEU C 101 -22.82 -17.09 10.42
N GLU C 102 -22.36 -16.59 11.61
CA GLU C 102 -22.01 -15.20 11.89
C GLU C 102 -20.53 -14.85 11.67
N THR C 103 -19.60 -15.76 12.01
CA THR C 103 -18.15 -15.55 11.86
C THR C 103 -17.51 -16.69 11.08
N ASP C 104 -16.37 -16.42 10.42
CA ASP C 104 -15.65 -17.39 9.61
C ASP C 104 -15.02 -18.51 10.42
N GLN C 105 -14.54 -18.19 11.65
CA GLN C 105 -13.83 -19.14 12.50
C GLN C 105 -14.27 -19.13 13.95
N ALA C 106 -14.08 -20.27 14.64
CA ALA C 106 -14.39 -20.49 16.03
C ALA C 106 -13.20 -21.25 16.64
N PHE C 107 -12.91 -20.99 17.92
CA PHE C 107 -11.72 -21.55 18.60
C PHE C 107 -12.07 -21.99 19.98
N GLY C 108 -11.28 -22.92 20.50
CA GLY C 108 -11.49 -23.35 21.87
C GLY C 108 -10.71 -24.58 22.26
N TRP C 109 -11.18 -25.22 23.32
CA TRP C 109 -10.57 -26.44 23.83
C TRP C 109 -11.65 -27.44 24.11
N VAL C 110 -11.28 -28.71 24.01
CA VAL C 110 -12.14 -29.85 24.24
C VAL C 110 -11.43 -30.67 25.35
N ALA C 111 -12.15 -30.98 26.43
CA ALA C 111 -11.59 -31.74 27.56
C ALA C 111 -11.41 -33.20 27.21
N PHE C 112 -10.57 -33.93 27.98
CA PHE C 112 -10.43 -35.38 27.82
C PHE C 112 -11.83 -36.03 28.02
N GLU C 113 -12.62 -35.46 28.95
CA GLU C 113 -13.95 -35.90 29.35
C GLU C 113 -15.00 -35.91 28.23
N PHE C 114 -14.75 -35.17 27.15
CA PHE C 114 -15.61 -35.16 25.97
C PHE C 114 -15.60 -36.54 25.27
N GLY C 115 -14.53 -37.30 25.43
CA GLY C 115 -14.37 -38.60 24.79
C GLY C 115 -14.83 -39.80 25.57
N VAL C 116 -15.61 -39.57 26.67
CA VAL C 116 -16.09 -40.64 27.55
C VAL C 116 -17.51 -41.15 27.30
N HIS C 117 -18.38 -40.32 26.79
CA HIS C 117 -19.73 -40.67 26.47
C HIS C 117 -19.87 -41.81 25.47
N ARG C 118 -18.98 -41.86 24.51
CA ARG C 118 -18.93 -42.90 23.49
C ARG C 118 -18.67 -44.29 24.07
N TYR C 119 -18.07 -44.34 25.29
CA TYR C 119 -17.83 -45.60 26.02
C TYR C 119 -18.81 -45.79 27.17
N GLY C 120 -19.89 -45.00 27.16
CA GLY C 120 -20.93 -45.04 28.18
C GLY C 120 -20.44 -44.76 29.59
N LEU C 121 -19.43 -43.88 29.75
CA LEU C 121 -18.81 -43.56 31.04
C LEU C 121 -19.19 -42.21 31.60
N GLN C 122 -20.15 -41.49 31.00
CA GLN C 122 -20.58 -40.15 31.38
C GLN C 122 -21.20 -40.01 32.78
N GLN C 123 -21.85 -41.08 33.31
CA GLN C 123 -22.45 -41.05 34.65
C GLN C 123 -21.38 -40.91 35.76
N ARG C 124 -20.13 -41.25 35.45
CA ARG C 124 -18.96 -41.15 36.32
C ARG C 124 -18.52 -39.69 36.48
N LEU C 125 -19.07 -38.78 35.66
CA LEU C 125 -18.71 -37.36 35.71
C LEU C 125 -19.54 -36.63 36.71
N ALA C 126 -18.86 -35.78 37.49
CA ALA C 126 -19.45 -34.93 38.51
C ALA C 126 -20.32 -33.88 37.82
N PRO C 127 -21.30 -33.23 38.50
CA PRO C 127 -22.08 -32.19 37.81
C PRO C 127 -21.18 -31.02 37.45
N HIS C 128 -21.53 -30.27 36.39
CA HIS C 128 -20.77 -29.12 35.87
C HIS C 128 -19.35 -29.49 35.39
N THR C 129 -19.13 -30.76 34.94
CA THR C 129 -17.83 -31.18 34.39
C THR C 129 -17.65 -30.55 32.99
N PRO C 130 -16.65 -29.65 32.79
CA PRO C 130 -16.45 -29.07 31.45
C PRO C 130 -16.08 -30.12 30.41
N LEU C 131 -16.72 -30.05 29.22
CA LEU C 131 -16.42 -30.95 28.08
C LEU C 131 -15.75 -30.18 26.97
N ALA C 132 -16.21 -28.93 26.74
CA ALA C 132 -15.69 -28.08 25.68
C ALA C 132 -16.06 -26.63 25.90
N ARG C 133 -15.18 -25.72 25.44
CA ARG C 133 -15.39 -24.28 25.46
C ARG C 133 -15.01 -23.80 24.08
N VAL C 134 -15.99 -23.37 23.26
CA VAL C 134 -15.73 -22.90 21.88
C VAL C 134 -16.34 -21.52 21.68
N PHE C 135 -15.54 -20.58 21.20
CA PHE C 135 -16.00 -19.22 21.04
C PHE C 135 -15.75 -18.67 19.66
N SER C 136 -16.59 -17.69 19.26
CA SER C 136 -16.39 -16.97 18.03
C SER C 136 -15.70 -15.64 18.44
N PRO C 137 -14.54 -15.33 17.89
CA PRO C 137 -13.84 -14.12 18.36
C PRO C 137 -14.42 -12.83 17.80
N ARG C 138 -14.14 -11.73 18.50
CA ARG C 138 -14.53 -10.38 18.12
C ARG C 138 -13.58 -9.91 16.98
N THR C 139 -12.29 -10.28 17.08
CA THR C 139 -11.24 -9.92 16.13
C THR C 139 -10.27 -11.09 15.94
N ARG C 140 -9.63 -11.16 14.75
CA ARG C 140 -8.60 -12.16 14.42
C ARG C 140 -7.40 -11.49 13.82
N ILE C 141 -6.23 -11.79 14.36
CA ILE C 141 -4.94 -11.29 13.87
C ILE C 141 -4.14 -12.54 13.48
N MET C 142 -3.81 -12.67 12.19
CA MET C 142 -3.03 -13.81 11.69
C MET C 142 -1.61 -13.37 11.40
N VAL C 143 -0.66 -13.98 12.11
CA VAL C 143 0.76 -13.65 12.03
C VAL C 143 1.50 -14.82 11.39
N SER C 144 2.19 -14.53 10.28
CA SER C 144 3.05 -15.48 9.57
C SER C 144 4.40 -14.77 9.40
N GLU C 145 5.39 -15.44 8.79
CA GLU C 145 6.73 -14.92 8.55
C GLU C 145 6.71 -13.69 7.59
N LYS C 146 5.74 -13.67 6.65
CA LYS C 146 5.61 -12.65 5.63
C LYS C 146 4.65 -11.52 5.98
N GLU C 147 3.45 -11.81 6.53
CA GLU C 147 2.48 -10.76 6.83
C GLU C 147 1.65 -10.91 8.09
N ILE C 148 0.94 -9.81 8.44
CA ILE C 148 0.00 -9.70 9.56
C ILE C 148 -1.32 -9.36 8.88
N ARG C 149 -2.33 -10.23 9.06
CA ARG C 149 -3.67 -10.02 8.50
C ARG C 149 -4.66 -9.74 9.63
N LEU C 150 -5.48 -8.68 9.46
CA LEU C 150 -6.47 -8.24 10.44
C LEU C 150 -7.88 -8.52 9.97
N PHE C 151 -8.67 -9.18 10.83
CA PHE C 151 -10.06 -9.53 10.53
C PHE C 151 -10.96 -8.95 11.60
N ASP C 152 -11.94 -8.13 11.19
CA ASP C 152 -12.90 -7.48 12.08
C ASP C 152 -12.25 -6.70 13.23
N ALA C 153 -11.12 -6.03 12.92
CA ALA C 153 -10.38 -5.24 13.88
C ALA C 153 -10.91 -3.82 13.95
N GLY C 154 -11.48 -3.47 15.11
CA GLY C 154 -12.00 -2.13 15.40
C GLY C 154 -10.86 -1.15 15.62
N ILE C 155 -11.22 0.13 15.79
CA ILE C 155 -10.25 1.22 16.00
C ILE C 155 -9.28 0.95 17.18
N ARG C 156 -9.83 0.50 18.34
CA ARG C 156 -9.05 0.21 19.56
C ARG C 156 -8.01 -0.88 19.32
N HIS C 157 -8.42 -1.96 18.63
CA HIS C 157 -7.53 -3.08 18.29
C HIS C 157 -6.45 -2.67 17.33
N ARG C 158 -6.83 -1.92 16.28
CA ARG C 158 -5.92 -1.43 15.25
C ARG C 158 -4.85 -0.51 15.85
N GLU C 159 -5.28 0.43 16.74
CA GLU C 159 -4.39 1.35 17.46
C GLU C 159 -3.43 0.59 18.36
N ALA C 160 -3.92 -0.50 19.02
CA ALA C 160 -3.12 -1.37 19.90
C ALA C 160 -2.06 -2.18 19.15
N ILE C 161 -2.40 -2.71 17.95
CA ILE C 161 -1.45 -3.45 17.09
C ILE C 161 -0.34 -2.48 16.68
N ASP C 162 -0.73 -1.30 16.12
CA ASP C 162 0.16 -0.24 15.65
C ASP C 162 1.16 0.20 16.72
N ARG C 163 0.67 0.42 17.96
CA ARG C 163 1.46 0.78 19.12
C ARG C 163 2.52 -0.30 19.42
N LEU C 164 2.10 -1.60 19.41
CA LEU C 164 2.99 -2.74 19.66
C LEU C 164 4.06 -2.91 18.55
N LEU C 165 3.64 -2.78 17.27
CA LEU C 165 4.54 -2.93 16.12
C LEU C 165 5.70 -1.92 16.15
N ALA C 166 5.41 -0.68 16.56
CA ALA C 166 6.41 0.37 16.67
C ALA C 166 7.30 0.21 17.92
N THR C 167 6.73 -0.35 19.00
CA THR C 167 7.44 -0.58 20.26
C THR C 167 8.50 -1.67 20.08
N GLY C 168 8.09 -2.79 19.49
CA GLY C 168 8.92 -3.96 19.30
C GLY C 168 8.59 -4.99 20.36
N VAL C 169 9.23 -6.15 20.30
CA VAL C 169 8.93 -7.20 21.26
C VAL C 169 9.78 -7.08 22.51
N ARG C 170 9.22 -7.40 23.70
CA ARG C 170 9.95 -7.37 24.95
C ARG C 170 11.02 -8.44 24.95
N GLU C 171 12.11 -8.20 25.69
CA GLU C 171 13.17 -9.20 25.88
C GLU C 171 12.60 -10.23 26.84
N VAL C 172 12.83 -11.51 26.58
CA VAL C 172 12.32 -12.56 27.47
C VAL C 172 13.25 -12.67 28.70
N PRO C 173 12.71 -12.48 29.93
CA PRO C 173 13.55 -12.62 31.14
C PRO C 173 14.06 -14.03 31.34
N GLN C 174 15.03 -14.21 32.24
CA GLN C 174 15.58 -15.52 32.56
C GLN C 174 14.49 -16.33 33.24
N SER C 175 14.46 -17.63 32.99
CA SER C 175 13.46 -18.53 33.56
C SER C 175 13.76 -18.87 35.04
N ARG C 176 12.76 -19.40 35.75
CA ARG C 176 12.89 -19.82 37.14
C ARG C 176 12.61 -21.31 37.21
N SER C 177 13.52 -22.04 37.84
CA SER C 177 13.48 -23.51 37.92
C SER C 177 12.38 -24.05 38.82
N VAL C 178 12.00 -25.32 38.55
CA VAL C 178 10.99 -26.07 39.29
C VAL C 178 11.49 -27.52 39.55
N ASP C 179 11.16 -28.08 40.73
CA ASP C 179 11.49 -29.46 41.08
C ASP C 179 10.39 -30.40 40.64
N VAL C 180 10.75 -31.45 39.88
CA VAL C 180 9.84 -32.47 39.37
C VAL C 180 10.10 -33.87 39.99
N SER C 181 11.01 -33.91 40.95
CA SER C 181 11.43 -35.11 41.67
C SER C 181 10.41 -35.82 42.51
N ASP C 182 9.62 -35.08 43.26
CA ASP C 182 8.61 -35.64 44.13
C ASP C 182 7.56 -36.39 43.37
N ASP C 183 6.89 -37.29 44.06
CA ASP C 183 5.80 -38.01 43.51
C ASP C 183 4.62 -38.03 44.48
N PRO C 184 4.06 -36.86 44.78
CA PRO C 184 2.93 -36.78 45.72
C PRO C 184 1.65 -37.53 45.33
N SER C 185 1.43 -37.78 44.01
CA SER C 185 0.23 -38.48 43.53
C SER C 185 0.40 -40.01 43.46
N GLY C 186 1.59 -40.49 43.80
CA GLY C 186 1.93 -41.91 43.81
C GLY C 186 1.88 -42.54 42.43
N PHE C 187 2.45 -41.84 41.42
CA PHE C 187 2.50 -42.28 40.04
C PHE C 187 3.10 -43.68 39.92
N ARG C 188 4.22 -43.94 40.63
CA ARG C 188 4.91 -45.23 40.64
C ARG C 188 4.01 -46.37 41.09
N ARG C 189 3.26 -46.18 42.19
CA ARG C 189 2.32 -47.17 42.72
C ARG C 189 1.16 -47.39 41.73
N ARG C 190 0.67 -46.29 41.11
CA ARG C 190 -0.43 -46.31 40.14
C ARG C 190 -0.02 -47.06 38.85
N VAL C 191 1.27 -46.96 38.44
CA VAL C 191 1.84 -47.67 37.28
C VAL C 191 1.82 -49.18 37.58
N ALA C 192 2.29 -49.57 38.78
CA ALA C 192 2.33 -50.95 39.24
C ALA C 192 0.92 -51.59 39.18
N VAL C 193 -0.12 -50.85 39.59
CA VAL C 193 -1.52 -51.31 39.54
C VAL C 193 -1.95 -51.57 38.09
N ALA C 194 -1.65 -50.62 37.19
CA ALA C 194 -1.95 -50.72 35.75
C ALA C 194 -1.28 -51.95 35.13
N VAL C 195 0.02 -52.18 35.46
CA VAL C 195 0.80 -53.35 35.01
C VAL C 195 0.04 -54.65 35.38
N ASP C 196 -0.37 -54.79 36.67
CA ASP C 196 -1.10 -55.95 37.19
C ASP C 196 -2.39 -56.19 36.44
N GLU C 197 -3.12 -55.10 36.10
CA GLU C 197 -4.36 -55.16 35.34
C GLU C 197 -4.11 -55.62 33.90
N ILE C 198 -2.97 -55.20 33.30
CA ILE C 198 -2.55 -55.60 31.94
C ILE C 198 -2.19 -57.08 31.95
N ALA C 199 -1.40 -57.53 32.96
CA ALA C 199 -0.99 -58.93 33.17
C ALA C 199 -2.21 -59.84 33.34
N ALA C 200 -3.28 -59.33 33.97
CA ALA C 200 -4.55 -60.06 34.17
C ALA C 200 -5.46 -59.98 32.92
N GLY C 201 -4.96 -59.35 31.85
CA GLY C 201 -5.66 -59.22 30.58
C GLY C 201 -6.84 -58.29 30.52
N ARG C 202 -6.93 -57.28 31.43
CA ARG C 202 -8.04 -56.31 31.43
C ARG C 202 -7.97 -55.41 30.18
N TYR C 203 -6.74 -54.99 29.79
CA TYR C 203 -6.39 -54.15 28.64
C TYR C 203 -4.91 -54.34 28.27
N HIS C 204 -4.51 -53.82 27.11
CA HIS C 204 -3.15 -53.93 26.60
C HIS C 204 -2.27 -52.74 27.01
N LYS C 205 -2.82 -51.51 26.88
CA LYS C 205 -2.09 -50.27 27.19
C LYS C 205 -3.00 -49.22 27.87
N VAL C 206 -2.37 -48.35 28.69
CA VAL C 206 -3.01 -47.22 29.38
C VAL C 206 -1.98 -46.11 29.62
N ILE C 207 -2.39 -44.87 29.41
CA ILE C 207 -1.51 -43.74 29.68
C ILE C 207 -1.94 -43.18 31.05
N LEU C 208 -1.01 -43.18 32.00
CA LEU C 208 -1.23 -42.61 33.32
C LEU C 208 -0.31 -41.38 33.44
N SER C 209 -0.75 -40.36 34.17
CA SER C 209 0.03 -39.12 34.29
C SER C 209 0.14 -38.65 35.71
N ARG C 210 0.90 -37.58 35.91
CA ARG C 210 1.07 -36.92 37.20
C ARG C 210 1.12 -35.40 37.01
N CYS C 211 0.52 -34.68 37.96
CA CYS C 211 0.57 -33.23 37.97
C CYS C 211 1.80 -32.79 38.72
N VAL C 212 2.38 -31.66 38.31
CA VAL C 212 3.52 -31.07 39.00
C VAL C 212 3.14 -29.62 39.25
N GLU C 213 2.97 -29.26 40.52
CA GLU C 213 2.61 -27.91 40.94
C GLU C 213 3.77 -26.96 40.74
N VAL C 214 3.52 -25.80 40.13
CA VAL C 214 4.53 -24.75 39.95
C VAL C 214 4.33 -23.83 41.16
N PRO C 215 5.32 -23.72 42.09
CA PRO C 215 5.11 -22.92 43.31
C PRO C 215 5.10 -21.40 43.16
N PHE C 216 5.17 -20.91 41.92
CA PHE C 216 5.16 -19.49 41.61
C PHE C 216 4.27 -19.20 40.40
N ALA C 217 3.77 -17.96 40.30
CA ALA C 217 2.94 -17.53 39.18
C ALA C 217 3.84 -17.32 37.97
N ILE C 218 3.43 -17.84 36.82
CA ILE C 218 4.22 -17.66 35.60
C ILE C 218 3.57 -16.65 34.66
N ASP C 219 4.37 -16.04 33.79
CA ASP C 219 3.87 -15.13 32.75
C ASP C 219 3.66 -16.06 31.54
N PHE C 220 2.39 -16.32 31.19
CA PHE C 220 2.03 -17.22 30.11
C PHE C 220 2.54 -16.80 28.72
N PRO C 221 2.32 -15.56 28.24
CA PRO C 221 2.88 -15.21 26.91
C PRO C 221 4.40 -15.27 26.84
N LEU C 222 5.11 -14.86 27.92
CA LEU C 222 6.58 -14.89 27.95
C LEU C 222 7.13 -16.31 28.04
N THR C 223 6.50 -17.19 28.86
CA THR C 223 6.87 -18.60 28.97
C THR C 223 6.61 -19.25 27.60
N TYR C 224 5.47 -18.90 26.93
CA TYR C 224 5.15 -19.46 25.63
C TYR C 224 6.31 -19.15 24.62
N ARG C 225 6.74 -17.88 24.56
CA ARG C 225 7.81 -17.40 23.70
C ARG C 225 9.12 -18.15 23.96
N LEU C 226 9.51 -18.31 25.22
CA LEU C 226 10.73 -19.02 25.60
C LEU C 226 10.71 -20.48 25.21
N GLY C 227 9.64 -21.19 25.61
CA GLY C 227 9.46 -22.59 25.29
C GLY C 227 9.37 -22.86 23.80
N ARG C 228 8.77 -21.90 23.04
CA ARG C 228 8.64 -22.01 21.58
C ARG C 228 10.00 -22.00 20.85
N ARG C 229 11.00 -21.26 21.37
CA ARG C 229 12.36 -21.20 20.79
C ARG C 229 13.16 -22.50 20.99
N HIS C 230 12.63 -23.46 21.80
CA HIS C 230 13.28 -24.72 22.12
C HIS C 230 12.39 -25.95 21.87
N ASN C 231 11.30 -25.74 21.10
CA ASN C 231 10.36 -26.78 20.75
C ASN C 231 9.90 -26.61 19.33
N THR C 232 9.69 -27.73 18.65
CA THR C 232 9.18 -27.79 17.29
C THR C 232 7.94 -28.68 17.34
N PRO C 233 6.77 -28.08 17.67
CA PRO C 233 5.56 -28.90 17.81
C PRO C 233 4.76 -29.02 16.52
N VAL C 234 3.78 -29.95 16.49
CA VAL C 234 2.87 -30.13 15.36
C VAL C 234 1.98 -28.85 15.31
N ARG C 235 1.55 -28.39 16.50
CA ARG C 235 0.72 -27.20 16.73
C ARG C 235 1.11 -26.65 18.08
N SER C 236 0.75 -25.39 18.34
CA SER C 236 1.00 -24.77 19.63
C SER C 236 -0.11 -23.81 19.96
N PHE C 237 -0.28 -23.50 21.24
CA PHE C 237 -1.33 -22.59 21.65
C PHE C 237 -0.94 -21.83 22.89
N LEU C 238 -1.63 -20.69 23.08
CA LEU C 238 -1.51 -19.80 24.21
C LEU C 238 -2.89 -19.23 24.38
N LEU C 239 -3.48 -19.38 25.58
CA LEU C 239 -4.83 -18.88 25.82
C LEU C 239 -5.05 -18.27 27.18
N GLN C 240 -6.10 -17.46 27.29
CA GLN C 240 -6.65 -16.89 28.50
C GLN C 240 -8.13 -16.86 28.20
N LEU C 241 -8.86 -17.84 28.76
CA LEU C 241 -10.28 -18.00 28.48
C LEU C 241 -11.05 -18.52 29.68
N GLY C 242 -12.08 -17.78 30.08
CA GLY C 242 -12.97 -18.15 31.18
C GLY C 242 -12.29 -18.47 32.50
N GLY C 243 -11.29 -17.69 32.88
CA GLY C 243 -10.54 -17.88 34.12
C GLY C 243 -9.39 -18.86 34.01
N ILE C 244 -9.15 -19.42 32.82
CA ILE C 244 -8.07 -20.38 32.55
C ILE C 244 -6.99 -19.73 31.70
N ARG C 245 -5.71 -19.88 32.12
CA ARG C 245 -4.55 -19.53 31.31
C ARG C 245 -3.91 -20.88 30.99
N ALA C 246 -3.51 -21.08 29.71
CA ALA C 246 -2.87 -22.30 29.26
C ALA C 246 -1.99 -22.04 28.07
N LEU C 247 -0.97 -22.89 27.91
CA LEU C 247 -0.03 -22.85 26.79
C LEU C 247 0.45 -24.26 26.55
N GLY C 248 0.81 -24.57 25.32
CA GLY C 248 1.32 -25.90 25.04
C GLY C 248 1.93 -26.07 23.67
N TYR C 249 2.75 -27.11 23.56
CA TYR C 249 3.46 -27.51 22.34
C TYR C 249 2.93 -28.88 21.98
N SER C 250 1.81 -28.91 21.25
CA SER C 250 1.10 -30.12 20.87
C SER C 250 1.98 -31.06 20.03
N PRO C 251 2.22 -32.29 20.54
CA PRO C 251 3.09 -33.22 19.78
C PRO C 251 2.37 -34.03 18.70
N GLU C 252 1.03 -33.91 18.61
CA GLU C 252 0.26 -34.72 17.70
C GLU C 252 -1.04 -34.05 17.24
N LEU C 253 -1.40 -34.30 15.99
CA LEU C 253 -2.65 -33.85 15.41
C LEU C 253 -3.66 -34.98 15.65
N VAL C 254 -4.74 -34.67 16.38
CA VAL C 254 -5.83 -35.61 16.67
C VAL C 254 -6.63 -35.79 15.37
N THR C 255 -7.07 -34.67 14.76
CA THR C 255 -7.87 -34.65 13.54
C THR C 255 -7.70 -33.32 12.82
N ALA C 256 -7.72 -33.39 11.49
CA ALA C 256 -7.78 -32.27 10.58
C ALA C 256 -8.82 -32.65 9.51
N VAL C 257 -9.89 -31.83 9.40
CA VAL C 257 -10.97 -32.02 8.43
C VAL C 257 -10.88 -30.80 7.52
N ARG C 258 -10.78 -31.03 6.20
CA ARG C 258 -10.68 -29.91 5.26
C ARG C 258 -12.08 -29.58 4.75
N ALA C 259 -12.21 -28.45 4.04
CA ALA C 259 -13.48 -28.02 3.42
C ALA C 259 -13.99 -29.05 2.39
N ASP C 260 -13.06 -29.72 1.67
CA ASP C 260 -13.37 -30.74 0.65
C ASP C 260 -13.88 -32.08 1.23
N GLY C 261 -13.72 -32.26 2.54
CA GLY C 261 -14.17 -33.45 3.24
C GLY C 261 -13.08 -34.46 3.58
N VAL C 262 -11.81 -34.11 3.28
CA VAL C 262 -10.69 -35.00 3.59
C VAL C 262 -10.40 -34.95 5.10
N VAL C 263 -10.45 -36.13 5.75
CA VAL C 263 -10.19 -36.32 7.18
C VAL C 263 -8.79 -36.93 7.31
N ILE C 264 -7.93 -36.30 8.14
CA ILE C 264 -6.57 -36.75 8.41
C ILE C 264 -6.40 -36.92 9.92
N THR C 265 -5.61 -37.94 10.30
CA THR C 265 -5.20 -38.22 11.67
C THR C 265 -3.75 -38.70 11.59
N GLU C 266 -2.87 -38.15 12.45
CA GLU C 266 -1.46 -38.52 12.38
C GLU C 266 -0.88 -39.07 13.68
N PRO C 267 -1.15 -40.37 14.02
CA PRO C 267 -0.58 -40.93 15.25
C PRO C 267 0.94 -41.10 15.20
N LEU C 268 1.60 -40.77 16.30
CA LEU C 268 3.07 -40.84 16.43
C LEU C 268 3.46 -41.83 17.50
N ASP C 286 18.43 -46.82 11.62
CA ASP C 286 18.16 -46.26 12.95
C ASP C 286 17.63 -47.31 13.93
N ASP C 287 17.86 -47.08 15.25
CA ASP C 287 17.41 -47.95 16.34
C ASP C 287 15.87 -47.91 16.48
N LEU C 288 15.25 -46.74 16.25
CA LEU C 288 13.80 -46.52 16.33
C LEU C 288 13.03 -47.32 15.25
N GLU C 289 13.52 -47.28 13.99
CA GLU C 289 12.94 -47.97 12.83
C GLU C 289 13.00 -49.49 12.96
N SER C 290 13.92 -50.01 13.79
CA SER C 290 14.15 -51.44 14.00
C SER C 290 13.62 -51.99 15.33
N ASN C 291 13.36 -51.09 16.33
CA ASN C 291 12.87 -51.44 17.66
C ASN C 291 11.51 -52.15 17.62
N SER C 292 11.50 -53.46 17.94
CA SER C 292 10.32 -54.32 17.95
C SER C 292 9.19 -53.78 18.84
N LYS C 293 9.54 -53.25 20.04
CA LYS C 293 8.58 -52.69 20.99
C LYS C 293 7.82 -51.49 20.41
N GLU C 294 8.52 -50.63 19.71
CA GLU C 294 7.85 -49.50 19.17
C GLU C 294 7.05 -49.80 17.93
N ILE C 295 7.55 -50.68 17.07
CA ILE C 295 6.87 -51.13 15.85
C ILE C 295 5.50 -51.71 16.20
N VAL C 296 5.43 -52.60 17.21
CA VAL C 296 4.17 -53.22 17.68
C VAL C 296 3.17 -52.15 18.14
N GLU C 297 3.63 -51.22 19.03
CA GLU C 297 2.78 -50.17 19.57
C GLU C 297 2.27 -49.19 18.54
N HIS C 298 3.10 -48.86 17.55
CA HIS C 298 2.69 -47.99 16.45
C HIS C 298 1.67 -48.67 15.53
N ALA C 299 1.90 -49.97 15.19
CA ALA C 299 1.03 -50.77 14.33
C ALA C 299 -0.37 -50.92 14.93
N ILE C 300 -0.44 -51.18 16.25
CA ILE C 300 -1.70 -51.32 17.02
C ILE C 300 -2.51 -50.00 16.94
N SER C 301 -1.80 -48.86 17.08
CA SER C 301 -2.37 -47.51 17.04
C SER C 301 -2.89 -47.16 15.65
N VAL C 302 -2.09 -47.47 14.61
CA VAL C 302 -2.46 -47.23 13.21
C VAL C 302 -3.75 -48.02 12.91
N ARG C 303 -3.80 -49.29 13.35
CA ARG C 303 -4.98 -50.16 13.19
C ARG C 303 -6.20 -49.55 13.91
N SER C 304 -6.00 -49.06 15.16
CA SER C 304 -7.05 -48.43 15.98
C SER C 304 -7.59 -47.18 15.31
N SER C 305 -6.69 -46.26 14.89
CA SER C 305 -7.06 -45.03 14.19
C SER C 305 -7.80 -45.34 12.90
N LEU C 306 -7.36 -46.39 12.15
CA LEU C 306 -7.99 -46.81 10.89
C LEU C 306 -9.39 -47.36 11.12
N GLU C 307 -9.60 -48.15 12.19
CA GLU C 307 -10.90 -48.71 12.56
C GLU C 307 -11.91 -47.59 12.89
N GLU C 308 -11.43 -46.55 13.61
CA GLU C 308 -12.23 -45.40 14.05
C GLU C 308 -12.58 -44.47 12.92
N ILE C 309 -11.62 -44.16 12.03
CA ILE C 309 -11.84 -43.30 10.87
C ILE C 309 -12.85 -43.92 9.88
N THR C 310 -12.89 -45.28 9.83
CA THR C 310 -13.75 -46.09 8.97
C THR C 310 -15.23 -45.91 9.31
N ASP C 311 -15.55 -45.75 10.61
CA ASP C 311 -16.91 -45.55 11.10
C ASP C 311 -17.56 -44.25 10.59
N ILE C 312 -16.74 -43.24 10.27
CA ILE C 312 -17.19 -41.92 9.80
C ILE C 312 -16.90 -41.64 8.32
N ALA C 313 -16.10 -42.51 7.68
CA ALA C 313 -15.68 -42.35 6.30
C ALA C 313 -16.57 -43.00 5.24
N GLU C 314 -16.50 -42.44 4.01
CA GLU C 314 -17.16 -42.96 2.79
C GLU C 314 -16.56 -44.35 2.56
N PRO C 315 -17.36 -45.39 2.25
CA PRO C 315 -16.80 -46.75 2.08
C PRO C 315 -15.62 -46.80 1.12
N GLY C 316 -14.54 -47.45 1.57
CA GLY C 316 -13.30 -47.61 0.81
C GLY C 316 -12.35 -46.43 0.75
N SER C 317 -12.72 -45.27 1.36
CA SER C 317 -11.86 -44.08 1.34
C SER C 317 -10.72 -44.12 2.37
N ALA C 318 -10.85 -44.96 3.41
CA ALA C 318 -9.86 -45.11 4.50
C ALA C 318 -8.55 -45.76 4.03
N ALA C 319 -7.44 -44.99 4.11
CA ALA C 319 -6.11 -45.42 3.70
C ALA C 319 -4.99 -44.87 4.58
N VAL C 320 -3.92 -45.67 4.78
CA VAL C 320 -2.71 -45.26 5.49
C VAL C 320 -1.78 -44.78 4.37
N ILE C 321 -1.67 -43.44 4.19
CA ILE C 321 -0.93 -42.84 3.08
C ILE C 321 0.58 -42.76 3.24
N ASP C 322 1.07 -42.80 4.47
CA ASP C 322 2.50 -42.86 4.76
C ASP C 322 2.57 -43.70 6.01
N PHE C 323 3.02 -44.94 5.88
CA PHE C 323 3.08 -45.86 7.00
C PHE C 323 4.46 -45.99 7.63
N MET C 324 4.51 -45.90 8.97
CA MET C 324 5.68 -46.09 9.82
C MET C 324 6.96 -45.40 9.29
N THR C 325 6.83 -44.14 8.88
CA THR C 325 7.94 -43.34 8.36
C THR C 325 8.51 -42.46 9.47
N VAL C 326 9.81 -42.13 9.38
CA VAL C 326 10.44 -41.23 10.34
C VAL C 326 10.24 -39.77 9.87
N ARG C 327 9.74 -38.89 10.75
CA ARG C 327 9.55 -37.48 10.40
C ARG C 327 10.03 -36.54 11.49
N GLN C 333 12.50 -40.15 18.93
CA GLN C 333 12.25 -39.32 17.74
C GLN C 333 10.89 -39.64 17.07
N HIS C 334 10.59 -39.00 15.91
CA HIS C 334 9.32 -39.13 15.20
C HIS C 334 9.12 -40.32 14.26
N LEU C 335 8.41 -41.33 14.77
CA LEU C 335 7.94 -42.53 14.07
C LEU C 335 6.42 -42.30 13.91
N GLY C 336 5.95 -42.11 12.67
CA GLY C 336 4.54 -41.80 12.45
C GLY C 336 3.91 -42.30 11.17
N SER C 337 2.55 -42.28 11.15
CA SER C 337 1.72 -42.66 10.01
C SER C 337 0.58 -41.65 9.80
N THR C 338 0.15 -41.49 8.54
CA THR C 338 -0.94 -40.58 8.17
C THR C 338 -2.12 -41.41 7.69
N ILE C 339 -3.18 -41.45 8.47
CA ILE C 339 -4.39 -42.16 8.10
C ILE C 339 -5.30 -41.10 7.50
N ARG C 340 -5.84 -41.39 6.33
CA ARG C 340 -6.63 -40.49 5.54
C ARG C 340 -7.93 -41.15 5.22
N ALA C 341 -8.93 -40.37 4.93
CA ALA C 341 -10.26 -40.85 4.56
C ALA C 341 -11.06 -39.68 4.00
N ARG C 342 -12.30 -39.95 3.57
CA ARG C 342 -13.19 -38.92 3.06
C ARG C 342 -14.43 -38.96 3.90
N LEU C 343 -14.80 -37.80 4.48
CA LEU C 343 -15.96 -37.70 5.36
C LEU C 343 -17.25 -38.04 4.65
N ASP C 344 -17.93 -39.09 5.15
CA ASP C 344 -19.20 -39.56 4.62
C ASP C 344 -20.27 -38.47 4.71
N PRO C 345 -21.17 -38.32 3.71
CA PRO C 345 -22.19 -37.26 3.78
C PRO C 345 -23.13 -37.37 4.99
N SER C 346 -23.32 -38.59 5.53
CA SER C 346 -24.16 -38.86 6.71
C SER C 346 -23.44 -38.51 8.03
N SER C 347 -22.12 -38.19 7.97
CA SER C 347 -21.28 -37.81 9.11
C SER C 347 -20.88 -36.32 9.04
N ASP C 348 -20.17 -35.83 10.07
CA ASP C 348 -19.70 -34.44 10.20
C ASP C 348 -18.38 -34.36 10.98
N ARG C 349 -17.76 -33.16 11.01
CA ARG C 349 -16.48 -32.89 11.68
C ARG C 349 -16.42 -33.29 13.17
N MET C 350 -17.50 -33.02 13.91
CA MET C 350 -17.59 -33.35 15.33
C MET C 350 -17.66 -34.85 15.58
N ALA C 351 -18.34 -35.58 14.68
CA ALA C 351 -18.45 -37.04 14.72
C ALA C 351 -17.09 -37.66 14.42
N ALA C 352 -16.28 -37.00 13.57
CA ALA C 352 -14.91 -37.47 13.27
C ALA C 352 -14.04 -37.22 14.52
N LEU C 353 -14.14 -36.01 15.12
CA LEU C 353 -13.39 -35.70 16.33
C LEU C 353 -13.74 -36.69 17.45
N GLU C 354 -15.04 -36.92 17.68
CA GLU C 354 -15.55 -37.85 18.67
C GLU C 354 -15.10 -39.30 18.41
N ALA C 355 -15.09 -39.75 17.14
CA ALA C 355 -14.63 -41.09 16.72
C ALA C 355 -13.14 -41.28 17.01
N LEU C 356 -12.35 -40.20 16.88
CA LEU C 356 -10.91 -40.24 17.08
C LEU C 356 -10.49 -39.79 18.49
N PHE C 357 -11.48 -39.43 19.34
CA PHE C 357 -11.27 -38.95 20.70
C PHE C 357 -11.57 -39.98 21.79
N PRO C 358 -10.77 -40.04 22.89
CA PRO C 358 -9.51 -39.32 23.13
C PRO C 358 -8.44 -39.99 22.27
N ALA C 359 -7.34 -39.30 21.90
CA ALA C 359 -6.30 -39.95 21.09
C ALA C 359 -5.76 -41.19 21.80
N VAL C 360 -5.33 -42.25 21.05
CA VAL C 360 -4.73 -43.49 21.58
C VAL C 360 -3.53 -43.16 22.41
N THR C 361 -2.73 -42.19 21.91
CA THR C 361 -1.48 -41.65 22.46
C THR C 361 -1.58 -41.21 23.93
N ALA C 362 -2.77 -40.84 24.37
CA ALA C 362 -2.95 -40.33 25.72
C ALA C 362 -4.10 -41.05 26.46
N SER C 363 -4.68 -42.12 25.85
CA SER C 363 -5.74 -42.91 26.46
C SER C 363 -5.27 -44.39 26.70
N GLY C 364 -5.42 -45.24 25.69
CA GLY C 364 -5.00 -46.64 25.79
C GLY C 364 -5.58 -47.57 24.76
N ILE C 365 -5.26 -48.88 24.90
CA ILE C 365 -5.69 -49.95 23.99
C ILE C 365 -6.17 -51.18 24.77
N PRO C 366 -7.43 -51.64 24.58
CA PRO C 366 -8.51 -51.03 23.79
C PRO C 366 -8.94 -49.71 24.45
N LYS C 367 -9.29 -48.70 23.63
CA LYS C 367 -9.69 -47.35 24.09
C LYS C 367 -10.71 -47.34 25.21
N ALA C 368 -11.79 -48.14 25.09
CA ALA C 368 -12.85 -48.22 26.09
C ALA C 368 -12.32 -48.62 27.48
N ALA C 369 -11.48 -49.68 27.54
CA ALA C 369 -10.89 -50.18 28.79
C ALA C 369 -9.78 -49.26 29.31
N GLY C 370 -9.05 -48.60 28.40
CA GLY C 370 -8.02 -47.64 28.73
C GLY C 370 -8.58 -46.40 29.40
N VAL C 371 -9.67 -45.85 28.83
CA VAL C 371 -10.39 -44.67 29.34
C VAL C 371 -10.97 -44.98 30.73
N GLU C 372 -11.62 -46.16 30.87
CA GLU C 372 -12.19 -46.62 32.15
C GLU C 372 -11.11 -46.72 33.22
N ALA C 373 -9.92 -47.26 32.87
CA ALA C 373 -8.78 -47.40 33.78
C ALA C 373 -8.26 -46.03 34.25
N ILE C 374 -8.29 -45.02 33.36
CA ILE C 374 -7.87 -43.63 33.65
C ILE C 374 -8.77 -43.03 34.77
N PHE C 375 -10.08 -43.32 34.73
CA PHE C 375 -11.03 -42.87 35.76
C PHE C 375 -10.63 -43.36 37.15
N ARG C 376 -10.08 -44.59 37.22
CA ARG C 376 -9.68 -45.26 38.46
C ARG C 376 -8.24 -45.03 38.88
N LEU C 377 -7.31 -44.97 37.93
CA LEU C 377 -5.89 -44.86 38.23
C LEU C 377 -5.22 -43.52 37.96
N ASP C 378 -5.98 -42.52 37.49
CA ASP C 378 -5.40 -41.19 37.22
C ASP C 378 -6.17 -40.12 37.98
N GLU C 379 -5.57 -38.92 38.17
CA GLU C 379 -6.26 -37.80 38.84
C GLU C 379 -7.29 -37.26 37.82
N CYS C 380 -8.57 -37.44 38.16
CA CYS C 380 -9.69 -37.06 37.30
C CYS C 380 -10.58 -35.98 37.92
N PRO C 381 -11.20 -35.08 37.12
CA PRO C 381 -11.15 -34.98 35.65
C PRO C 381 -9.81 -34.45 35.14
N ARG C 382 -9.38 -34.88 33.95
CA ARG C 382 -8.12 -34.44 33.35
C ARG C 382 -8.21 -33.00 32.82
N GLY C 383 -9.39 -32.62 32.31
CA GLY C 383 -9.65 -31.30 31.75
C GLY C 383 -8.98 -31.09 30.42
N LEU C 384 -8.20 -30.02 30.28
CA LEU C 384 -7.47 -29.71 29.05
C LEU C 384 -6.43 -30.79 28.73
N TYR C 385 -5.74 -31.36 29.74
CA TYR C 385 -4.71 -32.41 29.55
C TYR C 385 -5.25 -33.63 28.83
N SER C 386 -4.57 -33.99 27.69
CA SER C 386 -4.89 -35.14 26.82
C SER C 386 -6.20 -34.91 26.05
N GLY C 387 -6.72 -33.70 26.13
CA GLY C 387 -7.87 -33.25 25.35
C GLY C 387 -7.31 -32.63 24.08
N ALA C 388 -8.01 -31.64 23.56
CA ALA C 388 -7.53 -30.99 22.35
C ALA C 388 -7.81 -29.49 22.36
N VAL C 389 -7.03 -28.75 21.60
CA VAL C 389 -7.23 -27.33 21.34
C VAL C 389 -7.66 -27.32 19.87
N VAL C 390 -8.79 -26.63 19.57
CA VAL C 390 -9.43 -26.65 18.26
C VAL C 390 -9.59 -25.29 17.56
N MET C 391 -9.53 -25.33 16.24
CA MET C 391 -9.80 -24.21 15.34
C MET C 391 -10.80 -24.75 14.29
N LEU C 392 -11.96 -24.09 14.18
CA LEU C 392 -13.02 -24.51 13.26
C LEU C 392 -13.30 -23.42 12.26
N SER C 393 -13.75 -23.79 11.05
CA SER C 393 -14.05 -22.82 9.99
C SER C 393 -15.47 -23.02 9.45
N ALA C 394 -16.07 -21.96 9.00
CA ALA C 394 -17.40 -21.97 8.40
C ALA C 394 -17.46 -22.90 7.19
N ASP C 395 -16.34 -23.11 6.53
CA ASP C 395 -16.22 -23.99 5.38
C ASP C 395 -16.15 -25.44 5.71
N GLY C 396 -16.47 -25.77 6.93
CA GLY C 396 -16.49 -27.16 7.42
C GLY C 396 -15.16 -27.65 7.95
N GLY C 397 -14.16 -26.77 7.95
CA GLY C 397 -12.83 -27.07 8.47
C GLY C 397 -12.78 -27.30 9.97
N LEU C 398 -11.82 -28.15 10.39
CA LEU C 398 -11.51 -28.48 11.77
C LEU C 398 -10.05 -28.87 11.91
N ASP C 399 -9.36 -28.29 12.90
CA ASP C 399 -7.99 -28.61 13.22
C ASP C 399 -7.96 -28.81 14.73
N ALA C 400 -7.64 -30.04 15.16
CA ALA C 400 -7.61 -30.43 16.58
C ALA C 400 -6.25 -30.98 16.95
N ALA C 401 -5.53 -30.25 17.81
CA ALA C 401 -4.21 -30.60 18.30
C ALA C 401 -4.32 -31.27 19.66
N LEU C 402 -3.57 -32.38 19.88
CA LEU C 402 -3.55 -33.10 21.15
C LEU C 402 -2.85 -32.28 22.23
N THR C 403 -3.57 -32.03 23.36
CA THR C 403 -3.01 -31.23 24.46
C THR C 403 -2.12 -32.05 25.38
N LEU C 404 -0.81 -31.93 25.15
CA LEU C 404 0.28 -32.53 25.93
C LEU C 404 1.38 -31.49 25.88
N ARG C 405 2.34 -31.54 26.84
CA ARG C 405 3.46 -30.59 26.93
C ARG C 405 2.91 -29.17 27.09
N ALA C 406 1.98 -29.05 28.02
CA ALA C 406 1.23 -27.84 28.31
C ALA C 406 1.33 -27.45 29.79
N ALA C 407 1.17 -26.15 30.07
CA ALA C 407 1.15 -25.54 31.38
C ALA C 407 -0.23 -24.95 31.58
N TYR C 408 -0.74 -24.97 32.81
CA TYR C 408 -2.10 -24.51 33.14
C TYR C 408 -2.11 -23.67 34.39
N GLN C 409 -3.09 -22.76 34.48
CA GLN C 409 -3.33 -21.89 35.64
C GLN C 409 -4.82 -21.63 35.73
N VAL C 410 -5.40 -22.10 36.83
CA VAL C 410 -6.81 -21.95 37.13
C VAL C 410 -6.86 -21.67 38.62
N GLY C 411 -7.54 -20.58 38.97
CA GLY C 411 -7.77 -20.10 40.33
C GLY C 411 -6.69 -20.24 41.39
N GLY C 412 -5.54 -19.60 41.16
CA GLY C 412 -4.44 -19.60 42.10
C GLY C 412 -3.46 -20.75 41.97
N ARG C 413 -3.86 -21.80 41.25
CA ARG C 413 -3.04 -22.98 41.03
C ARG C 413 -2.39 -22.96 39.64
N THR C 414 -1.06 -23.20 39.58
CA THR C 414 -0.29 -23.31 38.34
C THR C 414 0.32 -24.72 38.32
N TRP C 415 0.16 -25.43 37.22
CA TRP C 415 0.68 -26.79 37.14
C TRP C 415 1.05 -27.25 35.74
N LEU C 416 1.89 -28.28 35.72
CA LEU C 416 2.34 -28.98 34.53
C LEU C 416 1.79 -30.39 34.68
N ARG C 417 1.65 -31.12 33.57
CA ARG C 417 1.12 -32.48 33.60
C ARG C 417 1.75 -33.32 32.52
N ALA C 418 2.45 -34.39 32.92
CA ALA C 418 3.11 -35.34 32.01
C ALA C 418 2.77 -36.78 32.36
N GLY C 419 2.60 -37.59 31.33
CA GLY C 419 2.26 -39.00 31.43
C GLY C 419 3.11 -39.90 30.57
N ALA C 420 2.82 -41.20 30.62
CA ALA C 420 3.54 -42.23 29.88
C ALA C 420 2.67 -43.45 29.60
N GLY C 421 2.91 -44.07 28.44
CA GLY C 421 2.21 -45.29 28.04
C GLY C 421 2.67 -46.48 28.87
N ILE C 422 1.72 -47.18 29.49
CA ILE C 422 1.99 -48.34 30.36
C ILE C 422 1.57 -49.61 29.65
N ILE C 423 2.51 -50.54 29.50
CA ILE C 423 2.31 -51.87 28.90
C ILE C 423 2.77 -52.95 29.91
N GLU C 424 2.54 -54.25 29.61
CA GLU C 424 2.92 -55.36 30.53
C GLU C 424 4.38 -55.27 31.01
N GLU C 425 5.30 -54.96 30.09
CA GLU C 425 6.74 -54.85 30.32
C GLU C 425 7.20 -53.59 31.07
N SER C 426 6.29 -52.60 31.28
CA SER C 426 6.61 -51.32 31.93
C SER C 426 7.11 -51.43 33.36
N GLU C 427 8.08 -50.58 33.73
CA GLU C 427 8.68 -50.51 35.05
C GLU C 427 8.35 -49.14 35.68
N PRO C 428 7.76 -49.09 36.91
CA PRO C 428 7.40 -47.79 37.52
C PRO C 428 8.48 -46.70 37.54
N GLU C 429 9.73 -47.05 37.89
CA GLU C 429 10.86 -46.11 37.95
C GLU C 429 11.22 -45.57 36.57
N ARG C 430 11.12 -46.43 35.53
CA ARG C 430 11.42 -46.04 34.15
C ARG C 430 10.34 -45.08 33.64
N GLU C 431 9.07 -45.38 33.94
CA GLU C 431 7.91 -44.57 33.56
C GLU C 431 7.97 -43.18 34.21
N PHE C 432 8.47 -43.09 35.46
CA PHE C 432 8.62 -41.82 36.18
C PHE C 432 9.65 -40.94 35.48
N GLU C 433 10.79 -41.52 35.07
CA GLU C 433 11.87 -40.83 34.37
C GLU C 433 11.36 -40.31 33.03
N GLU C 434 10.49 -41.08 32.36
CA GLU C 434 9.86 -40.70 31.09
C GLU C 434 9.00 -39.42 31.28
N THR C 435 8.27 -39.31 32.42
CA THR C 435 7.44 -38.13 32.73
C THR C 435 8.32 -36.92 32.97
N CYS C 436 9.53 -37.12 33.53
CA CYS C 436 10.53 -36.05 33.78
C CYS C 436 11.08 -35.53 32.46
N GLU C 437 11.26 -36.43 31.47
CA GLU C 437 11.78 -36.09 30.14
C GLU C 437 10.76 -35.24 29.41
N LYS C 438 9.49 -35.64 29.49
CA LYS C 438 8.36 -34.93 28.87
C LYS C 438 8.12 -33.58 29.52
N LEU C 439 8.37 -33.48 30.84
CA LEU C 439 8.26 -32.22 31.56
C LEU C 439 9.37 -31.24 31.16
N SER C 440 10.57 -31.77 30.81
CA SER C 440 11.77 -31.00 30.38
C SER C 440 11.53 -30.11 29.15
N THR C 441 10.39 -30.31 28.48
CA THR C 441 9.93 -29.54 27.34
C THR C 441 9.50 -28.13 27.85
N LEU C 442 9.08 -28.06 29.13
CA LEU C 442 8.61 -26.83 29.75
C LEU C 442 9.43 -26.36 30.95
N THR C 443 9.86 -27.31 31.82
CA THR C 443 10.61 -27.02 33.05
C THR C 443 11.77 -26.01 32.95
N PRO C 444 12.61 -25.99 31.90
CA PRO C 444 13.68 -24.96 31.86
C PRO C 444 13.22 -23.61 31.34
N TYR C 445 11.94 -23.48 30.92
CA TYR C 445 11.44 -22.26 30.26
C TYR C 445 10.35 -21.47 30.96
N LEU C 446 10.17 -21.70 32.26
CA LEU C 446 9.15 -21.01 33.05
C LEU C 446 9.55 -19.61 33.48
N VAL C 447 8.95 -18.60 32.86
CA VAL C 447 9.19 -17.20 33.17
C VAL C 447 8.18 -16.78 34.27
N ALA C 448 8.68 -16.38 35.45
CA ALA C 448 7.85 -15.95 36.59
C ALA C 448 7.13 -14.62 36.26
N ARG C 449 5.93 -14.43 36.86
CA ARG C 449 5.07 -13.27 36.69
C ARG C 449 5.73 -11.96 37.06
N ALA D 14 20.69 8.37 31.99
CA ALA D 14 19.94 8.65 30.77
C ALA D 14 20.82 8.75 29.52
N SER D 15 22.14 9.05 29.69
CA SER D 15 23.07 9.22 28.56
C SER D 15 24.46 8.61 28.71
N SER D 16 25.04 8.21 27.55
CA SER D 16 26.39 7.68 27.40
C SER D 16 27.27 8.78 26.83
N SER D 17 28.58 8.64 26.97
CA SER D 17 29.49 9.61 26.44
C SER D 17 30.73 9.06 25.78
N ILE D 18 31.23 9.82 24.85
CA ILE D 18 32.42 9.49 24.05
C ILE D 18 33.26 10.79 24.03
N PRO D 19 34.56 10.75 24.42
CA PRO D 19 35.35 12.00 24.36
C PRO D 19 35.53 12.45 22.90
N MET D 20 35.52 13.76 22.68
CA MET D 20 35.65 14.36 21.35
C MET D 20 37.10 14.21 20.82
N PRO D 21 37.29 13.64 19.59
CA PRO D 21 38.67 13.52 19.06
C PRO D 21 39.26 14.88 18.71
N ALA D 22 40.58 15.05 18.94
CA ALA D 22 41.30 16.28 18.63
C ALA D 22 41.39 16.48 17.11
N GLY D 23 41.35 17.74 16.69
CA GLY D 23 41.43 18.12 15.27
C GLY D 23 40.14 17.91 14.50
N VAL D 24 39.04 17.63 15.24
CA VAL D 24 37.70 17.39 14.70
C VAL D 24 36.79 18.55 15.13
N ASN D 25 36.27 19.33 14.15
CA ASN D 25 35.36 20.44 14.43
C ASN D 25 33.96 19.84 14.71
N PRO D 26 33.30 20.18 15.85
CA PRO D 26 31.97 19.59 16.15
C PRO D 26 30.89 19.78 15.09
N ALA D 27 30.91 20.91 14.34
CA ALA D 27 29.94 21.20 13.27
C ALA D 27 30.10 20.20 12.13
N ASP D 28 31.35 19.86 11.80
CA ASP D 28 31.70 18.93 10.74
C ASP D 28 31.30 17.51 11.10
N LEU D 29 31.57 17.08 12.36
CA LEU D 29 31.24 15.74 12.85
C LEU D 29 29.74 15.52 12.99
N ALA D 30 29.04 16.53 13.53
CA ALA D 30 27.59 16.48 13.71
C ALA D 30 26.86 16.39 12.36
N ALA D 31 27.32 17.16 11.34
CA ALA D 31 26.74 17.14 9.99
C ALA D 31 27.05 15.83 9.28
N GLU D 32 28.25 15.24 9.55
CA GLU D 32 28.63 13.94 8.98
C GLU D 32 27.78 12.82 9.55
N LEU D 33 27.55 12.81 10.88
CA LEU D 33 26.69 11.85 11.56
C LEU D 33 25.27 11.96 11.03
N ALA D 34 24.79 13.20 10.86
CA ALA D 34 23.45 13.50 10.35
C ALA D 34 23.25 12.85 8.97
N ALA D 35 24.24 12.98 8.09
CA ALA D 35 24.19 12.43 6.74
C ALA D 35 24.27 10.91 6.73
N VAL D 36 25.29 10.36 7.40
CA VAL D 36 25.56 8.92 7.35
C VAL D 36 24.58 8.08 8.14
N VAL D 37 24.47 8.32 9.46
CA VAL D 37 23.63 7.55 10.38
C VAL D 37 22.18 7.50 9.95
N THR D 38 21.57 8.66 9.71
CA THR D 38 20.15 8.75 9.35
C THR D 38 19.79 8.06 8.06
N GLU D 39 20.69 8.14 7.06
CA GLU D 39 20.48 7.47 5.77
C GLU D 39 20.54 5.96 5.91
N SER D 40 21.52 5.45 6.67
CA SER D 40 21.73 4.03 6.90
C SER D 40 20.57 3.39 7.66
N VAL D 41 20.02 4.09 8.62
CA VAL D 41 18.93 3.59 9.39
C VAL D 41 17.58 4.11 8.99
N ASP D 42 17.54 4.94 7.96
CA ASP D 42 16.34 5.38 7.27
C ASP D 42 15.43 6.25 8.10
N GLU D 43 15.94 7.40 8.49
CA GLU D 43 15.21 8.29 9.33
C GLU D 43 15.35 9.78 9.02
N ASP D 44 14.31 10.53 9.31
CA ASP D 44 14.30 12.00 9.21
C ASP D 44 15.11 12.51 10.41
N TYR D 45 15.57 13.76 10.34
CA TYR D 45 16.38 14.32 11.43
C TYR D 45 16.33 15.84 11.42
N LEU D 46 16.77 16.44 12.53
CA LEU D 46 16.97 17.87 12.67
C LEU D 46 18.23 18.04 13.52
N LEU D 47 19.21 18.77 12.99
CA LEU D 47 20.44 19.12 13.69
C LEU D 47 20.34 20.59 14.08
N TYR D 48 20.49 20.88 15.38
CA TYR D 48 20.38 22.25 15.90
C TYR D 48 21.65 22.66 16.66
N GLU D 49 22.27 23.77 16.27
CA GLU D 49 23.43 24.32 16.98
C GLU D 49 22.97 25.41 17.97
N CYS D 50 23.25 25.20 19.26
CA CYS D 50 22.89 26.10 20.35
C CYS D 50 23.98 26.17 21.41
N ASP D 51 24.70 27.31 21.47
CA ASP D 51 25.79 27.61 22.43
C ASP D 51 26.85 26.51 22.56
N GLY D 52 27.53 26.21 21.45
CA GLY D 52 28.58 25.19 21.41
C GLY D 52 28.12 23.74 21.38
N GLN D 53 26.80 23.49 21.46
CA GLN D 53 26.23 22.14 21.40
C GLN D 53 25.49 21.97 20.08
N TRP D 54 25.83 20.91 19.35
CA TRP D 54 25.17 20.55 18.09
C TRP D 54 24.31 19.35 18.44
N VAL D 55 23.00 19.57 18.56
CA VAL D 55 22.07 18.50 18.93
C VAL D 55 21.45 17.86 17.71
N LEU D 56 21.75 16.58 17.49
CA LEU D 56 21.18 15.81 16.40
C LEU D 56 19.98 15.05 16.91
N ALA D 57 18.78 15.48 16.50
CA ALA D 57 17.52 14.84 16.85
C ALA D 57 17.24 13.85 15.70
N ALA D 58 17.53 12.56 15.93
CA ALA D 58 17.44 11.52 14.90
C ALA D 58 16.23 10.59 15.02
N GLY D 59 15.47 10.50 13.93
CA GLY D 59 14.26 9.68 13.89
C GLY D 59 13.04 10.38 14.46
N VAL D 60 11.86 9.99 14.00
CA VAL D 60 10.59 10.58 14.43
C VAL D 60 9.81 9.58 15.32
N GLN D 61 9.80 9.83 16.66
CA GLN D 61 9.04 9.00 17.61
C GLN D 61 7.53 9.35 17.52
N ALA D 62 7.22 10.66 17.37
CA ALA D 62 5.88 11.24 17.22
C ALA D 62 6.02 12.59 16.54
N MET D 63 5.04 12.96 15.71
CA MET D 63 5.07 14.21 14.95
C MET D 63 3.80 15.03 15.17
N VAL D 64 3.97 16.33 15.45
CA VAL D 64 2.88 17.30 15.56
C VAL D 64 2.91 18.16 14.31
N GLU D 65 1.81 18.13 13.55
CA GLU D 65 1.66 18.96 12.35
C GLU D 65 0.55 19.98 12.58
N LEU D 66 0.92 21.25 12.74
CA LEU D 66 -0.08 22.31 12.90
C LEU D 66 -0.23 23.04 11.59
N ASP D 67 -1.43 22.93 11.01
CA ASP D 67 -1.84 23.60 9.78
C ASP D 67 -2.82 24.71 10.15
N SER D 68 -3.20 25.56 9.16
CA SER D 68 -4.11 26.68 9.41
C SER D 68 -5.51 26.19 9.78
N ASP D 69 -5.94 25.09 9.15
CA ASP D 69 -7.25 24.48 9.30
C ASP D 69 -7.28 23.16 10.06
N GLU D 70 -6.11 22.60 10.40
CA GLU D 70 -6.07 21.32 11.10
C GLU D 70 -4.82 21.12 11.96
N LEU D 71 -4.96 20.33 13.03
CA LEU D 71 -3.88 19.87 13.92
C LEU D 71 -3.84 18.33 13.84
N ARG D 72 -2.68 17.78 13.47
CA ARG D 72 -2.48 16.33 13.37
C ARG D 72 -1.35 15.89 14.29
N VAL D 73 -1.55 14.75 14.94
CA VAL D 73 -0.54 14.12 15.78
C VAL D 73 -0.37 12.72 15.21
N ILE D 74 0.84 12.42 14.69
CA ILE D 74 1.14 11.13 14.06
C ILE D 74 2.11 10.36 14.94
N ARG D 75 1.64 9.23 15.47
CA ARG D 75 2.41 8.37 16.37
C ARG D 75 2.00 6.94 16.06
N ASP D 76 3.01 6.10 15.73
CA ASP D 76 2.88 4.67 15.41
C ASP D 76 1.89 4.44 14.23
N GLY D 77 2.03 5.24 13.17
CA GLY D 77 1.18 5.17 11.97
C GLY D 77 -0.22 5.71 12.12
N VAL D 78 -0.63 6.03 13.36
CA VAL D 78 -1.97 6.56 13.66
C VAL D 78 -1.96 8.09 13.54
N THR D 79 -2.76 8.62 12.60
CA THR D 79 -2.91 10.07 12.39
C THR D 79 -4.21 10.53 13.07
N ARG D 80 -4.06 11.31 14.17
CA ARG D 80 -5.18 11.87 14.95
C ARG D 80 -5.50 13.33 14.54
N ARG D 81 -6.30 13.47 13.46
CA ARG D 81 -6.74 14.73 12.83
C ARG D 81 -7.82 15.41 13.68
N GLN D 82 -7.53 16.65 14.15
CA GLN D 82 -8.46 17.45 14.95
C GLN D 82 -8.55 18.93 14.55
N GLN D 83 -9.80 19.47 14.56
CA GLN D 83 -10.07 20.87 14.25
C GLN D 83 -9.61 21.71 15.42
N TRP D 84 -9.16 22.92 15.16
CA TRP D 84 -8.70 23.83 16.21
C TRP D 84 -9.15 25.26 15.96
N SER D 85 -9.26 26.02 17.02
CA SER D 85 -9.66 27.41 16.96
C SER D 85 -8.97 28.17 18.07
N GLY D 86 -8.99 29.50 18.02
CA GLY D 86 -8.26 30.34 18.97
C GLY D 86 -6.82 30.56 18.56
N ARG D 87 -5.94 30.67 19.57
CA ARG D 87 -4.51 30.93 19.36
C ARG D 87 -3.76 29.69 18.85
N PRO D 88 -2.90 29.82 17.81
CA PRO D 88 -2.14 28.63 17.34
C PRO D 88 -1.11 28.12 18.36
N GLY D 89 -0.59 29.00 19.21
CA GLY D 89 0.38 28.67 20.26
C GLY D 89 -0.21 27.81 21.35
N ALA D 90 -1.51 27.97 21.62
CA ALA D 90 -2.26 27.15 22.58
C ALA D 90 -2.43 25.76 21.99
N ALA D 91 -2.82 25.66 20.70
CA ALA D 91 -2.98 24.39 20.00
C ALA D 91 -1.65 23.66 19.87
N LEU D 92 -0.57 24.38 19.51
CA LEU D 92 0.77 23.81 19.37
C LEU D 92 1.32 23.39 20.74
N GLY D 93 1.18 24.27 21.73
CA GLY D 93 1.64 24.03 23.10
C GLY D 93 1.05 22.79 23.72
N GLU D 94 -0.27 22.59 23.58
CA GLU D 94 -1.00 21.44 24.11
C GLU D 94 -0.46 20.13 23.54
N ALA D 95 -0.29 20.07 22.21
CA ALA D 95 0.23 18.90 21.50
C ALA D 95 1.69 18.65 21.82
N VAL D 96 2.53 19.70 21.83
CA VAL D 96 3.97 19.62 22.15
C VAL D 96 4.20 19.15 23.60
N ASP D 97 3.37 19.63 24.56
CA ASP D 97 3.47 19.24 25.97
C ASP D 97 3.24 17.73 26.14
N ARG D 98 2.34 17.15 25.34
CA ARG D 98 2.03 15.72 25.30
C ARG D 98 3.26 14.90 24.83
N LEU D 99 3.98 15.39 23.79
CA LEU D 99 5.20 14.75 23.27
C LEU D 99 6.28 14.70 24.35
N LEU D 100 6.42 15.79 25.10
CA LEU D 100 7.42 15.95 26.15
C LEU D 100 7.17 15.15 27.44
N LEU D 101 5.99 14.47 27.55
CA LEU D 101 5.67 13.56 28.66
C LEU D 101 6.44 12.26 28.43
N GLU D 102 6.70 11.92 27.14
CA GLU D 102 7.40 10.72 26.67
C GLU D 102 8.92 10.93 26.47
N THR D 103 9.34 12.11 25.96
CA THR D 103 10.76 12.42 25.69
C THR D 103 11.18 13.74 26.33
N ASP D 104 12.49 13.90 26.60
CA ASP D 104 13.08 15.09 27.20
C ASP D 104 13.04 16.32 26.30
N GLN D 105 13.24 16.13 24.99
CA GLN D 105 13.28 17.22 24.02
C GLN D 105 12.43 16.99 22.77
N ALA D 106 12.00 18.09 22.14
CA ALA D 106 11.21 18.13 20.90
C ALA D 106 11.85 19.19 20.01
N PHE D 107 11.79 18.99 18.69
CA PHE D 107 12.45 19.86 17.71
C PHE D 107 11.56 20.09 16.52
N GLY D 108 11.79 21.19 15.83
CA GLY D 108 11.03 21.46 14.62
C GLY D 108 11.18 22.86 14.08
N TRP D 109 10.23 23.24 13.25
CA TRP D 109 10.20 24.55 12.64
C TRP D 109 8.80 25.13 12.77
N VAL D 110 8.77 26.46 12.83
CA VAL D 110 7.54 27.24 12.95
C VAL D 110 7.54 28.16 11.72
N ALA D 111 6.46 28.17 10.96
CA ALA D 111 6.34 28.99 9.75
C ALA D 111 6.11 30.46 10.10
N PHE D 112 6.39 31.37 9.15
CA PHE D 112 6.08 32.79 9.31
C PHE D 112 4.58 32.93 9.60
N GLU D 113 3.76 32.10 8.93
CA GLU D 113 2.30 32.08 9.02
C GLU D 113 1.72 31.84 10.41
N PHE D 114 2.52 31.26 11.32
CA PHE D 114 2.14 31.02 12.72
C PHE D 114 1.92 32.38 13.47
N GLY D 115 2.62 33.43 13.02
CA GLY D 115 2.59 34.75 13.60
C GLY D 115 1.49 35.71 13.14
N VAL D 116 0.60 35.29 12.19
CA VAL D 116 -0.47 36.14 11.65
C VAL D 116 -1.74 36.20 12.54
N HIS D 117 -1.99 35.11 13.28
CA HIS D 117 -3.17 34.92 14.12
C HIS D 117 -3.33 35.95 15.21
N ARG D 118 -2.22 36.40 15.81
CA ARG D 118 -2.27 37.41 16.88
C ARG D 118 -2.79 38.75 16.36
N TYR D 119 -2.70 38.97 15.04
CA TYR D 119 -3.14 40.18 14.37
C TYR D 119 -4.49 40.02 13.70
N GLY D 120 -5.14 38.88 13.95
CA GLY D 120 -6.43 38.52 13.39
C GLY D 120 -6.40 38.33 11.89
N LEU D 121 -5.20 38.07 11.30
CA LEU D 121 -5.05 37.91 9.85
C LEU D 121 -5.17 36.48 9.30
N GLN D 122 -5.51 35.47 10.16
CA GLN D 122 -5.69 34.04 9.80
C GLN D 122 -6.64 33.75 8.65
N GLN D 123 -7.70 34.55 8.46
CA GLN D 123 -8.65 34.32 7.34
C GLN D 123 -7.99 34.56 5.96
N ARG D 124 -6.84 35.27 5.93
CA ARG D 124 -6.08 35.59 4.72
C ARG D 124 -5.19 34.40 4.28
N LEU D 125 -5.04 33.39 5.15
CA LEU D 125 -4.27 32.18 4.85
C LEU D 125 -5.11 31.23 3.95
N ALA D 126 -4.44 30.59 2.99
CA ALA D 126 -5.05 29.58 2.12
C ALA D 126 -5.32 28.32 2.96
N PRO D 127 -6.25 27.42 2.58
CA PRO D 127 -6.45 26.21 3.41
C PRO D 127 -5.19 25.35 3.34
N HIS D 128 -4.96 24.50 4.35
CA HIS D 128 -3.79 23.61 4.44
C HIS D 128 -2.45 24.37 4.55
N THR D 129 -2.46 25.61 5.08
CA THR D 129 -1.23 26.37 5.25
C THR D 129 -0.42 25.78 6.46
N PRO D 130 0.79 25.18 6.26
CA PRO D 130 1.58 24.73 7.44
C PRO D 130 1.94 25.89 8.36
N LEU D 131 1.79 25.68 9.69
CA LEU D 131 2.13 26.68 10.71
C LEU D 131 3.33 26.22 11.50
N ALA D 132 3.40 24.91 11.81
CA ALA D 132 4.50 24.32 12.58
C ALA D 132 4.57 22.82 12.41
N ARG D 133 5.79 22.27 12.52
CA ARG D 133 6.09 20.84 12.47
C ARG D 133 7.03 20.58 13.62
N VAL D 134 6.58 19.89 14.67
CA VAL D 134 7.40 19.62 15.86
C VAL D 134 7.39 18.12 16.13
N PHE D 135 8.56 17.53 16.35
CA PHE D 135 8.66 16.10 16.57
C PHE D 135 9.50 15.74 17.77
N SER D 136 9.21 14.58 18.34
CA SER D 136 10.01 14.03 19.43
C SER D 136 10.95 13.01 18.76
N PRO D 137 12.28 13.12 18.93
CA PRO D 137 13.17 12.17 18.25
C PRO D 137 13.26 10.79 18.89
N ARG D 138 13.71 9.80 18.13
CA ARG D 138 13.90 8.43 18.62
C ARG D 138 15.25 8.33 19.35
N THR D 139 16.25 9.13 18.89
CA THR D 139 17.63 9.20 19.40
C THR D 139 18.12 10.66 19.37
N ARG D 140 19.04 11.01 20.27
CA ARG D 140 19.72 12.32 20.33
C ARG D 140 21.21 12.15 20.50
N ILE D 141 21.99 12.80 19.64
CA ILE D 141 23.45 12.81 19.69
C ILE D 141 23.85 14.26 19.85
N MET D 142 24.50 14.59 20.96
CA MET D 142 24.95 15.96 21.24
C MET D 142 26.44 16.05 21.02
N VAL D 143 26.86 16.90 20.09
CA VAL D 143 28.25 17.08 19.71
C VAL D 143 28.74 18.47 20.11
N SER D 144 29.89 18.52 20.80
CA SER D 144 30.55 19.72 21.27
C SER D 144 32.05 19.47 21.21
N GLU D 145 32.86 20.51 21.51
CA GLU D 145 34.32 20.46 21.52
C GLU D 145 34.85 19.46 22.57
N LYS D 146 34.13 19.34 23.70
CA LYS D 146 34.47 18.48 24.83
C LYS D 146 34.11 17.01 24.63
N GLU D 147 32.86 16.73 24.24
CA GLU D 147 32.38 15.35 24.11
C GLU D 147 31.22 15.16 23.12
N ILE D 148 30.84 13.88 22.97
CA ILE D 148 29.73 13.36 22.18
C ILE D 148 28.87 12.61 23.20
N ARG D 149 27.62 13.06 23.37
CA ARG D 149 26.66 12.43 24.30
C ARG D 149 25.56 11.73 23.53
N LEU D 150 25.27 10.49 23.91
CA LEU D 150 24.26 9.66 23.26
C LEU D 150 23.05 9.46 24.14
N PHE D 151 21.85 9.72 23.60
CA PHE D 151 20.59 9.57 24.31
C PHE D 151 19.70 8.62 23.51
N ASP D 152 19.28 7.51 24.14
CA ASP D 152 18.42 6.47 23.55
C ASP D 152 18.93 5.96 22.19
N ALA D 153 20.27 5.79 22.08
CA ALA D 153 20.93 5.31 20.87
C ALA D 153 20.97 3.79 20.85
N GLY D 154 20.30 3.20 19.86
CA GLY D 154 20.27 1.76 19.63
C GLY D 154 21.59 1.25 19.07
N ILE D 155 21.71 -0.09 18.95
CA ILE D 155 22.94 -0.73 18.45
C ILE D 155 23.34 -0.22 17.05
N ARG D 156 22.37 -0.07 16.14
CA ARG D 156 22.59 0.42 14.76
C ARG D 156 23.19 1.81 14.74
N HIS D 157 22.63 2.73 15.56
CA HIS D 157 23.11 4.10 15.72
C HIS D 157 24.52 4.15 16.29
N ARG D 158 24.77 3.38 17.39
CA ARG D 158 26.07 3.29 18.04
C ARG D 158 27.15 2.78 17.08
N GLU D 159 26.84 1.71 16.31
CA GLU D 159 27.73 1.12 15.30
C GLU D 159 28.05 2.09 14.17
N ALA D 160 27.06 2.91 13.76
CA ALA D 160 27.20 3.92 12.71
C ALA D 160 28.07 5.10 13.16
N ILE D 161 28.15 5.37 14.44
CA ILE D 161 29.02 6.44 14.84
C ILE D 161 30.46 6.03 15.04
N ASP D 162 30.68 4.83 15.56
CA ASP D 162 32.01 4.22 15.61
C ASP D 162 32.61 4.03 14.20
N ARG D 163 31.76 3.65 13.21
CA ARG D 163 32.15 3.47 11.79
C ARG D 163 32.66 4.81 11.20
N LEU D 164 32.09 5.95 11.65
CA LEU D 164 32.48 7.30 11.23
C LEU D 164 33.70 7.79 11.99
N LEU D 165 33.80 7.45 13.29
CA LEU D 165 34.89 7.86 14.18
C LEU D 165 36.25 7.33 13.72
N ALA D 166 36.29 6.05 13.28
CA ALA D 166 37.51 5.39 12.82
C ALA D 166 37.98 5.87 11.44
N THR D 167 37.03 6.32 10.57
CA THR D 167 37.34 6.80 9.21
C THR D 167 37.59 8.31 9.11
N GLY D 168 36.89 9.08 9.95
CA GLY D 168 36.98 10.54 9.95
C GLY D 168 35.89 11.19 9.13
N VAL D 169 36.01 12.51 8.89
CA VAL D 169 35.02 13.28 8.12
C VAL D 169 35.44 13.41 6.65
N ARG D 170 34.45 13.42 5.72
CA ARG D 170 34.72 13.59 4.30
C ARG D 170 35.29 14.97 4.03
N GLU D 171 36.09 15.10 2.97
CA GLU D 171 36.62 16.39 2.54
C GLU D 171 35.44 17.07 1.82
N VAL D 172 35.25 18.36 2.06
CA VAL D 172 34.16 19.10 1.43
C VAL D 172 34.54 19.42 -0.03
N PRO D 173 33.75 18.95 -1.02
CA PRO D 173 34.06 19.27 -2.43
C PRO D 173 33.94 20.77 -2.70
N GLN D 174 34.47 21.22 -3.85
CA GLN D 174 34.38 22.60 -4.29
C GLN D 174 32.92 22.90 -4.56
N SER D 175 32.49 24.12 -4.26
CA SER D 175 31.12 24.56 -4.46
C SER D 175 30.81 24.85 -5.94
N ARG D 176 29.52 24.94 -6.29
CA ARG D 176 29.05 25.25 -7.64
C ARG D 176 28.28 26.55 -7.57
N SER D 177 28.64 27.49 -8.42
CA SER D 177 28.07 28.83 -8.47
C SER D 177 26.62 28.90 -8.94
N VAL D 178 25.93 29.97 -8.52
CA VAL D 178 24.54 30.26 -8.87
C VAL D 178 24.40 31.76 -9.22
N ASP D 179 23.55 32.05 -10.23
CA ASP D 179 23.26 33.41 -10.65
C ASP D 179 22.07 33.96 -9.84
N VAL D 180 22.26 35.12 -9.21
CA VAL D 180 21.25 35.81 -8.39
C VAL D 180 20.80 37.15 -9.01
N SER D 181 21.37 37.51 -10.19
CA SER D 181 21.13 38.78 -10.91
C SER D 181 19.71 38.98 -11.45
N ASP D 182 19.01 37.93 -11.82
CA ASP D 182 17.70 38.06 -12.38
C ASP D 182 16.64 38.40 -11.33
N ASP D 183 15.54 38.99 -11.75
CA ASP D 183 14.45 39.39 -10.87
C ASP D 183 13.10 38.87 -11.40
N PRO D 184 12.91 37.52 -11.47
CA PRO D 184 11.64 36.99 -11.99
C PRO D 184 10.38 37.28 -11.17
N SER D 185 10.52 37.57 -9.85
CA SER D 185 9.38 37.85 -8.96
C SER D 185 9.01 39.35 -8.91
N GLY D 186 9.79 40.17 -9.60
CA GLY D 186 9.59 41.62 -9.67
C GLY D 186 9.78 42.30 -8.34
N PHE D 187 10.84 41.92 -7.59
CA PHE D 187 11.18 42.48 -6.29
C PHE D 187 11.30 44.01 -6.34
N ARG D 188 11.95 44.54 -7.39
CA ARG D 188 12.13 45.99 -7.61
C ARG D 188 10.79 46.73 -7.70
N ARG D 189 9.83 46.20 -8.48
CA ARG D 189 8.50 46.77 -8.64
C ARG D 189 7.74 46.70 -7.31
N ARG D 190 7.88 45.57 -6.58
CA ARG D 190 7.24 45.32 -5.28
C ARG D 190 7.75 46.29 -4.21
N VAL D 191 9.06 46.63 -4.25
CA VAL D 191 9.71 47.60 -3.34
C VAL D 191 9.09 48.99 -3.59
N ALA D 192 9.00 49.40 -4.87
CA ALA D 192 8.40 50.67 -5.29
C ALA D 192 6.98 50.83 -4.74
N VAL D 193 6.16 49.75 -4.78
CA VAL D 193 4.79 49.75 -4.25
C VAL D 193 4.81 49.99 -2.73
N ALA D 194 5.70 49.28 -2.00
CA ALA D 194 5.87 49.39 -0.55
C ALA D 194 6.25 50.84 -0.16
N VAL D 195 7.18 51.47 -0.93
CA VAL D 195 7.64 52.85 -0.74
C VAL D 195 6.46 53.81 -0.79
N ASP D 196 5.62 53.67 -1.82
CA ASP D 196 4.41 54.49 -2.03
C ASP D 196 3.44 54.35 -0.87
N GLU D 197 3.27 53.12 -0.35
CA GLU D 197 2.40 52.83 0.79
C GLU D 197 2.93 53.46 2.07
N ILE D 198 4.27 53.48 2.25
CA ILE D 198 4.95 54.09 3.40
C ILE D 198 4.77 55.63 3.33
N ALA D 199 4.99 56.22 2.13
CA ALA D 199 4.81 57.65 1.84
C ALA D 199 3.38 58.10 2.13
N ALA D 200 2.38 57.21 1.85
CA ALA D 200 0.96 57.47 2.11
C ALA D 200 0.58 57.20 3.60
N GLY D 201 1.59 56.86 4.41
CA GLY D 201 1.44 56.61 5.84
C GLY D 201 0.70 55.34 6.26
N ARG D 202 0.66 54.29 5.39
CA ARG D 202 0.02 53.02 5.71
C ARG D 202 0.78 52.28 6.85
N TYR D 203 2.14 52.34 6.80
CA TYR D 203 3.09 51.75 7.76
C TYR D 203 4.45 52.45 7.62
N HIS D 204 5.35 52.21 8.59
CA HIS D 204 6.70 52.80 8.63
C HIS D 204 7.73 51.93 7.91
N LYS D 205 7.71 50.60 8.16
CA LYS D 205 8.66 49.64 7.59
C LYS D 205 7.99 48.31 7.22
N VAL D 206 8.57 47.62 6.21
CA VAL D 206 8.16 46.30 5.73
C VAL D 206 9.36 45.58 5.14
N ILE D 207 9.50 44.29 5.41
CA ILE D 207 10.58 43.49 4.87
C ILE D 207 9.98 42.66 3.76
N LEU D 208 10.42 42.91 2.52
CA LEU D 208 10.00 42.17 1.33
C LEU D 208 11.17 41.31 0.90
N SER D 209 10.87 40.18 0.26
CA SER D 209 11.92 39.23 -0.15
C SER D 209 11.73 38.69 -1.55
N ARG D 210 12.70 37.91 -2.01
CA ARG D 210 12.66 37.23 -3.30
C ARG D 210 13.27 35.85 -3.19
N CYS D 211 12.67 34.89 -3.90
CA CYS D 211 13.20 33.53 -3.98
C CYS D 211 14.19 33.48 -5.12
N VAL D 212 15.23 32.67 -4.97
CA VAL D 212 16.23 32.44 -6.01
C VAL D 212 16.30 30.93 -6.17
N GLU D 213 15.86 30.43 -7.34
CA GLU D 213 15.89 29.00 -7.66
C GLU D 213 17.31 28.53 -7.89
N VAL D 214 17.70 27.42 -7.26
CA VAL D 214 19.02 26.82 -7.44
C VAL D 214 18.79 25.77 -8.55
N PRO D 215 19.41 25.95 -9.75
CA PRO D 215 19.13 25.03 -10.88
C PRO D 215 19.70 23.62 -10.78
N PHE D 216 20.32 23.28 -9.66
CA PHE D 216 20.91 21.97 -9.42
C PHE D 216 20.61 21.49 -8.00
N ALA D 217 20.63 20.17 -7.80
CA ALA D 217 20.40 19.55 -6.51
C ALA D 217 21.64 19.76 -5.64
N ILE D 218 21.46 20.18 -4.39
CA ILE D 218 22.59 20.39 -3.49
C ILE D 218 22.68 19.29 -2.44
N ASP D 219 23.89 19.09 -1.89
CA ASP D 219 24.10 18.15 -0.79
C ASP D 219 23.97 19.02 0.45
N PHE D 220 22.87 18.85 1.20
CA PHE D 220 22.57 19.65 2.38
C PHE D 220 23.60 19.54 3.51
N PRO D 221 24.01 18.33 3.99
CA PRO D 221 25.04 18.29 5.04
C PRO D 221 26.39 18.89 4.62
N LEU D 222 26.82 18.67 3.36
CA LEU D 222 28.09 19.21 2.86
C LEU D 222 28.04 20.73 2.67
N THR D 223 26.93 21.26 2.13
CA THR D 223 26.71 22.70 1.97
C THR D 223 26.67 23.33 3.37
N TYR D 224 26.01 22.65 4.35
CA TYR D 224 25.95 23.15 5.73
C TYR D 224 27.37 23.33 6.29
N ARG D 225 28.22 22.31 6.14
CA ARG D 225 29.62 22.30 6.61
C ARG D 225 30.42 23.46 5.98
N LEU D 226 30.31 23.64 4.65
CA LEU D 226 31.02 24.69 3.94
C LEU D 226 30.59 26.09 4.37
N GLY D 227 29.30 26.35 4.35
CA GLY D 227 28.75 27.64 4.77
C GLY D 227 29.01 27.97 6.22
N ARG D 228 29.08 26.95 7.11
CA ARG D 228 29.34 27.12 8.54
C ARG D 228 30.79 27.59 8.83
N ARG D 229 31.75 27.29 7.92
CA ARG D 229 33.17 27.71 8.04
C ARG D 229 33.41 29.20 7.65
N HIS D 230 32.37 29.87 7.11
CA HIS D 230 32.46 31.27 6.65
C HIS D 230 31.27 32.08 7.18
N ASN D 231 30.68 31.59 8.29
CA ASN D 231 29.53 32.19 8.96
C ASN D 231 29.66 32.02 10.44
N THR D 232 29.24 33.00 11.17
CA THR D 232 29.20 32.78 12.56
C THR D 232 27.85 33.29 13.01
N PRO D 233 26.90 32.36 13.10
CA PRO D 233 25.50 32.68 13.42
C PRO D 233 25.17 32.61 14.91
N VAL D 234 24.00 33.17 15.29
CA VAL D 234 23.49 33.10 16.65
C VAL D 234 23.15 31.60 16.93
N ARG D 235 22.55 30.94 15.92
CA ARG D 235 22.17 29.53 15.91
C ARG D 235 22.27 29.04 14.48
N SER D 236 22.31 27.72 14.28
CA SER D 236 22.33 27.14 12.94
C SER D 236 21.55 25.82 12.95
N PHE D 237 21.12 25.38 11.78
CA PHE D 237 20.37 24.14 11.68
C PHE D 237 20.61 23.46 10.34
N LEU D 238 20.34 22.15 10.33
CA LEU D 238 20.40 21.27 9.17
C LEU D 238 19.32 20.24 9.41
N LEU D 239 18.37 20.11 8.47
CA LEU D 239 17.28 19.16 8.65
C LEU D 239 16.85 18.44 7.38
N GLN D 240 16.17 17.30 7.57
CA GLN D 240 15.48 16.49 6.58
C GLN D 240 14.28 16.00 7.33
N LEU D 241 13.11 16.63 7.09
CA LEU D 241 11.90 16.30 7.83
C LEU D 241 10.66 16.45 6.98
N GLY D 242 9.86 15.37 6.89
CA GLY D 242 8.61 15.33 6.14
C GLY D 242 8.68 15.80 4.70
N GLY D 243 9.72 15.39 3.98
CA GLY D 243 9.93 15.75 2.58
C GLY D 243 10.60 17.10 2.36
N ILE D 244 11.03 17.75 3.45
CA ILE D 244 11.71 19.04 3.39
C ILE D 244 13.17 18.86 3.82
N ARG D 245 14.11 19.40 3.02
CA ARG D 245 15.52 19.51 3.38
C ARG D 245 15.75 21.01 3.58
N ALA D 246 16.42 21.41 4.67
CA ALA D 246 16.72 22.82 4.96
C ALA D 246 17.97 22.96 5.80
N LEU D 247 18.63 24.10 5.65
CA LEU D 247 19.83 24.46 6.40
C LEU D 247 19.84 25.97 6.54
N GLY D 248 20.41 26.49 7.60
CA GLY D 248 20.47 27.92 7.78
C GLY D 248 21.39 28.39 8.88
N TYR D 249 21.81 29.65 8.78
CA TYR D 249 22.69 30.33 9.73
C TYR D 249 21.89 31.49 10.30
N SER D 250 21.11 31.18 11.35
CA SER D 250 20.21 32.13 12.00
C SER D 250 20.93 33.37 12.55
N PRO D 251 20.59 34.58 12.05
CA PRO D 251 21.26 35.80 12.54
C PRO D 251 20.66 36.40 13.82
N GLU D 252 19.56 35.83 14.34
CA GLU D 252 18.88 36.39 15.50
C GLU D 252 18.12 35.35 16.32
N LEU D 253 18.12 35.56 17.65
CA LEU D 253 17.36 34.75 18.58
C LEU D 253 15.99 35.42 18.74
N VAL D 254 14.92 34.70 18.38
CA VAL D 254 13.54 35.19 18.51
C VAL D 254 13.19 35.17 20.01
N THR D 255 13.39 34.00 20.66
CA THR D 255 13.08 33.76 22.07
C THR D 255 13.91 32.61 22.61
N ALA D 256 14.30 32.75 23.89
CA ALA D 256 14.95 31.72 24.68
C ALA D 256 14.27 31.75 26.05
N VAL D 257 13.63 30.63 26.44
CA VAL D 257 12.96 30.47 27.72
C VAL D 257 13.74 29.37 28.48
N ARG D 258 14.19 29.68 29.69
CA ARG D 258 14.95 28.70 30.49
C ARG D 258 13.99 27.94 31.39
N ALA D 259 14.46 26.84 32.02
CA ALA D 259 13.66 26.06 32.98
C ALA D 259 13.24 26.90 34.20
N ASP D 260 14.08 27.86 34.63
CA ASP D 260 13.80 28.75 35.77
C ASP D 260 12.73 29.82 35.47
N GLY D 261 12.38 29.99 34.19
CA GLY D 261 11.37 30.94 33.75
C GLY D 261 11.89 32.23 33.16
N VAL D 262 13.22 32.36 33.00
CA VAL D 262 13.80 33.56 32.40
C VAL D 262 13.57 33.57 30.89
N VAL D 263 12.89 34.61 30.37
CA VAL D 263 12.59 34.81 28.95
C VAL D 263 13.54 35.88 28.41
N ILE D 264 14.24 35.54 27.32
CA ILE D 264 15.18 36.44 26.64
C ILE D 264 14.78 36.59 25.16
N THR D 265 14.99 37.80 24.63
CA THR D 265 14.82 38.15 23.21
C THR D 265 15.94 39.10 22.84
N GLU D 266 16.60 38.86 21.72
CA GLU D 266 17.73 39.72 21.33
C GLU D 266 17.60 40.36 19.93
N PRO D 267 16.78 41.43 19.79
CA PRO D 267 16.66 42.08 18.47
C PRO D 267 17.95 42.80 18.05
N LEU D 268 18.29 42.66 16.76
CA LEU D 268 19.47 43.27 16.17
C LEU D 268 19.03 44.26 15.07
N ALA D 269 19.71 45.43 14.97
CA ALA D 269 19.38 46.44 13.95
C ALA D 269 20.56 47.36 13.61
N GLY D 270 21.25 47.03 12.51
CA GLY D 270 22.38 47.81 12.00
C GLY D 270 23.65 47.02 11.76
N THR D 271 24.14 47.02 10.50
CA THR D 271 25.38 46.31 10.10
C THR D 271 26.36 47.29 9.44
N ALA D 279 37.73 44.67 6.99
CA ALA D 279 38.99 45.43 7.06
C ALA D 279 39.50 45.58 8.50
N ILE D 280 40.57 46.38 8.69
CA ILE D 280 41.17 46.71 9.99
C ILE D 280 41.22 48.25 10.13
N ASP D 281 40.28 48.92 9.41
CA ASP D 281 40.07 50.38 9.34
C ASP D 281 39.69 51.00 10.70
N ARG D 282 39.45 50.13 11.66
CA ARG D 282 39.20 50.49 13.04
C ARG D 282 37.73 50.63 13.45
N LEU D 283 37.49 51.61 14.33
CA LEU D 283 36.24 51.96 14.91
C LEU D 283 35.39 52.77 13.96
N ALA D 284 34.08 52.62 14.06
CA ALA D 284 33.17 53.29 13.16
C ALA D 284 32.42 52.26 12.32
N ARG D 285 31.50 51.55 12.95
CA ARG D 285 31.40 51.56 14.41
C ARG D 285 30.95 52.86 15.04
N ASP D 286 31.76 53.91 14.89
CA ASP D 286 31.45 55.25 15.35
C ASP D 286 30.39 55.82 14.44
N ASP D 287 30.41 55.33 13.24
CA ASP D 287 29.43 55.67 12.22
C ASP D 287 28.11 54.95 12.53
N LEU D 288 28.21 53.71 13.06
CA LEU D 288 27.07 52.87 13.43
C LEU D 288 26.35 53.40 14.69
N GLU D 289 27.14 53.74 15.73
CA GLU D 289 26.66 54.27 17.02
C GLU D 289 26.04 55.66 16.90
N SER D 290 26.37 56.42 15.84
CA SER D 290 25.86 57.77 15.62
C SER D 290 24.86 57.87 14.45
N ASN D 291 24.57 56.74 13.77
CA ASN D 291 23.62 56.70 12.65
C ASN D 291 22.18 56.90 13.12
N SER D 292 21.61 58.09 12.85
CA SER D 292 20.25 58.47 13.23
C SER D 292 19.21 57.49 12.72
N LYS D 293 19.31 57.08 11.44
CA LYS D 293 18.41 56.12 10.79
C LYS D 293 18.41 54.76 11.50
N GLU D 294 19.61 54.23 11.84
CA GLU D 294 19.76 52.93 12.51
C GLU D 294 19.30 52.96 13.97
N ILE D 295 19.54 54.07 14.65
CA ILE D 295 19.16 54.23 16.01
C ILE D 295 17.68 54.29 16.17
N VAL D 296 16.97 54.94 15.28
CA VAL D 296 15.55 54.97 15.41
C VAL D 296 14.94 53.61 15.14
N GLU D 297 15.41 52.93 14.13
CA GLU D 297 14.90 51.63 13.83
C GLU D 297 15.09 50.65 14.97
N HIS D 298 16.24 50.66 15.61
CA HIS D 298 16.56 49.80 16.74
C HIS D 298 15.71 50.13 17.98
N ALA D 299 15.55 51.44 18.30
CA ALA D 299 14.76 51.92 19.44
C ALA D 299 13.29 51.50 19.32
N ILE D 300 12.70 51.61 18.10
CA ILE D 300 11.31 51.22 17.80
C ILE D 300 11.13 49.71 18.07
N SER D 301 12.12 48.89 17.63
CA SER D 301 12.14 47.44 17.80
C SER D 301 12.27 47.03 19.25
N VAL D 302 13.19 47.69 19.99
CA VAL D 302 13.41 47.44 21.42
C VAL D 302 12.11 47.72 22.18
N ARG D 303 11.45 48.85 21.86
CA ARG D 303 10.17 49.25 22.45
C ARG D 303 9.11 48.17 22.16
N SER D 304 9.04 47.71 20.89
CA SER D 304 8.10 46.69 20.41
C SER D 304 8.30 45.37 21.15
N SER D 305 9.55 44.87 21.19
CA SER D 305 9.91 43.63 21.89
C SER D 305 9.58 43.73 23.37
N LEU D 306 9.84 44.91 24.00
CA LEU D 306 9.55 45.17 25.42
C LEU D 306 8.06 45.16 25.71
N GLU D 307 7.24 45.77 24.82
CA GLU D 307 5.77 45.78 24.96
C GLU D 307 5.19 44.37 24.88
N GLU D 308 5.73 43.53 23.96
CA GLU D 308 5.31 42.15 23.73
C GLU D 308 5.69 41.23 24.86
N ILE D 309 6.94 41.33 25.36
CA ILE D 309 7.43 40.51 26.47
C ILE D 309 6.65 40.79 27.77
N THR D 310 6.16 42.04 27.94
CA THR D 310 5.39 42.53 29.09
C THR D 310 4.05 41.82 29.24
N ASP D 311 3.41 41.48 28.11
CA ASP D 311 2.11 40.78 28.08
C ASP D 311 2.17 39.37 28.66
N ILE D 312 3.36 38.73 28.64
CA ILE D 312 3.58 37.36 29.13
C ILE D 312 4.42 37.28 30.42
N ALA D 313 5.03 38.40 30.82
CA ALA D 313 5.92 38.48 31.98
C ALA D 313 5.26 38.81 33.30
N GLU D 314 5.92 38.38 34.40
CA GLU D 314 5.56 38.69 35.79
C GLU D 314 5.66 40.21 35.91
N PRO D 315 4.67 40.90 36.55
CA PRO D 315 4.76 42.37 36.64
C PRO D 315 6.09 42.89 37.17
N GLY D 316 6.66 43.86 36.46
CA GLY D 316 7.93 44.50 36.81
C GLY D 316 9.20 43.76 36.45
N SER D 317 9.09 42.52 35.92
CA SER D 317 10.27 41.72 35.54
C SER D 317 10.88 42.12 34.20
N ALA D 318 10.11 42.80 33.32
CA ALA D 318 10.55 43.25 31.99
C ALA D 318 11.62 44.37 32.03
N ALA D 319 12.83 44.05 31.52
CA ALA D 319 13.96 44.97 31.49
C ALA D 319 14.85 44.81 30.26
N VAL D 320 15.44 45.93 29.79
CA VAL D 320 16.40 45.97 28.68
C VAL D 320 17.76 45.92 29.37
N ILE D 321 18.49 44.82 29.19
CA ILE D 321 19.78 44.59 29.83
C ILE D 321 20.95 45.37 29.21
N ASP D 322 21.33 45.07 27.97
CA ASP D 322 22.43 45.80 27.32
C ASP D 322 21.90 46.57 26.13
N PHE D 323 21.34 47.75 26.41
CA PHE D 323 20.70 48.59 25.41
C PHE D 323 21.63 49.19 24.39
N MET D 324 21.26 49.05 23.10
CA MET D 324 21.92 49.60 21.92
C MET D 324 23.46 49.50 21.97
N THR D 325 23.96 48.30 22.30
CA THR D 325 25.39 48.05 22.36
C THR D 325 25.85 47.43 21.05
N VAL D 326 27.11 47.67 20.67
CA VAL D 326 27.73 47.12 19.47
C VAL D 326 28.25 45.72 19.82
N ARG D 327 27.69 44.71 19.15
CA ARG D 327 28.03 43.31 19.35
C ARG D 327 28.62 42.69 18.08
N GLU D 328 29.57 41.75 18.25
CA GLU D 328 30.26 41.10 17.13
C GLU D 328 30.34 39.58 17.23
N GLN D 333 30.21 43.97 12.46
CA GLN D 333 29.60 44.32 13.74
C GLN D 333 28.12 44.68 13.60
N HIS D 334 27.34 44.38 14.67
CA HIS D 334 25.91 44.62 14.77
C HIS D 334 25.51 45.40 16.02
N LEU D 335 24.48 46.22 15.91
CA LEU D 335 23.89 46.88 17.05
C LEU D 335 22.75 46.03 17.60
N GLY D 336 22.75 45.81 18.90
CA GLY D 336 21.73 44.99 19.53
C GLY D 336 21.41 45.31 20.97
N SER D 337 20.26 44.78 21.43
CA SER D 337 19.76 44.89 22.80
C SER D 337 19.23 43.53 23.29
N THR D 338 19.32 43.30 24.61
CA THR D 338 18.82 42.09 25.26
C THR D 338 17.64 42.47 26.15
N ILE D 339 16.42 42.03 25.79
CA ILE D 339 15.20 42.26 26.55
C ILE D 339 14.94 40.99 27.36
N ARG D 340 15.01 41.12 28.69
CA ARG D 340 14.86 40.05 29.66
C ARG D 340 13.58 40.26 30.45
N ALA D 341 13.00 39.16 30.96
CA ALA D 341 11.78 39.14 31.77
C ALA D 341 11.69 37.79 32.48
N ARG D 342 10.65 37.61 33.31
CA ARG D 342 10.40 36.35 33.99
C ARG D 342 9.02 35.90 33.61
N LEU D 343 8.91 34.67 33.11
CA LEU D 343 7.65 34.11 32.63
C LEU D 343 6.63 34.00 33.75
N ASP D 344 5.50 34.69 33.58
CA ASP D 344 4.40 34.70 34.52
C ASP D 344 3.83 33.28 34.71
N PRO D 345 3.45 32.88 35.95
CA PRO D 345 2.90 31.52 36.15
C PRO D 345 1.65 31.19 35.32
N SER D 346 0.85 32.23 34.96
CA SER D 346 -0.35 32.10 34.14
C SER D 346 -0.01 31.99 32.62
N SER D 347 1.28 32.24 32.26
CA SER D 347 1.79 32.20 30.89
C SER D 347 2.71 31.00 30.57
N ASP D 348 2.80 30.58 29.33
CA ASP D 348 3.76 29.54 29.02
C ASP D 348 4.68 29.89 27.87
N ARG D 349 5.66 29.05 27.65
CA ARG D 349 6.64 29.19 26.55
C ARG D 349 6.11 29.44 25.12
N MET D 350 4.98 28.86 24.78
CA MET D 350 4.46 29.09 23.45
C MET D 350 3.84 30.44 23.34
N ALA D 351 3.14 30.88 24.37
CA ALA D 351 2.50 32.20 24.45
C ALA D 351 3.60 33.26 24.36
N ALA D 352 4.82 32.94 24.86
CA ALA D 352 6.00 33.79 24.79
C ALA D 352 6.50 33.88 23.35
N LEU D 353 6.55 32.72 22.65
CA LEU D 353 6.95 32.65 21.25
C LEU D 353 5.95 33.40 20.39
N GLU D 354 4.65 33.14 20.59
CA GLU D 354 3.55 33.79 19.89
C GLU D 354 3.56 35.31 20.09
N ALA D 355 3.83 35.77 21.33
CA ALA D 355 3.91 37.20 21.69
C ALA D 355 5.06 37.89 20.94
N LEU D 356 6.13 37.16 20.70
CA LEU D 356 7.27 37.69 20.02
C LEU D 356 7.39 37.39 18.53
N PHE D 357 6.40 36.73 17.96
CA PHE D 357 6.41 36.31 16.57
C PHE D 357 5.46 37.10 15.68
N PRO D 358 5.83 37.40 14.46
CA PRO D 358 7.12 37.12 13.91
C PRO D 358 8.06 38.21 14.27
N ALA D 359 9.35 37.98 14.13
CA ALA D 359 10.33 39.00 14.50
C ALA D 359 10.16 40.27 13.66
N VAL D 360 10.37 41.46 14.27
CA VAL D 360 10.31 42.76 13.58
C VAL D 360 11.32 42.75 12.41
N THR D 361 12.51 42.15 12.65
CA THR D 361 13.62 42.00 11.69
C THR D 361 13.17 41.47 10.31
N ALA D 362 12.13 40.62 10.26
CA ALA D 362 11.68 40.11 8.97
C ALA D 362 10.18 40.34 8.69
N SER D 363 9.54 41.25 9.47
CA SER D 363 8.15 41.63 9.24
C SER D 363 8.05 43.10 8.90
N GLY D 364 7.92 43.95 9.91
CA GLY D 364 7.80 45.39 9.72
C GLY D 364 7.29 46.14 10.93
N ILE D 365 7.08 47.45 10.74
CA ILE D 365 6.61 48.39 11.77
C ILE D 365 5.51 49.33 11.22
N PRO D 366 4.31 49.38 11.85
CA PRO D 366 3.82 48.49 12.93
C PRO D 366 3.66 47.05 12.41
N LYS D 367 3.95 46.05 13.28
CA LYS D 367 3.89 44.61 12.96
C LYS D 367 2.62 44.19 12.22
N ALA D 368 1.43 44.60 12.70
CA ALA D 368 0.14 44.27 12.09
C ALA D 368 0.05 44.71 10.62
N ALA D 369 0.43 45.97 10.32
CA ALA D 369 0.41 46.53 8.97
C ALA D 369 1.53 45.99 8.08
N GLY D 370 2.67 45.67 8.69
CA GLY D 370 3.81 45.08 8.01
C GLY D 370 3.51 43.67 7.54
N VAL D 371 2.90 42.85 8.43
CA VAL D 371 2.49 41.47 8.15
C VAL D 371 1.43 41.46 7.03
N GLU D 372 0.43 42.35 7.12
CA GLU D 372 -0.64 42.49 6.12
C GLU D 372 -0.05 42.84 4.76
N ALA D 373 0.96 43.76 4.73
CA ALA D 373 1.62 44.18 3.50
C ALA D 373 2.36 43.01 2.85
N ILE D 374 2.97 42.12 3.67
CA ILE D 374 3.69 40.91 3.23
C ILE D 374 2.75 39.96 2.46
N PHE D 375 1.48 39.82 2.93
CA PHE D 375 0.46 39.01 2.27
C PHE D 375 0.22 39.47 0.83
N ARG D 376 0.27 40.81 0.61
CA ARG D 376 -0.01 41.45 -0.67
C ARG D 376 1.21 41.66 -1.55
N LEU D 377 2.36 41.99 -0.95
CA LEU D 377 3.57 42.34 -1.70
C LEU D 377 4.69 41.32 -1.70
N ASP D 378 4.51 40.16 -1.04
CA ASP D 378 5.54 39.13 -1.01
C ASP D 378 4.97 37.80 -1.50
N GLU D 379 5.84 36.86 -1.92
CA GLU D 379 5.38 35.52 -2.36
C GLU D 379 4.98 34.78 -1.09
N CYS D 380 3.69 34.47 -0.99
CA CYS D 380 3.10 33.82 0.18
C CYS D 380 2.50 32.44 -0.16
N PRO D 381 2.54 31.45 0.77
CA PRO D 381 3.09 31.50 2.12
C PRO D 381 4.62 31.49 2.13
N ARG D 382 5.23 32.15 3.13
CA ARG D 382 6.68 32.22 3.28
C ARG D 382 7.25 30.88 3.77
N GLY D 383 6.49 30.17 4.60
CA GLY D 383 6.87 28.89 5.17
C GLY D 383 7.97 29.03 6.20
N LEU D 384 9.06 28.27 6.03
CA LEU D 384 10.21 28.30 6.93
C LEU D 384 10.87 29.68 6.97
N TYR D 385 10.96 30.39 5.80
CA TYR D 385 11.58 31.73 5.70
C TYR D 385 10.93 32.75 6.60
N SER D 386 11.75 33.40 7.46
CA SER D 386 11.38 34.44 8.45
C SER D 386 10.54 33.86 9.60
N GLY D 387 10.46 32.53 9.65
CA GLY D 387 9.83 31.80 10.73
C GLY D 387 10.92 31.46 11.73
N ALA D 388 10.81 30.33 12.40
CA ALA D 388 11.83 29.93 13.37
C ALA D 388 12.09 28.44 13.37
N VAL D 389 13.28 28.07 13.82
CA VAL D 389 13.65 26.67 14.04
C VAL D 389 13.72 26.58 15.57
N VAL D 390 13.03 25.59 16.15
CA VAL D 390 12.88 25.45 17.59
C VAL D 390 13.40 24.17 18.23
N MET D 391 13.87 24.30 19.48
CA MET D 391 14.29 23.21 20.35
C MET D 391 13.54 23.43 21.67
N LEU D 392 12.76 22.42 22.11
CA LEU D 392 11.98 22.52 23.33
C LEU D 392 12.38 21.44 24.31
N SER D 393 12.21 21.68 25.61
CA SER D 393 12.59 20.72 26.66
C SER D 393 11.44 20.49 27.62
N ALA D 394 11.37 19.26 28.17
CA ALA D 394 10.33 18.85 29.14
C ALA D 394 10.31 19.75 30.39
N ASP D 395 11.48 20.31 30.77
CA ASP D 395 11.68 21.24 31.89
C ASP D 395 11.15 22.68 31.64
N GLY D 396 10.45 22.87 30.51
CA GLY D 396 9.87 24.16 30.12
C GLY D 396 10.76 25.02 29.22
N GLY D 397 11.93 24.51 28.86
CA GLY D 397 12.86 25.19 27.98
C GLY D 397 12.36 25.37 26.56
N LEU D 398 12.84 26.44 25.89
CA LEU D 398 12.54 26.80 24.51
C LEU D 398 13.65 27.66 23.95
N ASP D 399 14.12 27.31 22.75
CA ASP D 399 15.11 28.09 22.03
C ASP D 399 14.60 28.19 20.61
N ALA D 400 14.30 29.42 20.17
CA ALA D 400 13.76 29.73 18.85
C ALA D 400 14.68 30.70 18.11
N ALA D 401 15.28 30.20 17.03
CA ALA D 401 16.18 30.96 16.15
C ALA D 401 15.42 31.46 14.93
N LEU D 402 15.63 32.75 14.55
CA LEU D 402 15.00 33.35 13.37
C LEU D 402 15.55 32.73 12.07
N THR D 403 14.67 32.20 11.21
CA THR D 403 15.08 31.56 9.95
C THR D 403 15.31 32.55 8.82
N LEU D 404 16.57 32.91 8.62
CA LEU D 404 17.08 33.76 7.54
C LEU D 404 18.42 33.16 7.20
N ARG D 405 18.93 33.45 5.97
CA ARG D 405 20.23 32.93 5.48
C ARG D 405 20.17 31.39 5.44
N ALA D 406 19.06 30.90 4.85
CA ALA D 406 18.72 29.49 4.76
C ALA D 406 18.47 29.04 3.33
N ALA D 407 18.71 27.76 3.06
CA ALA D 407 18.49 27.07 1.78
C ALA D 407 17.38 26.04 2.04
N TYR D 408 16.52 25.81 1.04
CA TYR D 408 15.40 24.88 1.14
C TYR D 408 15.32 23.98 -0.05
N GLN D 409 14.83 22.74 0.16
CA GLN D 409 14.53 21.77 -0.89
C GLN D 409 13.20 21.08 -0.58
N VAL D 410 12.19 21.34 -1.40
CA VAL D 410 10.83 20.77 -1.26
C VAL D 410 10.34 20.42 -2.65
N GLY D 411 9.90 19.18 -2.81
CA GLY D 411 9.33 18.63 -4.04
C GLY D 411 10.00 18.94 -5.37
N GLY D 412 11.29 18.58 -5.47
CA GLY D 412 12.11 18.77 -6.68
C GLY D 412 12.68 20.17 -6.85
N ARG D 413 12.20 21.13 -6.05
CA ARG D 413 12.61 22.53 -6.08
C ARG D 413 13.61 22.87 -4.95
N THR D 414 14.75 23.46 -5.32
CA THR D 414 15.79 23.94 -4.41
C THR D 414 15.83 25.46 -4.54
N TRP D 415 15.78 26.15 -3.41
CA TRP D 415 15.80 27.61 -3.46
C TRP D 415 16.40 28.29 -2.25
N LEU D 416 16.79 29.53 -2.47
CA LEU D 416 17.33 30.44 -1.48
C LEU D 416 16.32 31.56 -1.39
N ARG D 417 16.30 32.27 -0.25
CA ARG D 417 15.37 33.37 -0.07
C ARG D 417 15.98 34.47 0.78
N ALA D 418 15.98 35.71 0.25
CA ALA D 418 16.56 36.86 0.95
C ALA D 418 15.75 38.12 0.75
N GLY D 419 15.65 38.87 1.83
CA GLY D 419 14.87 40.10 1.87
C GLY D 419 15.61 41.31 2.39
N ALA D 420 14.90 42.44 2.47
CA ALA D 420 15.44 43.71 2.93
C ALA D 420 14.36 44.60 3.52
N GLY D 421 14.73 45.37 4.54
CA GLY D 421 13.85 46.34 5.19
C GLY D 421 13.57 47.52 4.27
N ILE D 422 12.29 47.81 4.01
CA ILE D 422 11.86 48.90 3.15
C ILE D 422 11.29 50.03 4.00
N ILE D 423 11.85 51.23 3.84
CA ILE D 423 11.44 52.48 4.51
C ILE D 423 11.16 53.54 3.45
N GLU D 424 10.62 54.73 3.83
CA GLU D 424 10.28 55.82 2.89
C GLU D 424 11.42 56.16 1.93
N GLU D 425 12.65 56.25 2.46
CA GLU D 425 13.88 56.59 1.76
C GLU D 425 14.43 55.49 0.83
N SER D 426 13.90 54.23 0.93
CA SER D 426 14.39 53.08 0.17
C SER D 426 14.31 53.21 -1.35
N GLU D 427 15.35 52.71 -2.04
CA GLU D 427 15.47 52.71 -3.50
C GLU D 427 15.44 51.25 -4.02
N PRO D 428 14.55 50.89 -4.98
CA PRO D 428 14.48 49.50 -5.45
C PRO D 428 15.78 48.81 -5.87
N GLU D 429 16.65 49.53 -6.61
CA GLU D 429 17.94 49.01 -7.06
C GLU D 429 18.90 48.75 -5.89
N ARG D 430 18.86 49.62 -4.88
CA ARG D 430 19.70 49.49 -3.68
C ARG D 430 19.24 48.29 -2.85
N GLU D 431 17.91 48.12 -2.72
CA GLU D 431 17.29 47.02 -1.97
C GLU D 431 17.59 45.67 -2.62
N PHE D 432 17.66 45.63 -3.96
CA PHE D 432 17.99 44.42 -4.72
C PHE D 432 19.42 43.99 -4.42
N GLU D 433 20.38 44.96 -4.40
CA GLU D 433 21.78 44.72 -4.11
C GLU D 433 21.93 44.19 -2.69
N GLU D 434 21.10 44.70 -1.76
CA GLU D 434 21.08 44.26 -0.36
C GLU D 434 20.69 42.76 -0.26
N THR D 435 19.69 42.31 -1.05
CA THR D 435 19.29 40.88 -1.08
C THR D 435 20.45 40.03 -1.62
N CYS D 436 21.20 40.54 -2.62
CA CYS D 436 22.38 39.87 -3.21
C CYS D 436 23.47 39.69 -2.15
N GLU D 437 23.63 40.68 -1.26
CA GLU D 437 24.62 40.64 -0.19
C GLU D 437 24.24 39.58 0.83
N LYS D 438 22.94 39.53 1.19
CA LYS D 438 22.39 38.55 2.13
C LYS D 438 22.43 37.15 1.56
N LEU D 439 22.25 37.02 0.23
CA LEU D 439 22.37 35.74 -0.47
C LEU D 439 23.82 35.22 -0.48
N SER D 440 24.82 36.14 -0.52
CA SER D 440 26.28 35.87 -0.51
C SER D 440 26.75 35.07 0.70
N THR D 441 25.88 34.93 1.70
CA THR D 441 26.10 34.14 2.92
C THR D 441 26.04 32.64 2.54
N LEU D 442 25.32 32.31 1.45
CA LEU D 442 25.13 30.95 0.97
C LEU D 442 25.65 30.71 -0.44
N THR D 443 25.43 31.65 -1.37
CA THR D 443 25.80 31.54 -2.78
C THR D 443 27.22 31.01 -3.10
N PRO D 444 28.31 31.37 -2.37
CA PRO D 444 29.62 30.79 -2.69
C PRO D 444 29.86 29.41 -2.09
N TYR D 445 28.90 28.88 -1.29
CA TYR D 445 29.07 27.62 -0.55
C TYR D 445 28.14 26.46 -0.89
N LEU D 446 27.50 26.51 -2.07
CA LEU D 446 26.58 25.45 -2.52
C LEU D 446 27.30 24.25 -3.11
N VAL D 447 27.32 23.14 -2.36
CA VAL D 447 27.93 21.88 -2.80
C VAL D 447 26.83 21.07 -3.52
N ALA D 448 27.04 20.78 -4.82
CA ALA D 448 26.11 20.01 -5.64
C ALA D 448 26.02 18.54 -5.18
N ARG D 449 24.81 17.94 -5.37
CA ARG D 449 24.36 16.55 -5.14
C ARG D 449 23.36 16.33 -4.02
CAA RVD E . -21.39 -8.16 -18.18
OAB RVD E . -18.46 -10.34 -14.27
OAC RVD E . -20.79 -6.77 -10.23
OAD RVD E . -19.10 -11.88 -15.62
OAE RVD E . -21.95 -8.10 -9.05
OAF RVD E . -20.36 -7.43 -12.67
CAG RVD E . -21.01 -9.90 -16.59
CAH RVD E . -22.84 -10.61 -12.26
CAI RVD E . -22.24 -10.35 -13.47
CAJ RVD E . -22.60 -9.77 -11.19
CAK RVD E . -21.79 -8.79 -16.89
OAL RVD E . -20.81 -8.97 -14.65
CAM RVD E . -19.25 -10.81 -15.08
CAN RVD E . -21.50 -7.76 -10.11
CAO RVD E . -20.52 -10.00 -15.39
CAP RVD E . -21.17 -8.45 -12.49
CAQ RVD E . -21.40 -9.28 -13.55
CAR RVD E . -21.78 -8.67 -11.29
CAA RVD F . 13.96 -5.05 -31.55
OAB RVD F . 14.19 -1.31 -35.66
OAC RVD F . 15.34 3.17 -31.11
OAD RVD F . 15.41 -3.07 -35.92
OAE RVD F . 17.38 3.66 -31.73
OAF RVD F . 14.44 0.92 -31.70
CAG RVD F . 14.88 -3.70 -33.23
CAH RVD F . 17.95 0.08 -33.61
CAI RVD F . 16.93 -0.85 -33.55
CAJ RVD F . 17.77 1.30 -33.00
CAK RVD F . 14.99 -4.01 -31.90
OAL RVD F . 14.74 -1.42 -32.83
CAM RVD F . 14.79 -2.27 -35.21
CAN RVD F . 16.41 2.92 -31.68
CAO RVD F . 14.78 -2.45 -33.68
CAP RVD F . 15.58 0.66 -32.32
CAQ RVD F . 15.75 -0.56 -32.91
CAR RVD F . 16.59 1.59 -32.35
CAA RVD G . 2.08 -38.18 20.80
OAB RVD G . 4.24 -41.67 23.11
OAC RVD G . 2.12 -36.45 28.92
OAD RVD G . 5.79 -40.52 24.08
OAE RVD G . 3.58 -35.44 27.73
OAF RVD G . 4.27 -36.35 25.54
CAG RVD G . 3.99 -39.20 21.63
CAH RVD G . 1.85 -39.55 26.13
CAI RVD G . 2.61 -39.43 24.99
CAJ RVD G . 1.92 -38.56 27.07
CAK RVD G . 3.56 -38.04 21.03
OAL RVD G . 4.15 -38.21 23.71
CAM RVD G . 4.78 -40.61 23.42
CAN RVD G . 2.83 -36.38 27.93
CAO RVD G . 4.23 -39.30 22.92
CAP RVD G . 3.49 -37.38 25.74
CAQ RVD G . 3.43 -38.35 24.80
CAR RVD G . 2.74 -37.48 26.89
CAA RVD H . 20.05 40.11 12.44
OAB RVD H . 18.90 43.79 9.37
OAC RVD H . 16.46 37.97 4.32
OAD RVD H . 20.35 43.22 7.84
OAE RVD H . 18.33 37.23 5.01
OAF RVD H . 19.65 38.54 6.62
CAG RVD H . 19.40 41.44 10.61
CAH RVD H . 16.45 40.97 7.22
CAI RVD H . 17.58 41.15 7.98
CAJ RVD H . 16.43 39.96 6.28
CAK RVD H . 19.32 40.18 11.12
OAL RVD H . 19.75 40.53 8.52
CAM RVD H . 19.64 42.98 8.80
CAN RVD H . 17.44 38.04 5.04
CAO RVD H . 19.61 41.59 9.33
CAP RVD H . 18.62 39.33 6.81
CAQ RVD H . 18.67 40.34 7.77
CAR RVD H . 17.50 39.14 6.06
#